data_1WEV
#
_entry.id   1WEV
#
loop_
_entity.id
_entity.type
_entity.pdbx_description
1 polymer 'RIKEN cDNA 1110020M19'
2 non-polymer 'ZINC ION'
#
_entity_poly.entity_id   1
_entity_poly.type   'polypeptide(L)'
_entity_poly.pdbx_seq_one_letter_code
;GSSGSSGADDFAMEMGLACVVCRQMTVASGNQLVECQECHNLYHQDCHKPQVTDKEVNDPRLVWYCARCTRQMKRMAQKN
QKSGPSSG
;
_entity_poly.pdbx_strand_id   A
#
# COMPACT_ATOMS: atom_id res chain seq x y z
N GLY A 1 18.79 16.19 -31.88
CA GLY A 1 18.75 16.13 -30.43
C GLY A 1 17.93 14.95 -29.92
N SER A 2 18.58 14.08 -29.15
CA SER A 2 17.90 12.90 -28.61
C SER A 2 18.82 12.14 -27.67
N SER A 3 18.53 12.21 -26.37
CA SER A 3 19.33 11.54 -25.36
C SER A 3 18.61 10.28 -24.85
N GLY A 4 19.34 9.17 -24.83
CA GLY A 4 18.77 7.92 -24.37
C GLY A 4 19.79 7.00 -23.74
N SER A 5 19.39 6.31 -22.67
CA SER A 5 20.30 5.39 -21.97
C SER A 5 19.82 3.96 -22.10
N SER A 6 20.75 3.01 -21.98
CA SER A 6 20.42 1.60 -22.08
C SER A 6 21.12 0.79 -20.99
N GLY A 7 20.34 0.02 -20.23
CA GLY A 7 20.90 -0.78 -19.16
C GLY A 7 20.67 -0.18 -17.80
N ALA A 8 20.30 -1.02 -16.83
CA ALA A 8 20.05 -0.57 -15.48
C ALA A 8 20.93 -1.30 -14.48
N ASP A 9 21.08 -0.72 -13.29
CA ASP A 9 21.90 -1.32 -12.24
C ASP A 9 21.03 -2.09 -11.25
N ASP A 10 21.68 -2.76 -10.30
CA ASP A 10 20.97 -3.54 -9.29
C ASP A 10 21.20 -2.96 -7.90
N PHE A 11 20.09 -2.63 -7.22
CA PHE A 11 20.17 -2.05 -5.88
C PHE A 11 18.85 -2.24 -5.15
N ALA A 12 18.87 -2.01 -3.83
CA ALA A 12 17.69 -2.15 -3.01
C ALA A 12 16.45 -1.61 -3.73
N MET A 13 16.57 -0.40 -4.26
CA MET A 13 15.47 0.23 -4.98
C MET A 13 14.90 -0.71 -6.04
N GLU A 14 15.79 -1.42 -6.72
CA GLU A 14 15.37 -2.35 -7.77
C GLU A 14 14.38 -3.38 -7.22
N MET A 15 14.77 -4.05 -6.14
CA MET A 15 13.92 -5.05 -5.52
C MET A 15 12.45 -4.64 -5.59
N GLY A 16 12.17 -3.40 -5.24
CA GLY A 16 10.80 -2.91 -5.26
C GLY A 16 9.98 -3.43 -4.12
N LEU A 17 10.58 -3.53 -2.94
CA LEU A 17 9.90 -4.02 -1.76
C LEU A 17 9.71 -2.91 -0.73
N ALA A 18 9.80 -1.67 -1.19
CA ALA A 18 9.64 -0.51 -0.31
C ALA A 18 8.25 0.10 -0.46
N CYS A 19 7.76 0.70 0.62
CA CYS A 19 6.43 1.32 0.61
C CYS A 19 6.39 2.48 -0.39
N VAL A 20 5.23 3.13 -0.47
CA VAL A 20 5.05 4.26 -1.38
C VAL A 20 5.08 5.58 -0.63
N VAL A 21 4.90 5.51 0.68
CA VAL A 21 4.90 6.71 1.52
C VAL A 21 6.29 7.31 1.61
N CYS A 22 7.15 6.68 2.41
CA CYS A 22 8.52 7.15 2.59
C CYS A 22 9.46 6.48 1.59
N ARG A 23 8.96 5.44 0.92
CA ARG A 23 9.76 4.72 -0.06
C ARG A 23 10.98 4.07 0.60
N GLN A 24 10.74 3.28 1.63
CA GLN A 24 11.81 2.60 2.35
C GLN A 24 11.49 1.13 2.55
N MET A 25 12.45 0.39 3.10
CA MET A 25 12.26 -1.04 3.35
C MET A 25 12.36 -1.34 4.84
N THR A 26 12.83 -0.37 5.62
CA THR A 26 12.97 -0.54 7.05
C THR A 26 11.68 -1.05 7.68
N VAL A 27 11.76 -2.19 8.36
CA VAL A 27 10.61 -2.79 9.00
C VAL A 27 10.96 -3.32 10.39
N ALA A 28 9.93 -3.62 11.18
CA ALA A 28 10.13 -4.13 12.54
C ALA A 28 8.80 -4.51 13.18
N SER A 29 8.88 -5.20 14.31
CA SER A 29 7.69 -5.64 15.02
C SER A 29 6.65 -4.52 15.07
N GLY A 30 5.65 -4.62 14.19
CA GLY A 30 4.60 -3.61 14.15
C GLY A 30 4.75 -2.69 12.96
N ASN A 31 5.98 -2.29 12.67
CA ASN A 31 6.25 -1.38 11.56
C ASN A 31 6.61 -2.17 10.30
N GLN A 32 5.85 -3.22 10.03
CA GLN A 32 6.09 -4.06 8.85
C GLN A 32 5.54 -3.40 7.60
N LEU A 33 5.60 -4.11 6.48
CA LEU A 33 5.11 -3.60 5.21
C LEU A 33 3.83 -4.33 4.79
N VAL A 34 3.04 -3.66 3.94
CA VAL A 34 1.79 -4.25 3.47
C VAL A 34 1.60 -3.99 1.97
N GLU A 35 0.88 -4.88 1.31
CA GLU A 35 0.63 -4.75 -0.12
C GLU A 35 -0.86 -4.69 -0.41
N CYS A 36 -1.29 -3.65 -1.12
CA CYS A 36 -2.70 -3.48 -1.46
C CYS A 36 -3.13 -4.51 -2.50
N GLN A 37 -4.45 -4.70 -2.61
CA GLN A 37 -5.00 -5.65 -3.57
C GLN A 37 -5.46 -4.95 -4.84
N GLU A 38 -5.83 -3.67 -4.70
CA GLU A 38 -6.29 -2.89 -5.84
C GLU A 38 -5.13 -2.21 -6.55
N CYS A 39 -4.54 -1.22 -5.89
CA CYS A 39 -3.41 -0.48 -6.45
C CYS A 39 -2.15 -1.33 -6.43
N HIS A 40 -2.11 -2.31 -5.55
CA HIS A 40 -0.96 -3.20 -5.43
C HIS A 40 0.29 -2.42 -5.01
N ASN A 41 0.08 -1.40 -4.18
CA ASN A 41 1.19 -0.56 -3.71
C ASN A 41 1.61 -0.97 -2.31
N LEU A 42 2.88 -0.76 -1.99
CA LEU A 42 3.40 -1.10 -0.67
C LEU A 42 3.16 0.03 0.32
N TYR A 43 2.60 -0.31 1.48
CA TYR A 43 2.32 0.68 2.51
C TYR A 43 2.77 0.18 3.89
N HIS A 44 3.76 0.85 4.45
CA HIS A 44 4.28 0.49 5.76
C HIS A 44 3.20 0.55 6.83
N GLN A 45 2.99 -0.55 7.52
CA GLN A 45 1.97 -0.62 8.58
C GLN A 45 1.87 0.71 9.31
N ASP A 46 2.98 1.43 9.39
CA ASP A 46 3.02 2.71 10.07
C ASP A 46 2.70 3.86 9.10
N CYS A 47 3.58 4.05 8.12
CA CYS A 47 3.40 5.10 7.12
C CYS A 47 1.92 5.27 6.78
N HIS A 48 1.21 4.15 6.68
CA HIS A 48 -0.21 4.17 6.36
C HIS A 48 -1.00 4.89 7.44
N LYS A 49 -2.16 5.43 7.07
CA LYS A 49 -3.02 6.14 8.00
C LYS A 49 -3.45 5.23 9.15
N PRO A 50 -4.30 4.24 8.82
CA PRO A 50 -4.81 3.28 9.81
C PRO A 50 -3.72 2.32 10.31
N GLN A 51 -3.29 2.52 11.54
CA GLN A 51 -2.26 1.68 12.14
C GLN A 51 -2.54 0.20 11.89
N VAL A 52 -1.84 -0.37 10.91
CA VAL A 52 -2.03 -1.77 10.57
C VAL A 52 -1.39 -2.68 11.62
N THR A 53 -2.12 -3.71 12.02
CA THR A 53 -1.64 -4.66 13.02
C THR A 53 -0.89 -5.81 12.37
N ASP A 54 -0.04 -6.48 13.15
CA ASP A 54 0.73 -7.60 12.65
C ASP A 54 -0.18 -8.76 12.23
N LYS A 55 -1.27 -8.93 12.97
CA LYS A 55 -2.23 -9.99 12.67
C LYS A 55 -2.90 -9.76 11.33
N GLU A 56 -3.22 -8.51 11.03
CA GLU A 56 -3.85 -8.17 9.77
C GLU A 56 -2.99 -8.58 8.58
N VAL A 57 -1.74 -8.13 8.58
CA VAL A 57 -0.82 -8.46 7.51
C VAL A 57 -0.66 -9.96 7.35
N ASN A 58 -0.66 -10.67 8.48
CA ASN A 58 -0.52 -12.12 8.46
C ASN A 58 -1.73 -12.78 7.79
N ASP A 59 -2.92 -12.35 8.18
CA ASP A 59 -4.15 -12.89 7.61
C ASP A 59 -4.02 -13.07 6.10
N PRO A 60 -3.80 -14.33 5.67
CA PRO A 60 -3.66 -14.66 4.25
C PRO A 60 -4.96 -14.51 3.48
N ARG A 61 -6.07 -14.69 4.18
CA ARG A 61 -7.39 -14.59 3.56
C ARG A 61 -8.02 -13.22 3.85
N LEU A 62 -7.17 -12.23 4.10
CA LEU A 62 -7.65 -10.88 4.39
C LEU A 62 -7.40 -9.95 3.21
N VAL A 63 -8.39 -9.12 2.90
CA VAL A 63 -8.28 -8.18 1.79
C VAL A 63 -7.92 -6.78 2.29
N TRP A 64 -6.65 -6.42 2.14
CA TRP A 64 -6.17 -5.12 2.57
C TRP A 64 -6.31 -4.09 1.45
N TYR A 65 -6.84 -2.92 1.80
CA TYR A 65 -7.04 -1.85 0.82
C TYR A 65 -6.57 -0.51 1.38
N CYS A 66 -5.56 0.07 0.74
CA CYS A 66 -5.02 1.35 1.17
C CYS A 66 -6.06 2.46 1.01
N ALA A 67 -6.05 3.41 1.94
CA ALA A 67 -6.98 4.53 1.90
C ALA A 67 -7.19 5.02 0.47
N ARG A 68 -6.10 5.38 -0.19
CA ARG A 68 -6.16 5.87 -1.56
C ARG A 68 -7.26 5.15 -2.34
N CYS A 69 -7.41 3.86 -2.10
CA CYS A 69 -8.41 3.06 -2.78
C CYS A 69 -9.74 3.10 -2.02
N THR A 70 -9.68 2.82 -0.72
CA THR A 70 -10.88 2.82 0.11
C THR A 70 -11.72 4.05 -0.16
N ARG A 71 -11.08 5.21 -0.28
CA ARG A 71 -11.79 6.45 -0.54
C ARG A 71 -12.34 6.48 -1.96
N GLN A 72 -11.59 5.90 -2.89
CA GLN A 72 -12.01 5.86 -4.29
C GLN A 72 -13.20 4.92 -4.47
N MET A 73 -12.97 3.63 -4.23
CA MET A 73 -14.02 2.63 -4.37
C MET A 73 -15.36 3.17 -3.88
N LYS A 74 -15.31 3.96 -2.80
CA LYS A 74 -16.52 4.55 -2.23
C LYS A 74 -17.12 5.59 -3.16
N ARG A 75 -18.08 5.16 -3.98
CA ARG A 75 -18.73 6.06 -4.92
C ARG A 75 -20.14 6.42 -4.45
N MET A 76 -20.87 5.40 -3.97
CA MET A 76 -22.22 5.61 -3.49
C MET A 76 -22.29 6.76 -2.49
N ALA A 77 -21.14 7.10 -1.92
CA ALA A 77 -21.07 8.18 -0.95
C ALA A 77 -22.23 8.12 0.03
N GLN A 78 -22.43 6.97 0.64
CA GLN A 78 -23.52 6.78 1.60
C GLN A 78 -24.74 7.59 1.20
N LYS A 79 -25.01 7.64 -0.10
CA LYS A 79 -26.15 8.39 -0.62
C LYS A 79 -27.19 7.44 -1.20
N ASN A 80 -28.30 8.01 -1.66
CA ASN A 80 -29.38 7.20 -2.24
C ASN A 80 -28.84 6.27 -3.31
N GLN A 81 -29.28 5.01 -3.26
CA GLN A 81 -28.83 4.01 -4.23
C GLN A 81 -29.79 3.94 -5.42
N LYS A 82 -29.28 4.25 -6.60
CA LYS A 82 -30.08 4.22 -7.82
C LYS A 82 -30.24 2.79 -8.33
N SER A 83 -29.11 2.11 -8.51
CA SER A 83 -29.13 0.74 -9.01
C SER A 83 -27.93 -0.04 -8.47
N GLY A 84 -28.13 -1.33 -8.22
CA GLY A 84 -27.07 -2.17 -7.71
C GLY A 84 -27.58 -3.42 -7.03
N PRO A 85 -27.16 -4.59 -7.53
CA PRO A 85 -27.57 -5.88 -6.98
C PRO A 85 -26.98 -6.14 -5.61
N SER A 86 -27.85 -6.31 -4.61
CA SER A 86 -27.41 -6.55 -3.24
C SER A 86 -26.92 -7.99 -3.08
N SER A 87 -25.68 -8.14 -2.62
CA SER A 87 -25.09 -9.45 -2.42
C SER A 87 -24.55 -9.60 -1.01
N GLY A 88 -24.34 -10.85 -0.58
CA GLY A 88 -23.81 -11.11 0.74
C GLY A 88 -22.49 -10.41 0.99
N GLY A 1 29.30 23.87 -8.02
CA GLY A 1 29.69 23.15 -9.21
C GLY A 1 30.12 21.73 -8.92
N SER A 2 30.92 21.15 -9.81
CA SER A 2 31.41 19.79 -9.65
C SER A 2 30.33 18.91 -9.00
N SER A 3 29.09 19.08 -9.44
CA SER A 3 27.98 18.30 -8.91
C SER A 3 27.48 17.29 -9.93
N GLY A 4 27.85 16.03 -9.74
CA GLY A 4 27.44 14.99 -10.66
C GLY A 4 28.05 13.65 -10.32
N SER A 5 27.73 12.63 -11.12
CA SER A 5 28.26 11.28 -10.90
C SER A 5 28.08 10.43 -12.15
N SER A 6 28.85 9.35 -12.23
CA SER A 6 28.80 8.44 -13.37
C SER A 6 28.61 7.00 -12.91
N GLY A 7 28.32 6.12 -13.86
CA GLY A 7 28.12 4.72 -13.53
C GLY A 7 26.81 4.47 -12.80
N ALA A 8 26.71 3.31 -12.17
CA ALA A 8 25.50 2.95 -11.43
C ALA A 8 25.84 2.34 -10.08
N ASP A 9 24.82 2.13 -9.26
CA ASP A 9 25.01 1.55 -7.93
C ASP A 9 23.73 0.93 -7.42
N ASP A 10 23.80 -0.34 -7.03
CA ASP A 10 22.64 -1.05 -6.50
C ASP A 10 21.80 -0.15 -5.59
N PHE A 11 20.49 -0.37 -5.60
CA PHE A 11 19.59 0.42 -4.78
C PHE A 11 18.30 -0.33 -4.49
N ALA A 12 17.68 -0.06 -3.35
CA ALA A 12 16.44 -0.71 -2.97
C ALA A 12 15.55 -0.95 -4.18
N MET A 13 15.41 0.08 -5.01
CA MET A 13 14.58 -0.02 -6.21
C MET A 13 14.68 -1.41 -6.82
N GLU A 14 15.90 -1.93 -6.93
CA GLU A 14 16.12 -3.24 -7.51
C GLU A 14 15.06 -4.23 -7.04
N MET A 15 15.01 -4.45 -5.72
CA MET A 15 14.03 -5.37 -5.14
C MET A 15 12.62 -4.85 -5.32
N GLY A 16 12.45 -3.54 -5.16
CA GLY A 16 11.14 -2.94 -5.31
C GLY A 16 10.14 -3.42 -4.26
N LEU A 17 10.59 -3.47 -3.01
CA LEU A 17 9.74 -3.92 -1.92
C LEU A 17 9.51 -2.79 -0.91
N ALA A 18 9.78 -1.56 -1.34
CA ALA A 18 9.59 -0.39 -0.47
C ALA A 18 8.19 0.18 -0.63
N CYS A 19 7.69 0.80 0.44
CA CYS A 19 6.36 1.39 0.42
C CYS A 19 6.28 2.54 -0.58
N VAL A 20 5.13 3.20 -0.63
CA VAL A 20 4.93 4.32 -1.54
C VAL A 20 4.95 5.65 -0.79
N VAL A 21 4.75 5.58 0.52
CA VAL A 21 4.75 6.78 1.35
C VAL A 21 6.14 7.40 1.42
N CYS A 22 7.02 6.79 2.20
CA CYS A 22 8.39 7.28 2.35
C CYS A 22 9.32 6.62 1.34
N ARG A 23 8.79 5.63 0.61
CA ARG A 23 9.58 4.92 -0.38
C ARG A 23 10.84 4.31 0.24
N GLN A 24 10.64 3.53 1.29
CA GLN A 24 11.76 2.89 1.98
C GLN A 24 11.46 1.42 2.27
N MET A 25 12.40 0.73 2.90
CA MET A 25 12.24 -0.68 3.23
C MET A 25 12.39 -0.91 4.73
N THR A 26 12.82 0.13 5.45
CA THR A 26 13.00 0.04 6.88
C THR A 26 11.75 -0.47 7.57
N VAL A 27 11.86 -1.62 8.23
CA VAL A 27 10.74 -2.22 8.94
C VAL A 27 11.14 -2.65 10.35
N ALA A 28 10.20 -3.27 11.05
CA ALA A 28 10.45 -3.74 12.41
C ALA A 28 9.44 -4.81 12.82
N SER A 29 9.89 -5.73 13.68
CA SER A 29 9.02 -6.81 14.14
C SER A 29 7.58 -6.32 14.29
N GLY A 30 7.42 -5.05 14.65
CA GLY A 30 6.09 -4.49 14.83
C GLY A 30 5.65 -3.68 13.63
N ASN A 31 6.57 -2.89 13.08
CA ASN A 31 6.27 -2.05 11.92
C ASN A 31 6.74 -2.71 10.63
N GLN A 32 5.88 -3.53 10.04
CA GLN A 32 6.21 -4.22 8.79
C GLN A 32 5.60 -3.51 7.59
N LEU A 33 5.74 -4.11 6.41
CA LEU A 33 5.20 -3.53 5.20
C LEU A 33 3.94 -4.27 4.76
N VAL A 34 3.07 -3.56 4.05
CA VAL A 34 1.81 -4.14 3.57
C VAL A 34 1.63 -3.91 2.08
N GLU A 35 0.81 -4.74 1.45
CA GLU A 35 0.55 -4.63 0.03
C GLU A 35 -0.95 -4.60 -0.26
N CYS A 36 -1.38 -3.62 -1.06
CA CYS A 36 -2.78 -3.48 -1.40
C CYS A 36 -3.20 -4.52 -2.43
N GLN A 37 -4.51 -4.73 -2.56
CA GLN A 37 -5.03 -5.70 -3.50
C GLN A 37 -5.51 -5.01 -4.78
N GLU A 38 -5.93 -3.76 -4.66
CA GLU A 38 -6.41 -2.99 -5.80
C GLU A 38 -5.25 -2.30 -6.51
N CYS A 39 -4.69 -1.29 -5.86
CA CYS A 39 -3.57 -0.54 -6.42
C CYS A 39 -2.29 -1.37 -6.40
N HIS A 40 -2.24 -2.34 -5.49
CA HIS A 40 -1.07 -3.21 -5.37
C HIS A 40 0.17 -2.41 -4.98
N ASN A 41 -0.03 -1.38 -4.14
CA ASN A 41 1.07 -0.53 -3.70
C ASN A 41 1.51 -0.91 -2.29
N LEU A 42 2.80 -0.79 -2.02
CA LEU A 42 3.35 -1.10 -0.70
C LEU A 42 3.11 0.05 0.27
N TYR A 43 2.58 -0.27 1.44
CA TYR A 43 2.31 0.74 2.46
C TYR A 43 2.79 0.27 3.82
N HIS A 44 3.79 0.97 4.36
CA HIS A 44 4.35 0.63 5.67
C HIS A 44 3.27 0.68 6.75
N GLN A 45 3.10 -0.44 7.46
CA GLN A 45 2.10 -0.52 8.51
C GLN A 45 1.98 0.81 9.25
N ASP A 46 3.07 1.55 9.32
CA ASP A 46 3.08 2.85 9.99
C ASP A 46 2.73 3.97 9.01
N CYS A 47 3.57 4.15 8.01
CA CYS A 47 3.36 5.20 7.02
C CYS A 47 1.87 5.35 6.71
N HIS A 48 1.18 4.22 6.58
CA HIS A 48 -0.25 4.23 6.30
C HIS A 48 -1.03 4.96 7.38
N LYS A 49 -2.21 5.46 7.04
CA LYS A 49 -3.05 6.17 8.00
C LYS A 49 -3.42 5.28 9.17
N PRO A 50 -4.25 4.27 8.90
CA PRO A 50 -4.70 3.31 9.94
C PRO A 50 -3.58 2.40 10.40
N GLN A 51 -3.15 2.60 11.65
CA GLN A 51 -2.08 1.78 12.22
C GLN A 51 -2.32 0.30 11.95
N VAL A 52 -1.59 -0.25 10.98
CA VAL A 52 -1.72 -1.65 10.62
C VAL A 52 -0.97 -2.54 11.60
N THR A 53 -1.62 -3.61 12.06
CA THR A 53 -1.01 -4.54 13.00
C THR A 53 -0.61 -5.83 12.30
N ASP A 54 0.21 -6.63 12.99
CA ASP A 54 0.68 -7.90 12.43
C ASP A 54 -0.50 -8.81 12.09
N LYS A 55 -1.38 -9.02 13.07
CA LYS A 55 -2.55 -9.87 12.87
C LYS A 55 -3.07 -9.74 11.45
N GLU A 56 -3.15 -8.51 10.94
CA GLU A 56 -3.63 -8.26 9.60
C GLU A 56 -2.70 -8.90 8.55
N VAL A 57 -1.54 -8.28 8.36
CA VAL A 57 -0.57 -8.79 7.40
C VAL A 57 -0.45 -10.30 7.48
N ASN A 58 -0.57 -10.84 8.68
CA ASN A 58 -0.49 -12.28 8.90
C ASN A 58 -1.62 -13.01 8.17
N ASP A 59 -2.83 -12.50 8.34
CA ASP A 59 -4.01 -13.10 7.70
C ASP A 59 -3.81 -13.18 6.18
N PRO A 60 -3.63 -14.41 5.68
CA PRO A 60 -3.43 -14.66 4.25
C PRO A 60 -4.70 -14.40 3.44
N ARG A 61 -5.84 -14.84 3.97
CA ARG A 61 -7.12 -14.66 3.30
C ARG A 61 -7.73 -13.31 3.65
N LEU A 62 -6.87 -12.33 3.91
CA LEU A 62 -7.33 -10.98 4.25
C LEU A 62 -7.07 -10.01 3.11
N VAL A 63 -8.09 -9.24 2.75
CA VAL A 63 -7.96 -8.26 1.67
C VAL A 63 -7.65 -6.88 2.22
N TRP A 64 -6.39 -6.47 2.10
CA TRP A 64 -5.96 -5.16 2.59
C TRP A 64 -6.12 -4.10 1.50
N TYR A 65 -6.74 -2.97 1.86
CA TYR A 65 -6.96 -1.89 0.92
C TYR A 65 -6.45 -0.56 1.49
N CYS A 66 -5.60 0.10 0.72
CA CYS A 66 -5.04 1.38 1.15
C CYS A 66 -6.05 2.51 0.97
N ALA A 67 -6.06 3.44 1.92
CA ALA A 67 -6.98 4.57 1.87
C ALA A 67 -7.18 5.04 0.43
N ARG A 68 -6.09 5.38 -0.25
CA ARG A 68 -6.15 5.85 -1.62
C ARG A 68 -7.29 5.16 -2.38
N CYS A 69 -7.41 3.85 -2.18
CA CYS A 69 -8.45 3.07 -2.84
C CYS A 69 -9.77 3.16 -2.08
N THR A 70 -9.71 2.96 -0.77
CA THR A 70 -10.89 3.02 0.07
C THR A 70 -11.72 4.26 -0.24
N ARG A 71 -11.04 5.37 -0.47
CA ARG A 71 -11.72 6.63 -0.78
C ARG A 71 -12.25 6.63 -2.21
N GLN A 72 -11.52 5.98 -3.10
CA GLN A 72 -11.92 5.89 -4.51
C GLN A 72 -13.23 5.13 -4.65
N MET A 73 -13.19 3.84 -4.34
CA MET A 73 -14.38 2.99 -4.45
C MET A 73 -15.61 3.72 -3.90
N LYS A 74 -15.39 4.54 -2.87
CA LYS A 74 -16.49 5.28 -2.25
C LYS A 74 -17.06 6.30 -3.23
N ARG A 75 -16.18 7.00 -3.94
CA ARG A 75 -16.60 8.01 -4.90
C ARG A 75 -17.59 7.43 -5.90
N MET A 76 -17.26 6.27 -6.45
CA MET A 76 -18.12 5.61 -7.43
C MET A 76 -18.80 6.62 -8.34
N ALA A 77 -18.07 7.68 -8.68
CA ALA A 77 -18.60 8.72 -9.55
C ALA A 77 -18.11 8.54 -10.99
N GLN A 78 -18.14 7.29 -11.46
CA GLN A 78 -17.69 6.99 -12.82
C GLN A 78 -18.84 6.40 -13.64
N LYS A 79 -18.70 6.47 -14.96
CA LYS A 79 -19.72 5.93 -15.86
C LYS A 79 -19.69 4.41 -15.89
N ASN A 80 -20.66 3.79 -15.22
CA ASN A 80 -20.73 2.34 -15.17
C ASN A 80 -20.51 1.72 -16.55
N GLN A 81 -19.85 0.57 -16.58
CA GLN A 81 -19.57 -0.11 -17.83
C GLN A 81 -19.52 -1.63 -17.63
N LYS A 82 -19.83 -2.37 -18.69
CA LYS A 82 -19.83 -3.82 -18.63
C LYS A 82 -18.41 -4.36 -18.61
N SER A 83 -17.83 -4.45 -17.42
CA SER A 83 -16.46 -4.96 -17.27
C SER A 83 -16.43 -6.16 -16.33
N GLY A 84 -16.88 -5.96 -15.10
CA GLY A 84 -16.90 -7.04 -14.13
C GLY A 84 -16.09 -6.71 -12.89
N PRO A 85 -16.73 -6.00 -11.94
CA PRO A 85 -16.08 -5.60 -10.68
C PRO A 85 -15.83 -6.80 -9.76
N SER A 86 -14.87 -6.64 -8.85
CA SER A 86 -14.54 -7.70 -7.91
C SER A 86 -15.71 -8.02 -7.00
N SER A 87 -15.55 -9.03 -6.17
CA SER A 87 -16.60 -9.45 -5.24
C SER A 87 -16.49 -8.70 -3.93
N GLY A 88 -15.28 -8.56 -3.42
CA GLY A 88 -15.06 -7.87 -2.16
C GLY A 88 -15.59 -6.44 -2.20
N GLY A 1 32.94 8.13 -7.07
CA GLY A 1 31.67 8.68 -6.64
C GLY A 1 30.56 8.46 -7.66
N SER A 2 30.79 8.93 -8.88
CA SER A 2 29.81 8.78 -9.95
C SER A 2 29.87 7.37 -10.55
N SER A 3 28.87 6.56 -10.21
CA SER A 3 28.81 5.19 -10.71
C SER A 3 28.60 5.17 -12.23
N GLY A 4 29.66 4.82 -12.96
CA GLY A 4 29.57 4.77 -14.41
C GLY A 4 28.27 4.17 -14.89
N SER A 5 28.04 2.91 -14.55
CA SER A 5 26.83 2.21 -14.96
C SER A 5 25.59 2.90 -14.38
N SER A 6 24.66 3.26 -15.26
CA SER A 6 23.44 3.92 -14.84
C SER A 6 22.40 2.91 -14.37
N GLY A 7 21.65 3.27 -13.33
CA GLY A 7 20.64 2.37 -12.79
C GLY A 7 21.23 1.13 -12.16
N ALA A 8 20.37 0.30 -11.58
CA ALA A 8 20.81 -0.92 -10.93
C ALA A 8 20.03 -2.13 -11.44
N ASP A 9 20.39 -3.32 -10.97
CA ASP A 9 19.72 -4.54 -11.37
C ASP A 9 20.03 -5.68 -10.41
N ASP A 10 19.07 -6.58 -10.22
CA ASP A 10 19.25 -7.71 -9.32
C ASP A 10 19.55 -7.24 -7.90
N PHE A 11 18.78 -6.27 -7.43
CA PHE A 11 18.96 -5.73 -6.08
C PHE A 11 17.65 -5.20 -5.53
N ALA A 12 17.60 -4.99 -4.22
CA ALA A 12 16.40 -4.48 -3.56
C ALA A 12 15.67 -3.49 -4.46
N MET A 13 16.35 -2.42 -4.84
CA MET A 13 15.76 -1.39 -5.69
C MET A 13 14.81 -2.01 -6.69
N GLU A 14 15.31 -2.94 -7.51
CA GLU A 14 14.50 -3.61 -8.52
C GLU A 14 13.29 -4.28 -7.87
N MET A 15 13.55 -5.25 -7.01
CA MET A 15 12.48 -5.98 -6.33
C MET A 15 11.30 -5.07 -6.03
N GLY A 16 11.61 -3.85 -5.56
CA GLY A 16 10.56 -2.90 -5.24
C GLY A 16 9.74 -3.31 -4.04
N LEU A 17 10.43 -3.64 -2.94
CA LEU A 17 9.76 -4.05 -1.71
C LEU A 17 9.64 -2.87 -0.74
N ALA A 18 9.69 -1.66 -1.27
CA ALA A 18 9.59 -0.46 -0.46
C ALA A 18 8.20 0.18 -0.60
N CYS A 19 7.69 0.71 0.50
CA CYS A 19 6.38 1.34 0.51
C CYS A 19 6.34 2.51 -0.49
N VAL A 20 5.19 3.17 -0.56
CA VAL A 20 5.01 4.30 -1.47
C VAL A 20 5.07 5.63 -0.72
N VAL A 21 4.93 5.55 0.61
CA VAL A 21 4.96 6.75 1.44
C VAL A 21 6.37 7.34 1.50
N CYS A 22 7.24 6.69 2.28
CA CYS A 22 8.62 7.15 2.43
C CYS A 22 9.52 6.50 1.39
N ARG A 23 9.02 5.45 0.75
CA ARG A 23 9.78 4.73 -0.27
C ARG A 23 11.01 4.07 0.35
N GLN A 24 10.79 3.26 1.38
CA GLN A 24 11.88 2.58 2.05
C GLN A 24 11.54 1.11 2.29
N MET A 25 12.53 0.34 2.76
CA MET A 25 12.32 -1.07 3.03
C MET A 25 12.46 -1.37 4.53
N THR A 26 12.87 -0.36 5.29
CA THR A 26 13.04 -0.50 6.73
C THR A 26 11.77 -1.01 7.38
N VAL A 27 11.91 -2.06 8.19
CA VAL A 27 10.77 -2.65 8.88
C VAL A 27 11.16 -3.16 10.26
N ALA A 28 10.17 -3.62 11.02
CA ALA A 28 10.42 -4.14 12.36
C ALA A 28 9.33 -5.11 12.78
N SER A 29 9.59 -5.88 13.84
CA SER A 29 8.63 -6.85 14.34
C SER A 29 7.21 -6.29 14.28
N GLY A 30 7.08 -4.98 14.49
CA GLY A 30 5.78 -4.34 14.45
C GLY A 30 5.60 -3.46 13.24
N ASN A 31 6.65 -2.71 12.89
CA ASN A 31 6.60 -1.83 11.74
C ASN A 31 6.97 -2.56 10.46
N GLN A 32 6.06 -3.38 9.96
CA GLN A 32 6.30 -4.15 8.74
C GLN A 32 5.68 -3.45 7.53
N LEU A 33 5.73 -4.11 6.39
CA LEU A 33 5.17 -3.55 5.16
C LEU A 33 3.87 -4.25 4.78
N VAL A 34 3.13 -3.65 3.85
CA VAL A 34 1.86 -4.21 3.41
C VAL A 34 1.64 -3.95 1.92
N GLU A 35 0.93 -4.86 1.26
CA GLU A 35 0.64 -4.72 -0.16
C GLU A 35 -0.86 -4.68 -0.41
N CYS A 36 -1.32 -3.65 -1.11
CA CYS A 36 -2.73 -3.49 -1.42
C CYS A 36 -3.18 -4.51 -2.45
N GLN A 37 -4.49 -4.70 -2.55
CA GLN A 37 -5.05 -5.66 -3.51
C GLN A 37 -5.54 -4.95 -4.77
N GLU A 38 -5.95 -3.69 -4.61
CA GLU A 38 -6.44 -2.91 -5.73
C GLU A 38 -5.29 -2.19 -6.44
N CYS A 39 -4.71 -1.20 -5.78
CA CYS A 39 -3.62 -0.44 -6.35
C CYS A 39 -2.32 -1.27 -6.35
N HIS A 40 -2.28 -2.28 -5.49
CA HIS A 40 -1.11 -3.15 -5.40
C HIS A 40 0.12 -2.35 -4.99
N ASN A 41 -0.09 -1.30 -4.20
CA ASN A 41 1.02 -0.46 -3.74
C ASN A 41 1.46 -0.86 -2.34
N LEU A 42 2.75 -0.68 -2.06
CA LEU A 42 3.31 -1.02 -0.76
C LEU A 42 3.09 0.11 0.24
N TYR A 43 2.56 -0.24 1.41
CA TYR A 43 2.30 0.76 2.45
C TYR A 43 2.78 0.25 3.81
N HIS A 44 3.78 0.91 4.37
CA HIS A 44 4.33 0.53 5.67
C HIS A 44 3.25 0.59 6.75
N GLN A 45 3.05 -0.53 7.44
CA GLN A 45 2.05 -0.59 8.50
C GLN A 45 1.94 0.73 9.24
N ASP A 46 3.06 1.45 9.32
CA ASP A 46 3.09 2.74 10.01
C ASP A 46 2.79 3.87 9.04
N CYS A 47 3.68 4.07 8.07
CA CYS A 47 3.49 5.13 7.08
C CYS A 47 2.02 5.32 6.74
N HIS A 48 1.29 4.21 6.65
CA HIS A 48 -0.12 4.24 6.33
C HIS A 48 -0.90 4.98 7.42
N LYS A 49 -2.05 5.55 7.04
CA LYS A 49 -2.89 6.28 7.99
C LYS A 49 -3.32 5.38 9.15
N PRO A 50 -4.16 4.39 8.83
CA PRO A 50 -4.67 3.44 9.83
C PRO A 50 -3.59 2.50 10.33
N GLN A 51 -3.22 2.63 11.59
CA GLN A 51 -2.19 1.78 12.19
C GLN A 51 -2.48 0.31 11.91
N VAL A 52 -1.78 -0.25 10.93
CA VAL A 52 -1.97 -1.65 10.57
C VAL A 52 -1.25 -2.57 11.56
N THR A 53 -1.97 -3.57 12.05
CA THR A 53 -1.40 -4.52 13.00
C THR A 53 -0.91 -5.78 12.30
N ASP A 54 -0.08 -6.55 12.99
CA ASP A 54 0.47 -7.78 12.43
C ASP A 54 -0.65 -8.79 12.14
N LYS A 55 -1.51 -8.99 13.12
CA LYS A 55 -2.63 -9.93 12.98
C LYS A 55 -3.27 -9.80 11.60
N GLU A 56 -3.14 -8.61 11.00
CA GLU A 56 -3.72 -8.36 9.68
C GLU A 56 -2.81 -8.89 8.59
N VAL A 57 -1.66 -8.23 8.41
CA VAL A 57 -0.70 -8.63 7.39
C VAL A 57 -0.38 -10.12 7.49
N ASN A 58 -0.52 -10.67 8.69
CA ASN A 58 -0.25 -12.08 8.92
C ASN A 58 -1.24 -12.96 8.15
N ASP A 59 -2.49 -12.52 8.10
CA ASP A 59 -3.53 -13.26 7.39
C ASP A 59 -3.21 -13.38 5.91
N PRO A 60 -3.04 -14.62 5.44
CA PRO A 60 -2.72 -14.91 4.04
C PRO A 60 -3.90 -14.61 3.11
N ARG A 61 -5.11 -14.89 3.58
CA ARG A 61 -6.31 -14.66 2.79
C ARG A 61 -7.02 -13.39 3.25
N LEU A 62 -6.24 -12.37 3.59
CA LEU A 62 -6.79 -11.10 4.05
C LEU A 62 -6.64 -10.02 2.98
N VAL A 63 -7.75 -9.42 2.59
CA VAL A 63 -7.74 -8.37 1.56
C VAL A 63 -7.47 -7.01 2.19
N TRP A 64 -6.29 -6.48 1.93
CA TRP A 64 -5.90 -5.17 2.46
C TRP A 64 -6.08 -4.08 1.42
N TYR A 65 -6.77 -3.01 1.80
CA TYR A 65 -7.01 -1.89 0.89
C TYR A 65 -6.52 -0.58 1.49
N CYS A 66 -5.58 0.06 0.79
CA CYS A 66 -5.02 1.33 1.26
C CYS A 66 -6.01 2.47 1.05
N ALA A 67 -6.06 3.38 2.01
CA ALA A 67 -6.95 4.52 1.95
C ALA A 67 -7.14 4.99 0.51
N ARG A 68 -6.04 5.36 -0.13
CA ARG A 68 -6.08 5.83 -1.51
C ARG A 68 -7.22 5.16 -2.29
N CYS A 69 -7.33 3.84 -2.12
CA CYS A 69 -8.37 3.07 -2.79
C CYS A 69 -9.68 3.13 -2.02
N THR A 70 -9.61 2.86 -0.72
CA THR A 70 -10.79 2.88 0.13
C THR A 70 -11.64 4.12 -0.14
N ARG A 71 -10.98 5.26 -0.31
CA ARG A 71 -11.67 6.51 -0.57
C ARG A 71 -12.44 6.45 -1.89
N GLN A 72 -11.85 5.77 -2.88
CA GLN A 72 -12.48 5.64 -4.19
C GLN A 72 -13.66 4.66 -4.13
N MET A 73 -13.36 3.40 -3.84
CA MET A 73 -14.39 2.38 -3.75
C MET A 73 -15.67 2.94 -3.13
N LYS A 74 -15.50 3.80 -2.14
CA LYS A 74 -16.64 4.42 -1.47
C LYS A 74 -16.94 5.80 -2.04
N ARG A 75 -18.21 6.04 -2.35
CA ARG A 75 -18.62 7.33 -2.91
C ARG A 75 -19.85 7.87 -2.19
N MET A 76 -20.81 6.99 -1.92
CA MET A 76 -22.03 7.37 -1.23
C MET A 76 -21.85 7.30 0.29
N ALA A 77 -20.63 7.55 0.74
CA ALA A 77 -20.32 7.51 2.16
C ALA A 77 -19.96 8.90 2.69
N GLN A 78 -20.61 9.92 2.13
CA GLN A 78 -20.37 11.29 2.54
C GLN A 78 -21.63 12.13 2.44
N LYS A 79 -21.59 13.34 2.99
CA LYS A 79 -22.74 14.23 2.96
C LYS A 79 -22.73 15.09 1.70
N ASN A 80 -23.87 15.13 1.01
CA ASN A 80 -23.99 15.92 -0.22
C ASN A 80 -23.47 17.34 -0.01
N GLN A 81 -23.24 18.05 -1.11
CA GLN A 81 -22.75 19.41 -1.06
C GLN A 81 -23.79 20.39 -1.61
N LYS A 82 -23.66 21.66 -1.24
CA LYS A 82 -24.58 22.69 -1.71
C LYS A 82 -25.05 22.39 -3.12
N SER A 83 -26.37 22.43 -3.32
CA SER A 83 -26.95 22.16 -4.62
C SER A 83 -27.80 23.33 -5.09
N GLY A 84 -27.83 23.56 -6.40
CA GLY A 84 -28.60 24.65 -6.95
C GLY A 84 -30.06 24.59 -6.55
N PRO A 85 -30.74 23.51 -6.96
CA PRO A 85 -32.16 23.30 -6.65
C PRO A 85 -32.40 23.01 -5.18
N SER A 86 -31.33 23.07 -4.38
CA SER A 86 -31.42 22.81 -2.95
C SER A 86 -32.43 23.74 -2.30
N SER A 87 -33.58 23.19 -1.91
CA SER A 87 -34.64 23.96 -1.28
C SER A 87 -34.52 23.88 0.25
N GLY A 88 -34.50 25.04 0.90
CA GLY A 88 -34.41 25.08 2.34
C GLY A 88 -33.07 25.61 2.82
N GLY A 1 29.58 -4.09 -17.00
CA GLY A 1 29.85 -2.72 -16.64
C GLY A 1 28.63 -1.82 -16.81
N SER A 2 28.51 -0.81 -15.96
CA SER A 2 27.39 0.12 -16.01
C SER A 2 27.05 0.48 -17.46
N SER A 3 28.08 0.84 -18.23
CA SER A 3 27.91 1.20 -19.63
C SER A 3 27.33 0.04 -20.43
N GLY A 4 26.62 0.38 -21.51
CA GLY A 4 26.03 -0.64 -22.34
C GLY A 4 24.61 -0.98 -21.93
N SER A 5 23.80 -1.45 -22.88
CA SER A 5 22.41 -1.80 -22.60
C SER A 5 22.27 -3.30 -22.42
N SER A 6 23.21 -3.92 -21.71
CA SER A 6 23.19 -5.35 -21.47
C SER A 6 22.51 -5.67 -20.13
N GLY A 7 23.04 -5.08 -19.07
CA GLY A 7 22.49 -5.31 -17.74
C GLY A 7 23.25 -4.58 -16.66
N ALA A 8 23.65 -5.32 -15.63
CA ALA A 8 24.39 -4.73 -14.52
C ALA A 8 23.57 -3.66 -13.81
N ASP A 9 22.28 -3.94 -13.61
CA ASP A 9 21.39 -3.00 -12.95
C ASP A 9 20.62 -3.68 -11.83
N ASP A 10 21.18 -3.65 -10.62
CA ASP A 10 20.54 -4.27 -9.47
C ASP A 10 20.13 -3.22 -8.44
N PHE A 11 18.86 -3.27 -8.04
CA PHE A 11 18.33 -2.31 -7.07
C PHE A 11 17.15 -2.91 -6.31
N ALA A 12 17.14 -2.72 -5.00
CA ALA A 12 16.06 -3.23 -4.16
C ALA A 12 14.71 -3.09 -4.85
N MET A 13 14.46 -1.90 -5.39
CA MET A 13 13.20 -1.62 -6.08
C MET A 13 12.73 -2.86 -6.85
N GLU A 14 13.63 -3.43 -7.65
CA GLU A 14 13.30 -4.62 -8.43
C GLU A 14 12.43 -5.59 -7.63
N MET A 15 12.97 -6.07 -6.51
CA MET A 15 12.25 -7.00 -5.66
C MET A 15 10.87 -6.45 -5.29
N GLY A 16 10.85 -5.28 -4.68
CA GLY A 16 9.59 -4.67 -4.30
C GLY A 16 9.22 -4.97 -2.86
N LEU A 17 10.07 -4.53 -1.94
CA LEU A 17 9.82 -4.74 -0.51
C LEU A 17 9.82 -3.42 0.24
N ALA A 18 9.52 -2.33 -0.47
CA ALA A 18 9.48 -1.02 0.15
C ALA A 18 8.13 -0.35 -0.09
N CYS A 19 7.67 0.42 0.90
CA CYS A 19 6.40 1.12 0.80
C CYS A 19 6.47 2.23 -0.23
N VAL A 20 5.36 2.97 -0.38
CA VAL A 20 5.29 4.07 -1.33
C VAL A 20 5.37 5.42 -0.61
N VAL A 21 5.05 5.42 0.67
CA VAL A 21 5.09 6.63 1.48
C VAL A 21 6.51 7.17 1.59
N CYS A 22 7.31 6.54 2.42
CA CYS A 22 8.70 6.95 2.62
C CYS A 22 9.63 6.23 1.65
N ARG A 23 9.07 5.28 0.90
CA ARG A 23 9.86 4.50 -0.06
C ARG A 23 11.05 3.84 0.62
N GLN A 24 10.78 3.08 1.68
CA GLN A 24 11.84 2.39 2.41
C GLN A 24 11.44 0.95 2.70
N MET A 25 12.38 0.18 3.24
CA MET A 25 12.13 -1.22 3.57
C MET A 25 12.19 -1.44 5.08
N THR A 26 12.76 -0.48 5.79
CA THR A 26 12.89 -0.57 7.24
C THR A 26 11.59 -1.07 7.87
N VAL A 27 11.70 -2.16 8.63
CA VAL A 27 10.53 -2.74 9.29
C VAL A 27 10.87 -3.23 10.69
N ALA A 28 9.87 -3.70 11.42
CA ALA A 28 10.07 -4.20 12.78
C ALA A 28 8.78 -4.79 13.34
N SER A 29 8.91 -5.52 14.45
CA SER A 29 7.76 -6.14 15.08
C SER A 29 6.61 -5.14 15.24
N GLY A 30 5.46 -5.49 14.69
CA GLY A 30 4.30 -4.61 14.78
C GLY A 30 4.23 -3.62 13.64
N ASN A 31 5.40 -3.12 13.23
CA ASN A 31 5.47 -2.15 12.14
C ASN A 31 6.06 -2.79 10.88
N GLN A 32 5.28 -3.65 10.24
CA GLN A 32 5.72 -4.33 9.03
C GLN A 32 5.19 -3.62 7.79
N LEU A 33 5.44 -4.21 6.62
CA LEU A 33 4.99 -3.65 5.35
C LEU A 33 3.69 -4.30 4.90
N VAL A 34 2.97 -3.63 4.01
CA VAL A 34 1.71 -4.15 3.49
C VAL A 34 1.57 -3.87 2.00
N GLU A 35 0.69 -4.61 1.34
CA GLU A 35 0.45 -4.43 -0.09
C GLU A 35 -1.04 -4.40 -0.40
N CYS A 36 -1.44 -3.44 -1.23
CA CYS A 36 -2.85 -3.30 -1.61
C CYS A 36 -3.22 -4.31 -2.68
N GLN A 37 -4.52 -4.52 -2.87
CA GLN A 37 -5.01 -5.46 -3.87
C GLN A 37 -5.40 -4.73 -5.15
N GLU A 38 -5.95 -3.53 -5.00
CA GLU A 38 -6.36 -2.74 -6.15
C GLU A 38 -5.17 -2.02 -6.79
N CYS A 39 -4.63 -1.04 -6.07
CA CYS A 39 -3.48 -0.28 -6.56
C CYS A 39 -2.22 -1.14 -6.56
N HIS A 40 -2.19 -2.13 -5.69
CA HIS A 40 -1.04 -3.02 -5.58
C HIS A 40 0.21 -2.26 -5.17
N ASN A 41 0.04 -1.31 -4.25
CA ASN A 41 1.16 -0.51 -3.77
C ASN A 41 1.56 -0.92 -2.36
N LEU A 42 2.83 -0.75 -2.04
CA LEU A 42 3.34 -1.11 -0.71
C LEU A 42 3.13 0.03 0.27
N TYR A 43 2.52 -0.28 1.40
CA TYR A 43 2.25 0.72 2.43
C TYR A 43 2.64 0.21 3.81
N HIS A 44 3.63 0.86 4.42
CA HIS A 44 4.10 0.46 5.75
C HIS A 44 2.96 0.53 6.78
N GLN A 45 2.78 -0.55 7.52
CA GLN A 45 1.74 -0.62 8.53
C GLN A 45 1.61 0.71 9.27
N ASP A 46 2.70 1.48 9.29
CA ASP A 46 2.71 2.77 9.97
C ASP A 46 2.47 3.90 8.97
N CYS A 47 3.40 4.08 8.04
CA CYS A 47 3.30 5.13 7.03
C CYS A 47 1.85 5.31 6.60
N HIS A 48 1.13 4.20 6.44
CA HIS A 48 -0.26 4.23 6.03
C HIS A 48 -1.12 4.97 7.05
N LYS A 49 -2.26 5.47 6.62
CA LYS A 49 -3.17 6.20 7.49
C LYS A 49 -3.64 5.30 8.64
N PRO A 50 -4.44 4.29 8.31
CA PRO A 50 -4.97 3.34 9.30
C PRO A 50 -3.89 2.44 9.87
N GLN A 51 -3.55 2.65 11.14
CA GLN A 51 -2.53 1.85 11.81
C GLN A 51 -2.78 0.36 11.61
N VAL A 52 -2.05 -0.26 10.68
CA VAL A 52 -2.20 -1.67 10.40
C VAL A 52 -1.41 -2.52 11.39
N THR A 53 -2.04 -3.59 11.87
CA THR A 53 -1.39 -4.49 12.82
C THR A 53 -0.80 -5.71 12.13
N ASP A 54 0.00 -6.47 12.86
CA ASP A 54 0.63 -7.67 12.31
C ASP A 54 -0.41 -8.78 12.11
N LYS A 55 -1.08 -9.15 13.19
CA LYS A 55 -2.10 -10.20 13.14
C LYS A 55 -2.85 -10.15 11.81
N GLU A 56 -3.09 -8.94 11.32
CA GLU A 56 -3.81 -8.76 10.06
C GLU A 56 -2.90 -9.06 8.87
N VAL A 57 -1.82 -8.30 8.75
CA VAL A 57 -0.87 -8.48 7.66
C VAL A 57 -0.54 -9.95 7.46
N ASN A 58 -0.59 -10.72 8.55
CA ASN A 58 -0.29 -12.15 8.49
C ASN A 58 -1.31 -12.87 7.62
N ASP A 59 -2.58 -12.71 7.95
CA ASP A 59 -3.66 -13.36 7.20
C ASP A 59 -3.33 -13.40 5.71
N PRO A 60 -3.07 -14.62 5.20
CA PRO A 60 -2.75 -14.82 3.79
C PRO A 60 -3.93 -14.58 2.87
N ARG A 61 -5.12 -14.98 3.32
CA ARG A 61 -6.33 -14.79 2.54
C ARG A 61 -7.04 -13.50 2.92
N LEU A 62 -6.26 -12.50 3.30
CA LEU A 62 -6.81 -11.21 3.70
C LEU A 62 -6.54 -10.15 2.63
N VAL A 63 -7.61 -9.51 2.16
CA VAL A 63 -7.49 -8.48 1.13
C VAL A 63 -7.27 -7.11 1.76
N TRP A 64 -6.06 -6.58 1.60
CA TRP A 64 -5.72 -5.27 2.16
C TRP A 64 -5.88 -4.18 1.11
N TYR A 65 -6.28 -3.00 1.55
CA TYR A 65 -6.46 -1.86 0.65
C TYR A 65 -5.82 -0.60 1.22
N CYS A 66 -5.47 0.33 0.33
CA CYS A 66 -4.86 1.58 0.73
C CYS A 66 -5.84 2.74 0.64
N ALA A 67 -5.83 3.61 1.64
CA ALA A 67 -6.72 4.76 1.67
C ALA A 67 -7.05 5.23 0.25
N ARG A 68 -6.02 5.52 -0.53
CA ARG A 68 -6.19 5.99 -1.89
C ARG A 68 -7.43 5.34 -2.53
N CYS A 69 -7.51 4.02 -2.45
CA CYS A 69 -8.62 3.29 -3.01
C CYS A 69 -9.77 3.17 -2.01
N THR A 70 -9.42 2.85 -0.76
CA THR A 70 -10.41 2.70 0.29
C THR A 70 -11.44 3.83 0.23
N ARG A 71 -10.96 5.07 0.12
CA ARG A 71 -11.85 6.22 0.06
C ARG A 71 -12.77 6.13 -1.15
N GLN A 72 -12.27 5.59 -2.25
CA GLN A 72 -13.05 5.45 -3.48
C GLN A 72 -14.15 4.40 -3.29
N MET A 73 -13.73 3.16 -3.03
CA MET A 73 -14.68 2.06 -2.84
C MET A 73 -15.68 2.40 -1.74
N LYS A 74 -15.20 3.05 -0.69
CA LYS A 74 -16.05 3.44 0.43
C LYS A 74 -17.42 3.93 -0.07
N ARG A 75 -18.45 3.10 0.11
CA ARG A 75 -19.79 3.46 -0.32
C ARG A 75 -20.27 4.73 0.37
N MET A 76 -20.37 4.68 1.69
CA MET A 76 -20.82 5.83 2.48
C MET A 76 -20.16 7.11 1.97
N ALA A 77 -18.85 7.04 1.71
CA ALA A 77 -18.11 8.20 1.23
C ALA A 77 -18.03 8.19 -0.30
N GLN A 78 -19.15 7.86 -0.94
CA GLN A 78 -19.21 7.82 -2.39
C GLN A 78 -19.54 9.20 -2.96
N LYS A 79 -18.87 9.57 -4.04
CA LYS A 79 -19.09 10.86 -4.69
C LYS A 79 -18.83 10.77 -6.19
N ASN A 80 -19.57 11.57 -6.96
CA ASN A 80 -19.41 11.59 -8.40
C ASN A 80 -18.24 12.46 -8.83
N GLN A 81 -17.27 11.87 -9.52
CA GLN A 81 -16.10 12.60 -9.98
C GLN A 81 -15.26 11.73 -10.92
N LYS A 82 -14.43 12.39 -11.73
CA LYS A 82 -13.57 11.69 -12.68
C LYS A 82 -12.75 10.61 -11.97
N SER A 83 -12.80 9.39 -12.50
CA SER A 83 -12.06 8.27 -11.93
C SER A 83 -11.08 7.70 -12.94
N GLY A 84 -9.97 7.16 -12.43
CA GLY A 84 -8.96 6.58 -13.30
C GLY A 84 -8.27 5.38 -12.67
N PRO A 85 -8.89 4.21 -12.81
CA PRO A 85 -8.35 2.96 -12.26
C PRO A 85 -7.10 2.50 -12.99
N SER A 86 -6.19 1.86 -12.26
CA SER A 86 -4.95 1.38 -12.84
C SER A 86 -4.86 -0.15 -12.76
N SER A 87 -5.30 -0.82 -13.82
CA SER A 87 -5.29 -2.28 -13.86
C SER A 87 -4.01 -2.82 -13.26
N GLY A 88 -2.88 -2.20 -13.59
CA GLY A 88 -1.60 -2.64 -13.08
C GLY A 88 -1.43 -4.14 -13.15
N GLY A 1 13.12 14.66 -20.61
CA GLY A 1 14.52 14.64 -20.95
C GLY A 1 15.17 13.29 -20.73
N SER A 2 16.49 13.26 -20.71
CA SER A 2 17.23 12.01 -20.52
C SER A 2 16.52 10.85 -21.23
N SER A 3 16.06 11.11 -22.44
CA SER A 3 15.35 10.10 -23.22
C SER A 3 16.20 8.83 -23.34
N GLY A 4 15.53 7.69 -23.49
CA GLY A 4 16.24 6.42 -23.61
C GLY A 4 15.90 5.46 -22.50
N SER A 5 16.56 4.31 -22.48
CA SER A 5 16.32 3.30 -21.47
C SER A 5 17.63 2.75 -20.91
N SER A 6 17.77 2.79 -19.59
CA SER A 6 18.98 2.30 -18.94
C SER A 6 18.76 2.13 -17.44
N GLY A 7 19.64 1.38 -16.79
CA GLY A 7 19.52 1.14 -15.37
C GLY A 7 19.18 -0.29 -15.04
N ALA A 8 18.15 -0.48 -14.22
CA ALA A 8 17.72 -1.82 -13.83
C ALA A 8 18.83 -2.56 -13.09
N ASP A 9 19.57 -1.82 -12.27
CA ASP A 9 20.67 -2.40 -11.50
C ASP A 9 20.50 -2.11 -10.01
N ASP A 10 19.26 -2.15 -9.53
CA ASP A 10 18.97 -1.89 -8.14
C ASP A 10 19.01 -3.17 -7.32
N PHE A 11 19.80 -3.17 -6.25
CA PHE A 11 19.93 -4.34 -5.38
C PHE A 11 18.56 -4.80 -4.88
N ALA A 12 17.97 -4.02 -3.99
CA ALA A 12 16.66 -4.35 -3.43
C ALA A 12 15.56 -3.49 -4.06
N MET A 13 15.82 -2.19 -4.13
CA MET A 13 14.86 -1.25 -4.70
C MET A 13 14.12 -1.88 -5.88
N GLU A 14 14.81 -2.75 -6.60
CA GLU A 14 14.23 -3.43 -7.75
C GLU A 14 13.18 -4.45 -7.32
N MET A 15 13.61 -5.43 -6.54
CA MET A 15 12.71 -6.47 -6.05
C MET A 15 11.32 -5.90 -5.78
N GLY A 16 11.28 -4.70 -5.21
CA GLY A 16 10.01 -4.07 -4.91
C GLY A 16 9.49 -4.44 -3.53
N LEU A 17 10.24 -4.08 -2.50
CA LEU A 17 9.85 -4.39 -1.12
C LEU A 17 9.81 -3.12 -0.27
N ALA A 18 9.63 -1.98 -0.93
CA ALA A 18 9.57 -0.70 -0.23
C ALA A 18 8.21 -0.04 -0.41
N CYS A 19 7.72 0.59 0.65
CA CYS A 19 6.42 1.26 0.61
C CYS A 19 6.44 2.41 -0.40
N VAL A 20 5.32 3.12 -0.50
CA VAL A 20 5.19 4.23 -1.43
C VAL A 20 5.26 5.56 -0.70
N VAL A 21 4.97 5.54 0.60
CA VAL A 21 5.00 6.74 1.41
C VAL A 21 6.40 7.32 1.49
N CYS A 22 7.26 6.68 2.28
CA CYS A 22 8.63 7.13 2.45
C CYS A 22 9.55 6.45 1.43
N ARG A 23 9.02 5.44 0.75
CA ARG A 23 9.79 4.72 -0.26
C ARG A 23 11.01 4.05 0.37
N GLN A 24 10.78 3.29 1.44
CA GLN A 24 11.86 2.59 2.13
C GLN A 24 11.49 1.14 2.40
N MET A 25 12.45 0.37 2.90
CA MET A 25 12.22 -1.05 3.19
C MET A 25 12.35 -1.31 4.68
N THR A 26 12.85 -0.32 5.43
CA THR A 26 13.02 -0.45 6.86
C THR A 26 11.74 -0.94 7.52
N VAL A 27 11.85 -2.07 8.23
CA VAL A 27 10.70 -2.65 8.91
C VAL A 27 11.09 -3.15 10.30
N ALA A 28 10.12 -3.74 11.00
CA ALA A 28 10.36 -4.26 12.35
C ALA A 28 9.41 -5.41 12.66
N SER A 29 9.48 -5.91 13.89
CA SER A 29 8.64 -7.01 14.32
C SER A 29 7.17 -6.59 14.35
N GLY A 30 6.91 -5.40 14.89
CA GLY A 30 5.54 -4.90 14.98
C GLY A 30 5.18 -4.05 13.79
N ASN A 31 6.14 -3.33 13.23
CA ASN A 31 5.92 -2.47 12.09
C ASN A 31 6.45 -3.10 10.81
N GLN A 32 5.58 -3.77 10.07
CA GLN A 32 5.96 -4.43 8.83
C GLN A 32 5.38 -3.69 7.63
N LEU A 33 5.58 -4.26 6.44
CA LEU A 33 5.08 -3.66 5.21
C LEU A 33 3.78 -4.32 4.77
N VAL A 34 3.13 -3.72 3.78
CA VAL A 34 1.87 -4.25 3.27
C VAL A 34 1.68 -3.89 1.80
N GLU A 35 0.90 -4.70 1.09
CA GLU A 35 0.64 -4.47 -0.32
C GLU A 35 -0.85 -4.46 -0.60
N CYS A 36 -1.32 -3.40 -1.26
CA CYS A 36 -2.73 -3.26 -1.59
C CYS A 36 -3.13 -4.26 -2.67
N GLN A 37 -4.44 -4.47 -2.81
CA GLN A 37 -4.96 -5.40 -3.81
C GLN A 37 -5.53 -4.66 -5.00
N GLU A 38 -6.09 -3.48 -4.75
CA GLU A 38 -6.67 -2.66 -5.82
C GLU A 38 -5.58 -1.93 -6.60
N CYS A 39 -4.81 -1.11 -5.90
CA CYS A 39 -3.74 -0.35 -6.52
C CYS A 39 -2.47 -1.18 -6.63
N HIS A 40 -2.27 -2.08 -5.66
CA HIS A 40 -1.09 -2.93 -5.64
C HIS A 40 0.15 -2.15 -5.25
N ASN A 41 -0.02 -1.22 -4.31
CA ASN A 41 1.10 -0.40 -3.84
C ASN A 41 1.53 -0.82 -2.45
N LEU A 42 2.81 -0.61 -2.14
CA LEU A 42 3.36 -0.97 -0.84
C LEU A 42 3.14 0.16 0.17
N TYR A 43 2.58 -0.18 1.32
CA TYR A 43 2.33 0.81 2.37
C TYR A 43 2.77 0.29 3.73
N HIS A 44 3.75 0.94 4.33
CA HIS A 44 4.26 0.55 5.63
C HIS A 44 3.16 0.62 6.69
N GLN A 45 2.96 -0.49 7.39
CA GLN A 45 1.93 -0.56 8.43
C GLN A 45 1.82 0.76 9.16
N ASP A 46 2.93 1.49 9.25
CA ASP A 46 2.96 2.78 9.93
C ASP A 46 2.68 3.91 8.96
N CYS A 47 3.57 4.10 8.00
CA CYS A 47 3.42 5.15 7.01
C CYS A 47 1.96 5.33 6.62
N HIS A 48 1.23 4.22 6.52
CA HIS A 48 -0.18 4.24 6.16
C HIS A 48 -0.99 4.97 7.22
N LYS A 49 -2.19 5.42 6.83
CA LYS A 49 -3.07 6.14 7.75
C LYS A 49 -3.50 5.23 8.90
N PRO A 50 -4.32 4.22 8.57
CA PRO A 50 -4.83 3.27 9.56
C PRO A 50 -3.74 2.34 10.09
N GLN A 51 -3.37 2.53 11.35
CA GLN A 51 -2.33 1.71 11.98
C GLN A 51 -2.58 0.23 11.72
N VAL A 52 -1.83 -0.34 10.79
CA VAL A 52 -1.96 -1.76 10.45
C VAL A 52 -1.31 -2.64 11.51
N THR A 53 -2.06 -3.62 12.00
CA THR A 53 -1.57 -4.53 13.02
C THR A 53 -1.01 -5.80 12.39
N ASP A 54 -0.28 -6.58 13.18
CA ASP A 54 0.32 -7.83 12.70
C ASP A 54 -0.76 -8.83 12.32
N LYS A 55 -1.63 -9.16 13.28
CA LYS A 55 -2.70 -10.11 13.04
C LYS A 55 -3.21 -10.01 11.61
N GLU A 56 -3.29 -8.79 11.10
CA GLU A 56 -3.77 -8.56 9.74
C GLU A 56 -2.70 -8.94 8.72
N VAL A 57 -1.56 -8.26 8.78
CA VAL A 57 -0.46 -8.54 7.87
C VAL A 57 -0.23 -10.04 7.71
N ASN A 58 -0.48 -10.78 8.78
CA ASN A 58 -0.32 -12.23 8.76
C ASN A 58 -1.25 -12.88 7.74
N ASP A 59 -2.54 -12.62 7.88
CA ASP A 59 -3.54 -13.17 6.97
C ASP A 59 -3.05 -13.12 5.53
N PRO A 60 -2.61 -14.27 5.01
CA PRO A 60 -2.11 -14.38 3.64
C PRO A 60 -3.21 -14.22 2.60
N ARG A 61 -4.42 -14.64 2.96
CA ARG A 61 -5.56 -14.55 2.07
C ARG A 61 -6.43 -13.35 2.42
N LEU A 62 -5.80 -12.32 2.95
CA LEU A 62 -6.52 -11.10 3.32
C LEU A 62 -6.36 -10.03 2.26
N VAL A 63 -7.47 -9.39 1.89
CA VAL A 63 -7.44 -8.34 0.88
C VAL A 63 -7.24 -6.97 1.53
N TRP A 64 -6.00 -6.51 1.54
CA TRP A 64 -5.67 -5.21 2.13
C TRP A 64 -5.88 -4.09 1.12
N TYR A 65 -6.33 -2.93 1.60
CA TYR A 65 -6.57 -1.78 0.74
C TYR A 65 -5.97 -0.52 1.33
N CYS A 66 -5.47 0.36 0.46
CA CYS A 66 -4.86 1.61 0.90
C CYS A 66 -5.85 2.77 0.79
N ALA A 67 -5.82 3.66 1.77
CA ALA A 67 -6.72 4.81 1.79
C ALA A 67 -7.08 5.24 0.36
N ARG A 68 -6.06 5.51 -0.44
CA ARG A 68 -6.28 5.93 -1.82
C ARG A 68 -7.51 5.25 -2.42
N CYS A 69 -7.55 3.93 -2.33
CA CYS A 69 -8.67 3.16 -2.85
C CYS A 69 -9.81 3.08 -1.82
N THR A 70 -9.46 2.70 -0.60
CA THR A 70 -10.43 2.58 0.47
C THR A 70 -11.47 3.70 0.40
N ARG A 71 -11.00 4.92 0.20
CA ARG A 71 -11.88 6.09 0.11
C ARG A 71 -12.77 5.98 -1.11
N GLN A 72 -12.22 5.50 -2.21
CA GLN A 72 -12.97 5.35 -3.46
C GLN A 72 -14.03 4.26 -3.33
N MET A 73 -13.58 3.04 -3.09
CA MET A 73 -14.48 1.91 -2.95
C MET A 73 -15.61 2.23 -1.97
N LYS A 74 -15.27 2.94 -0.90
CA LYS A 74 -16.24 3.33 0.12
C LYS A 74 -17.09 4.49 -0.35
N ARG A 75 -18.30 4.18 -0.85
CA ARG A 75 -19.20 5.21 -1.33
C ARG A 75 -20.58 5.07 -0.67
N MET A 76 -21.03 3.83 -0.52
CA MET A 76 -22.33 3.57 0.09
C MET A 76 -23.40 4.48 -0.50
N ALA A 77 -23.38 4.63 -1.82
CA ALA A 77 -24.36 5.47 -2.50
C ALA A 77 -24.94 4.76 -3.72
N GLN A 78 -25.81 3.78 -3.47
CA GLN A 78 -26.44 3.02 -4.55
C GLN A 78 -27.67 3.75 -5.08
N LYS A 79 -27.83 3.74 -6.41
CA LYS A 79 -28.97 4.39 -7.04
C LYS A 79 -30.28 3.76 -6.58
N ASN A 80 -31.31 4.58 -6.44
CA ASN A 80 -32.63 4.11 -6.02
C ASN A 80 -33.08 2.93 -6.88
N GLN A 81 -33.33 1.79 -6.24
CA GLN A 81 -33.78 0.60 -6.94
C GLN A 81 -34.75 -0.21 -6.09
N LYS A 82 -35.49 -1.10 -6.74
CA LYS A 82 -36.46 -1.95 -6.04
C LYS A 82 -35.75 -3.01 -5.21
N SER A 83 -34.68 -3.58 -5.78
CA SER A 83 -33.92 -4.61 -5.09
C SER A 83 -33.82 -4.32 -3.60
N GLY A 84 -34.26 -5.27 -2.79
CA GLY A 84 -34.21 -5.10 -1.35
C GLY A 84 -32.80 -4.89 -0.83
N PRO A 85 -32.15 -5.99 -0.40
CA PRO A 85 -30.78 -5.94 0.12
C PRO A 85 -29.75 -5.64 -0.97
N SER A 86 -28.60 -5.12 -0.56
CA SER A 86 -27.54 -4.78 -1.50
C SER A 86 -26.27 -4.39 -0.76
N SER A 87 -25.15 -5.00 -1.14
CA SER A 87 -23.86 -4.72 -0.51
C SER A 87 -23.00 -3.84 -1.41
N GLY A 88 -22.63 -2.67 -0.91
CA GLY A 88 -21.80 -1.76 -1.68
C GLY A 88 -22.51 -0.45 -1.98
N GLY A 1 27.01 16.10 3.67
CA GLY A 1 27.44 17.20 2.84
C GLY A 1 28.65 16.85 1.98
N SER A 2 29.83 16.91 2.59
CA SER A 2 31.08 16.61 1.89
C SER A 2 31.57 15.21 2.25
N SER A 3 31.03 14.20 1.57
CA SER A 3 31.41 12.82 1.83
C SER A 3 30.99 11.91 0.69
N GLY A 4 31.85 10.96 0.33
CA GLY A 4 31.55 10.05 -0.75
C GLY A 4 30.70 8.88 -0.29
N SER A 5 31.14 7.67 -0.62
CA SER A 5 30.41 6.46 -0.24
C SER A 5 31.32 5.23 -0.33
N SER A 6 30.89 4.15 0.32
CA SER A 6 31.66 2.91 0.32
C SER A 6 30.81 1.74 -0.16
N GLY A 7 31.26 1.08 -1.23
CA GLY A 7 30.54 -0.04 -1.77
C GLY A 7 29.07 0.27 -1.99
N ALA A 8 28.30 -0.75 -2.38
CA ALA A 8 26.87 -0.58 -2.63
C ALA A 8 26.05 -1.10 -1.45
N ASP A 9 24.73 -0.93 -1.54
CA ASP A 9 23.83 -1.39 -0.49
C ASP A 9 22.45 -1.69 -1.05
N ASP A 10 21.81 -2.72 -0.51
CA ASP A 10 20.48 -3.12 -0.96
C ASP A 10 19.63 -1.90 -1.28
N PHE A 11 18.74 -2.05 -2.25
CA PHE A 11 17.86 -0.95 -2.65
C PHE A 11 16.58 -1.49 -3.30
N ALA A 12 15.57 -0.63 -3.40
CA ALA A 12 14.30 -1.02 -4.00
C ALA A 12 14.49 -1.44 -5.46
N MET A 13 15.41 -0.77 -6.15
CA MET A 13 15.68 -1.08 -7.55
C MET A 13 15.75 -2.59 -7.77
N GLU A 14 16.36 -3.30 -6.82
CA GLU A 14 16.49 -4.75 -6.92
C GLU A 14 15.35 -5.44 -6.20
N MET A 15 15.37 -5.40 -4.87
CA MET A 15 14.34 -6.04 -4.06
C MET A 15 12.95 -5.54 -4.48
N GLY A 16 12.71 -4.24 -4.31
CA GLY A 16 11.44 -3.67 -4.67
C GLY A 16 10.36 -3.97 -3.65
N LEU A 17 10.72 -3.91 -2.37
CA LEU A 17 9.78 -4.18 -1.30
C LEU A 17 9.58 -2.96 -0.42
N ALA A 18 9.91 -1.79 -0.96
CA ALA A 18 9.76 -0.53 -0.24
C ALA A 18 8.36 0.04 -0.42
N CYS A 19 7.86 0.70 0.62
CA CYS A 19 6.52 1.29 0.58
C CYS A 19 6.47 2.43 -0.43
N VAL A 20 5.34 3.12 -0.47
CA VAL A 20 5.16 4.24 -1.39
C VAL A 20 5.14 5.57 -0.64
N VAL A 21 4.91 5.51 0.67
CA VAL A 21 4.88 6.71 1.49
C VAL A 21 6.27 7.34 1.61
N CYS A 22 7.12 6.71 2.42
CA CYS A 22 8.48 7.21 2.62
C CYS A 22 9.43 6.60 1.59
N ARG A 23 8.99 5.55 0.93
CA ARG A 23 9.81 4.88 -0.07
C ARG A 23 11.03 4.22 0.57
N GLN A 24 10.80 3.45 1.62
CA GLN A 24 11.88 2.77 2.33
C GLN A 24 11.58 1.29 2.50
N MET A 25 12.57 0.54 2.97
CA MET A 25 12.40 -0.89 3.19
C MET A 25 12.59 -1.25 4.65
N THR A 26 12.94 -0.25 5.47
CA THR A 26 13.14 -0.47 6.90
C THR A 26 11.88 -0.99 7.55
N VAL A 27 11.98 -2.16 8.18
CA VAL A 27 10.86 -2.78 8.86
C VAL A 27 11.25 -3.27 10.25
N ALA A 28 10.29 -3.86 10.95
CA ALA A 28 10.53 -4.37 12.29
C ALA A 28 9.56 -5.51 12.63
N SER A 29 9.79 -6.15 13.77
CA SER A 29 8.96 -7.27 14.20
C SER A 29 7.48 -6.90 14.08
N GLY A 30 7.11 -5.74 14.61
CA GLY A 30 5.73 -5.30 14.55
C GLY A 30 5.47 -4.34 13.41
N ASN A 31 6.46 -3.49 13.12
CA ASN A 31 6.34 -2.52 12.04
C ASN A 31 6.82 -3.10 10.72
N GLN A 32 5.95 -3.86 10.06
CA GLN A 32 6.29 -4.47 8.78
C GLN A 32 5.65 -3.72 7.62
N LEU A 33 5.83 -4.24 6.41
CA LEU A 33 5.27 -3.61 5.22
C LEU A 33 4.00 -4.32 4.77
N VAL A 34 3.16 -3.62 4.01
CA VAL A 34 1.91 -4.19 3.52
C VAL A 34 1.76 -3.95 2.02
N GLU A 35 0.97 -4.80 1.36
CA GLU A 35 0.75 -4.69 -0.07
C GLU A 35 -0.75 -4.70 -0.38
N CYS A 36 -1.22 -3.61 -0.99
CA CYS A 36 -2.63 -3.49 -1.35
C CYS A 36 -3.01 -4.54 -2.40
N GLN A 37 -4.31 -4.79 -2.53
CA GLN A 37 -4.82 -5.76 -3.49
C GLN A 37 -5.32 -5.07 -4.75
N GLU A 38 -5.76 -3.83 -4.60
CA GLU A 38 -6.28 -3.05 -5.72
C GLU A 38 -5.14 -2.33 -6.45
N CYS A 39 -4.56 -1.33 -5.78
CA CYS A 39 -3.47 -0.56 -6.37
C CYS A 39 -2.18 -1.36 -6.37
N HIS A 40 -2.11 -2.37 -5.49
CA HIS A 40 -0.93 -3.22 -5.39
C HIS A 40 0.29 -2.40 -4.98
N ASN A 41 0.06 -1.38 -4.16
CA ASN A 41 1.13 -0.52 -3.68
C ASN A 41 1.60 -0.96 -2.30
N LEU A 42 2.88 -0.72 -2.01
CA LEU A 42 3.45 -1.09 -0.72
C LEU A 42 3.27 0.04 0.29
N TYR A 43 2.69 -0.30 1.44
CA TYR A 43 2.45 0.68 2.50
C TYR A 43 2.92 0.15 3.85
N HIS A 44 3.84 0.89 4.47
CA HIS A 44 4.37 0.49 5.77
C HIS A 44 3.29 0.52 6.84
N GLN A 45 3.16 -0.58 7.58
CA GLN A 45 2.16 -0.69 8.63
C GLN A 45 2.02 0.63 9.38
N ASP A 46 3.09 1.42 9.38
CA ASP A 46 3.08 2.71 10.06
C ASP A 46 2.75 3.84 9.09
N CYS A 47 3.63 4.03 8.10
CA CYS A 47 3.43 5.09 7.11
C CYS A 47 1.95 5.26 6.78
N HIS A 48 1.25 4.14 6.66
CA HIS A 48 -0.17 4.16 6.34
C HIS A 48 -0.96 4.91 7.41
N LYS A 49 -2.12 5.44 7.04
CA LYS A 49 -2.96 6.17 7.98
C LYS A 49 -3.37 5.30 9.15
N PRO A 50 -4.22 4.30 8.87
CA PRO A 50 -4.71 3.36 9.90
C PRO A 50 -3.61 2.42 10.39
N GLN A 51 -3.23 2.58 11.66
CA GLN A 51 -2.19 1.75 12.24
C GLN A 51 -2.44 0.28 11.95
N VAL A 52 -1.68 -0.27 11.01
CA VAL A 52 -1.82 -1.68 10.64
C VAL A 52 -1.15 -2.59 11.66
N THR A 53 -1.88 -3.62 12.09
CA THR A 53 -1.36 -4.56 13.07
C THR A 53 -0.55 -5.67 12.40
N ASP A 54 -0.09 -6.62 13.19
CA ASP A 54 0.69 -7.74 12.67
C ASP A 54 -0.22 -8.89 12.24
N LYS A 55 -1.34 -9.04 12.93
CA LYS A 55 -2.29 -10.10 12.63
C LYS A 55 -2.99 -9.83 11.30
N GLU A 56 -3.31 -8.56 11.04
CA GLU A 56 -3.98 -8.17 9.82
C GLU A 56 -3.16 -8.58 8.60
N VAL A 57 -1.96 -8.04 8.50
CA VAL A 57 -1.06 -8.34 7.38
C VAL A 57 -0.82 -9.84 7.26
N ASN A 58 -0.77 -10.51 8.41
CA ASN A 58 -0.54 -11.95 8.44
C ASN A 58 -1.67 -12.70 7.75
N ASP A 59 -2.89 -12.50 8.24
CA ASP A 59 -4.06 -13.15 7.66
C ASP A 59 -3.99 -13.16 6.13
N PRO A 60 -3.61 -14.31 5.56
CA PRO A 60 -3.49 -14.48 4.12
C PRO A 60 -4.85 -14.46 3.42
N ARG A 61 -5.92 -14.53 4.20
CA ARG A 61 -7.27 -14.52 3.66
C ARG A 61 -7.90 -13.14 3.82
N LEU A 62 -7.13 -12.17 4.29
CA LEU A 62 -7.62 -10.81 4.49
C LEU A 62 -7.25 -9.93 3.30
N VAL A 63 -8.19 -9.09 2.89
CA VAL A 63 -7.97 -8.17 1.77
C VAL A 63 -7.63 -6.77 2.26
N TRP A 64 -6.36 -6.38 2.12
CA TRP A 64 -5.92 -5.07 2.54
C TRP A 64 -6.13 -4.04 1.43
N TYR A 65 -6.69 -2.89 1.80
CA TYR A 65 -6.95 -1.82 0.84
C TYR A 65 -6.48 -0.48 1.39
N CYS A 66 -5.49 0.11 0.74
CA CYS A 66 -4.96 1.40 1.16
C CYS A 66 -6.00 2.50 0.99
N ALA A 67 -5.94 3.50 1.86
CA ALA A 67 -6.89 4.62 1.81
C ALA A 67 -7.18 5.02 0.36
N ARG A 68 -6.13 5.35 -0.38
CA ARG A 68 -6.27 5.74 -1.77
C ARG A 68 -7.43 5.00 -2.44
N CYS A 69 -7.54 3.71 -2.15
CA CYS A 69 -8.60 2.89 -2.71
C CYS A 69 -9.85 2.94 -1.85
N THR A 70 -9.68 2.76 -0.54
CA THR A 70 -10.78 2.79 0.39
C THR A 70 -11.71 3.97 0.12
N ARG A 71 -11.12 5.14 -0.10
CA ARG A 71 -11.89 6.35 -0.38
C ARG A 71 -12.74 6.17 -1.63
N GLN A 72 -12.21 5.44 -2.60
CA GLN A 72 -12.92 5.20 -3.85
C GLN A 72 -14.09 4.23 -3.64
N MET A 73 -13.77 3.00 -3.23
CA MET A 73 -14.79 2.00 -2.98
C MET A 73 -15.91 2.55 -2.11
N LYS A 74 -15.53 3.32 -1.10
CA LYS A 74 -16.51 3.92 -0.20
C LYS A 74 -17.67 4.54 -0.97
N ARG A 75 -18.77 4.82 -0.27
CA ARG A 75 -19.94 5.41 -0.89
C ARG A 75 -19.66 6.84 -1.34
N MET A 76 -19.05 7.62 -0.46
CA MET A 76 -18.73 9.01 -0.77
C MET A 76 -18.23 9.14 -2.20
N ALA A 77 -17.69 8.07 -2.74
CA ALA A 77 -17.18 8.06 -4.10
C ALA A 77 -17.90 7.01 -4.96
N GLN A 78 -19.18 7.25 -5.21
CA GLN A 78 -19.98 6.32 -6.00
C GLN A 78 -19.97 6.72 -7.48
N LYS A 79 -19.38 5.86 -8.30
CA LYS A 79 -19.30 6.12 -9.74
C LYS A 79 -18.94 4.85 -10.50
N ASN A 80 -19.13 4.89 -11.82
CA ASN A 80 -18.81 3.73 -12.66
C ASN A 80 -17.44 3.17 -12.32
N GLN A 81 -17.44 2.06 -11.58
CA GLN A 81 -16.19 1.42 -11.18
C GLN A 81 -16.18 -0.06 -11.59
N LYS A 82 -15.01 -0.57 -11.95
CA LYS A 82 -14.87 -1.96 -12.35
C LYS A 82 -14.64 -2.85 -11.14
N SER A 83 -15.72 -3.23 -10.48
CA SER A 83 -15.63 -4.09 -9.30
C SER A 83 -17.02 -4.56 -8.85
N GLY A 84 -17.18 -5.86 -8.70
CA GLY A 84 -18.46 -6.41 -8.29
C GLY A 84 -18.58 -6.50 -6.78
N PRO A 85 -19.37 -7.48 -6.30
CA PRO A 85 -19.59 -7.70 -4.87
C PRO A 85 -18.35 -8.21 -4.17
N SER A 86 -18.19 -7.84 -2.90
CA SER A 86 -17.04 -8.26 -2.11
C SER A 86 -17.41 -9.42 -1.20
N SER A 87 -16.40 -10.00 -0.55
CA SER A 87 -16.61 -11.12 0.36
C SER A 87 -16.12 -10.78 1.77
N GLY A 88 -16.31 -11.73 2.69
CA GLY A 88 -15.88 -11.51 4.06
C GLY A 88 -17.01 -11.69 5.05
N GLY A 1 19.52 14.32 -27.90
CA GLY A 1 20.02 13.02 -28.30
C GLY A 1 19.45 11.89 -27.46
N SER A 2 19.32 10.71 -28.06
CA SER A 2 18.79 9.55 -27.36
C SER A 2 19.91 8.65 -26.86
N SER A 3 19.82 8.24 -25.60
CA SER A 3 20.82 7.37 -24.99
C SER A 3 20.38 6.90 -23.62
N GLY A 4 20.79 5.69 -23.25
CA GLY A 4 20.41 5.13 -21.96
C GLY A 4 21.26 3.93 -21.58
N SER A 5 22.26 4.17 -20.74
CA SER A 5 23.15 3.10 -20.30
C SER A 5 22.51 2.28 -19.17
N SER A 6 22.60 0.96 -19.28
CA SER A 6 22.03 0.06 -18.28
C SER A 6 23.00 -0.13 -17.12
N GLY A 7 22.90 0.75 -16.12
CA GLY A 7 23.78 0.65 -14.96
C GLY A 7 23.56 1.79 -13.98
N ALA A 8 23.54 1.45 -12.69
CA ALA A 8 23.34 2.45 -11.65
C ALA A 8 23.52 1.84 -10.27
N ASP A 9 23.48 2.69 -9.24
CA ASP A 9 23.65 2.23 -7.87
C ASP A 9 22.42 1.44 -7.41
N ASP A 10 22.64 0.49 -6.52
CA ASP A 10 21.56 -0.34 -5.99
C ASP A 10 20.36 0.52 -5.61
N PHE A 11 19.17 -0.05 -5.78
CA PHE A 11 17.94 0.67 -5.45
C PHE A 11 16.78 -0.31 -5.24
N ALA A 12 15.94 -0.01 -4.25
CA ALA A 12 14.80 -0.86 -3.95
C ALA A 12 14.08 -1.32 -5.22
N MET A 13 13.94 -0.39 -6.17
CA MET A 13 13.28 -0.70 -7.43
C MET A 13 13.62 -2.11 -7.89
N GLU A 14 14.90 -2.46 -7.85
CA GLU A 14 15.35 -3.78 -8.26
C GLU A 14 14.32 -4.85 -7.90
N MET A 15 14.08 -5.02 -6.60
CA MET A 15 13.12 -6.01 -6.13
C MET A 15 11.74 -5.38 -5.96
N GLY A 16 11.69 -4.23 -5.30
CA GLY A 16 10.43 -3.54 -5.08
C GLY A 16 9.71 -4.03 -3.84
N LEU A 17 10.33 -3.83 -2.67
CA LEU A 17 9.74 -4.25 -1.41
C LEU A 17 9.58 -3.08 -0.46
N ALA A 18 9.64 -1.87 -1.01
CA ALA A 18 9.49 -0.65 -0.21
C ALA A 18 8.11 -0.04 -0.41
N CYS A 19 7.62 0.63 0.64
CA CYS A 19 6.31 1.26 0.59
C CYS A 19 6.29 2.38 -0.45
N VAL A 20 5.16 3.08 -0.54
CA VAL A 20 5.01 4.18 -1.49
C VAL A 20 5.06 5.53 -0.78
N VAL A 21 4.84 5.52 0.54
CA VAL A 21 4.85 6.73 1.33
C VAL A 21 6.26 7.32 1.41
N CYS A 22 7.11 6.70 2.23
CA CYS A 22 8.48 7.15 2.41
C CYS A 22 9.42 6.45 1.42
N ARG A 23 8.91 5.39 0.79
CA ARG A 23 9.70 4.65 -0.18
C ARG A 23 10.91 4.00 0.49
N GLN A 24 10.67 3.25 1.55
CA GLN A 24 11.74 2.58 2.28
C GLN A 24 11.41 1.11 2.51
N MET A 25 12.35 0.38 3.09
CA MET A 25 12.16 -1.04 3.36
C MET A 25 12.36 -1.33 4.85
N THR A 26 12.65 -0.30 5.62
CA THR A 26 12.86 -0.45 7.06
C THR A 26 11.59 -0.94 7.75
N VAL A 27 11.69 -2.09 8.41
CA VAL A 27 10.55 -2.66 9.12
C VAL A 27 10.96 -3.17 10.50
N ALA A 28 9.97 -3.49 11.31
CA ALA A 28 10.22 -4.00 12.66
C ALA A 28 8.93 -4.44 13.34
N SER A 29 9.06 -5.05 14.51
CA SER A 29 7.90 -5.52 15.26
C SER A 29 6.87 -4.40 15.43
N GLY A 30 5.69 -4.60 14.87
CA GLY A 30 4.64 -3.61 14.97
C GLY A 30 4.62 -2.65 13.79
N ASN A 31 5.78 -2.48 13.16
CA ASN A 31 5.91 -1.59 12.01
C ASN A 31 6.39 -2.35 10.79
N GLN A 32 5.53 -3.21 10.25
CA GLN A 32 5.87 -3.99 9.07
C GLN A 32 5.33 -3.34 7.80
N LEU A 33 5.50 -4.02 6.67
CA LEU A 33 5.03 -3.50 5.39
C LEU A 33 3.75 -4.21 4.95
N VAL A 34 2.97 -3.54 4.13
CA VAL A 34 1.71 -4.11 3.62
C VAL A 34 1.59 -3.92 2.12
N GLU A 35 0.73 -4.73 1.50
CA GLU A 35 0.52 -4.66 0.06
C GLU A 35 -0.97 -4.59 -0.26
N CYS A 36 -1.36 -3.56 -1.02
CA CYS A 36 -2.76 -3.39 -1.40
C CYS A 36 -3.18 -4.43 -2.44
N GLN A 37 -4.48 -4.63 -2.56
CA GLN A 37 -5.01 -5.60 -3.51
C GLN A 37 -5.48 -4.91 -4.78
N GLU A 38 -5.89 -3.65 -4.66
CA GLU A 38 -6.35 -2.89 -5.81
C GLU A 38 -5.18 -2.21 -6.52
N CYS A 39 -4.60 -1.21 -5.88
CA CYS A 39 -3.48 -0.48 -6.45
C CYS A 39 -2.22 -1.34 -6.45
N HIS A 40 -2.18 -2.32 -5.56
CA HIS A 40 -1.03 -3.22 -5.45
C HIS A 40 0.23 -2.45 -5.06
N ASN A 41 0.04 -1.44 -4.20
CA ASN A 41 1.16 -0.63 -3.73
C ASN A 41 1.56 -1.01 -2.31
N LEU A 42 2.84 -0.84 -2.00
CA LEU A 42 3.35 -1.16 -0.67
C LEU A 42 3.13 0.00 0.30
N TYR A 43 2.53 -0.30 1.44
CA TYR A 43 2.27 0.72 2.46
C TYR A 43 2.72 0.25 3.83
N HIS A 44 3.66 0.98 4.42
CA HIS A 44 4.18 0.64 5.75
C HIS A 44 3.09 0.77 6.80
N GLN A 45 2.85 -0.32 7.52
CA GLN A 45 1.84 -0.34 8.57
C GLN A 45 1.76 1.01 9.29
N ASP A 46 2.90 1.70 9.36
CA ASP A 46 2.96 3.00 10.00
C ASP A 46 2.68 4.12 9.01
N CYS A 47 3.53 4.24 8.00
CA CYS A 47 3.38 5.27 6.98
C CYS A 47 1.91 5.46 6.62
N HIS A 48 1.18 4.35 6.55
CA HIS A 48 -0.24 4.40 6.22
C HIS A 48 -1.03 5.15 7.29
N LYS A 49 -2.28 5.48 6.97
CA LYS A 49 -3.14 6.20 7.89
C LYS A 49 -3.60 5.29 9.03
N PRO A 50 -4.36 4.24 8.67
CA PRO A 50 -4.88 3.27 9.64
C PRO A 50 -3.78 2.39 10.23
N GLN A 51 -3.44 2.65 11.49
CA GLN A 51 -2.41 1.88 12.17
C GLN A 51 -2.59 0.38 11.93
N VAL A 52 -1.84 -0.16 10.98
CA VAL A 52 -1.92 -1.57 10.66
C VAL A 52 -1.05 -2.40 11.59
N THR A 53 -1.54 -3.59 11.94
CA THR A 53 -0.81 -4.48 12.84
C THR A 53 -0.36 -5.75 12.11
N ASP A 54 0.38 -6.59 12.81
CA ASP A 54 0.88 -7.83 12.24
C ASP A 54 -0.26 -8.82 12.01
N LYS A 55 -1.00 -9.10 13.08
CA LYS A 55 -2.13 -10.03 13.00
C LYS A 55 -2.89 -9.85 11.69
N GLU A 56 -2.89 -8.64 11.16
CA GLU A 56 -3.58 -8.34 9.91
C GLU A 56 -2.83 -8.93 8.73
N VAL A 57 -1.69 -8.33 8.39
CA VAL A 57 -0.88 -8.80 7.27
C VAL A 57 -0.69 -10.31 7.34
N ASN A 58 -0.70 -10.86 8.55
CA ASN A 58 -0.53 -12.29 8.74
C ASN A 58 -1.65 -13.08 8.06
N ASP A 59 -2.88 -12.59 8.20
CA ASP A 59 -4.03 -13.24 7.60
C ASP A 59 -3.92 -13.24 6.08
N PRO A 60 -3.71 -14.43 5.50
CA PRO A 60 -3.58 -14.59 4.05
C PRO A 60 -4.91 -14.35 3.31
N ARG A 61 -5.99 -14.81 3.92
CA ARG A 61 -7.32 -14.65 3.33
C ARG A 61 -7.92 -13.29 3.68
N LEU A 62 -7.04 -12.32 3.91
CA LEU A 62 -7.48 -10.96 4.27
C LEU A 62 -7.31 -10.01 3.09
N VAL A 63 -8.26 -9.09 2.93
CA VAL A 63 -8.21 -8.12 1.85
C VAL A 63 -7.85 -6.74 2.36
N TRP A 64 -6.63 -6.30 2.09
CA TRP A 64 -6.15 -5.00 2.53
C TRP A 64 -6.31 -3.96 1.42
N TYR A 65 -6.85 -2.80 1.77
CA TYR A 65 -7.05 -1.73 0.81
C TYR A 65 -6.57 -0.39 1.36
N CYS A 66 -5.57 0.20 0.69
CA CYS A 66 -5.01 1.46 1.11
C CYS A 66 -6.02 2.60 0.91
N ALA A 67 -6.07 3.51 1.87
CA ALA A 67 -6.98 4.65 1.80
C ALA A 67 -7.18 5.10 0.35
N ARG A 68 -6.09 5.48 -0.30
CA ARG A 68 -6.14 5.95 -1.68
C ARG A 68 -7.28 5.27 -2.43
N CYS A 69 -7.37 3.94 -2.28
CA CYS A 69 -8.41 3.18 -2.96
C CYS A 69 -9.73 3.25 -2.18
N THR A 70 -9.65 3.00 -0.88
CA THR A 70 -10.84 3.05 -0.03
C THR A 70 -11.68 4.28 -0.32
N ARG A 71 -11.03 5.44 -0.42
CA ARG A 71 -11.72 6.68 -0.70
C ARG A 71 -12.50 6.59 -2.01
N GLN A 72 -12.01 5.77 -2.94
CA GLN A 72 -12.66 5.60 -4.22
C GLN A 72 -13.90 4.71 -4.10
N MET A 73 -13.70 3.51 -3.58
CA MET A 73 -14.79 2.56 -3.41
C MET A 73 -15.97 3.22 -2.69
N LYS A 74 -15.67 4.10 -1.74
CA LYS A 74 -16.70 4.79 -0.99
C LYS A 74 -17.92 5.09 -1.87
N ARG A 75 -19.09 5.12 -1.25
CA ARG A 75 -20.32 5.39 -1.98
C ARG A 75 -20.40 6.85 -2.41
N MET A 76 -19.98 7.74 -1.51
CA MET A 76 -20.00 9.17 -1.81
C MET A 76 -18.74 9.60 -2.54
N ALA A 77 -18.18 8.68 -3.32
CA ALA A 77 -16.97 8.95 -4.09
C ALA A 77 -17.24 8.90 -5.59
N GLN A 78 -18.36 9.49 -6.00
CA GLN A 78 -18.74 9.51 -7.41
C GLN A 78 -19.42 10.83 -7.77
N LYS A 79 -19.13 11.33 -8.97
CA LYS A 79 -19.70 12.59 -9.43
C LYS A 79 -20.60 12.35 -10.64
N ASN A 80 -21.38 11.28 -10.60
CA ASN A 80 -22.28 10.94 -11.70
C ASN A 80 -23.43 10.05 -11.20
N GLN A 81 -24.44 9.89 -12.04
CA GLN A 81 -25.59 9.06 -11.70
C GLN A 81 -25.19 7.61 -11.50
N LYS A 82 -26.11 6.80 -11.00
CA LYS A 82 -25.85 5.39 -10.77
C LYS A 82 -27.04 4.53 -11.21
N SER A 83 -26.82 3.23 -11.33
CA SER A 83 -27.87 2.31 -11.74
C SER A 83 -28.52 1.65 -10.53
N GLY A 84 -29.56 0.86 -10.78
CA GLY A 84 -30.26 0.19 -9.71
C GLY A 84 -29.34 -0.70 -8.88
N PRO A 85 -28.89 -1.81 -9.48
CA PRO A 85 -28.00 -2.77 -8.82
C PRO A 85 -26.60 -2.21 -8.61
N SER A 86 -26.15 -2.21 -7.35
CA SER A 86 -24.83 -1.69 -7.01
C SER A 86 -23.83 -2.83 -6.85
N SER A 87 -22.61 -2.60 -7.32
CA SER A 87 -21.55 -3.61 -7.23
C SER A 87 -21.24 -3.94 -5.78
N GLY A 88 -21.31 -5.23 -5.45
CA GLY A 88 -21.04 -5.67 -4.10
C GLY A 88 -22.12 -5.25 -3.12
N GLY A 1 24.18 10.48 -21.28
CA GLY A 1 25.04 9.33 -21.06
C GLY A 1 24.57 8.10 -21.81
N SER A 2 24.20 7.07 -21.06
CA SER A 2 23.73 5.82 -21.67
C SER A 2 22.28 5.94 -22.11
N SER A 3 21.97 5.34 -23.25
CA SER A 3 20.61 5.39 -23.79
C SER A 3 19.84 4.12 -23.43
N GLY A 4 20.47 2.97 -23.64
CA GLY A 4 19.83 1.70 -23.33
C GLY A 4 20.66 0.85 -22.41
N SER A 5 21.11 1.43 -21.30
CA SER A 5 21.93 0.70 -20.33
C SER A 5 21.23 -0.57 -19.87
N SER A 6 21.95 -1.40 -19.13
CA SER A 6 21.40 -2.66 -18.62
C SER A 6 20.51 -2.41 -17.40
N GLY A 7 21.08 -1.77 -16.39
CA GLY A 7 20.33 -1.48 -15.18
C GLY A 7 21.14 -1.73 -13.92
N ALA A 8 20.86 -2.84 -13.26
CA ALA A 8 21.57 -3.20 -12.04
C ALA A 8 21.39 -4.68 -11.71
N ASP A 9 22.19 -5.17 -10.76
CA ASP A 9 22.11 -6.57 -10.36
C ASP A 9 20.86 -6.83 -9.54
N ASP A 10 20.26 -8.01 -9.73
CA ASP A 10 19.05 -8.38 -9.00
C ASP A 10 19.26 -8.27 -7.51
N PHE A 11 18.49 -7.40 -6.86
CA PHE A 11 18.61 -7.20 -5.41
C PHE A 11 17.30 -6.68 -4.84
N ALA A 12 17.22 -6.63 -3.51
CA ALA A 12 16.02 -6.15 -2.83
C ALA A 12 15.38 -5.00 -3.60
N MET A 13 16.21 -4.06 -4.04
CA MET A 13 15.72 -2.91 -4.78
C MET A 13 14.72 -3.32 -5.85
N GLU A 14 15.12 -4.27 -6.70
CA GLU A 14 14.26 -4.75 -7.76
C GLU A 14 13.09 -5.55 -7.20
N MET A 15 13.41 -6.48 -6.30
CA MET A 15 12.40 -7.31 -5.67
C MET A 15 11.09 -6.54 -5.47
N GLY A 16 11.21 -5.32 -4.94
CA GLY A 16 10.04 -4.50 -4.72
C GLY A 16 9.35 -4.83 -3.41
N LEU A 17 10.00 -4.52 -2.30
CA LEU A 17 9.45 -4.80 -0.97
C LEU A 17 9.41 -3.53 -0.12
N ALA A 18 9.43 -2.38 -0.78
CA ALA A 18 9.41 -1.09 -0.09
C ALA A 18 8.07 -0.39 -0.29
N CYS A 19 7.62 0.32 0.74
CA CYS A 19 6.36 1.05 0.67
C CYS A 19 6.41 2.15 -0.37
N VAL A 20 5.32 2.89 -0.50
CA VAL A 20 5.25 3.99 -1.46
C VAL A 20 5.33 5.34 -0.77
N VAL A 21 5.12 5.34 0.55
CA VAL A 21 5.16 6.56 1.33
C VAL A 21 6.58 7.11 1.42
N CYS A 22 7.41 6.45 2.24
CA CYS A 22 8.80 6.88 2.41
C CYS A 22 9.70 6.16 1.41
N ARG A 23 9.16 5.14 0.75
CA ARG A 23 9.92 4.37 -0.23
C ARG A 23 11.11 3.67 0.43
N GLN A 24 10.82 2.91 1.48
CA GLN A 24 11.86 2.18 2.20
C GLN A 24 11.45 0.73 2.41
N MET A 25 12.41 -0.09 2.84
CA MET A 25 12.16 -1.50 3.08
C MET A 25 12.24 -1.83 4.58
N THR A 26 12.88 -0.95 5.32
CA THR A 26 13.04 -1.14 6.76
C THR A 26 11.70 -1.44 7.42
N VAL A 27 11.74 -2.25 8.49
CA VAL A 27 10.53 -2.63 9.21
C VAL A 27 10.84 -2.98 10.66
N ALA A 28 9.83 -3.43 11.38
CA ALA A 28 10.00 -3.80 12.78
C ALA A 28 9.09 -4.97 13.15
N SER A 29 9.57 -5.82 14.05
CA SER A 29 8.81 -6.98 14.48
C SER A 29 7.32 -6.65 14.56
N GLY A 30 7.01 -5.44 14.99
CA GLY A 30 5.62 -5.02 15.10
C GLY A 30 5.13 -4.31 13.86
N ASN A 31 5.85 -3.26 13.46
CA ASN A 31 5.47 -2.49 12.28
C ASN A 31 6.10 -3.07 11.03
N GLN A 32 5.30 -3.80 10.25
CA GLN A 32 5.78 -4.42 9.03
C GLN A 32 5.20 -3.72 7.80
N LEU A 33 5.47 -4.27 6.62
CA LEU A 33 4.98 -3.69 5.38
C LEU A 33 3.68 -4.36 4.94
N VAL A 34 2.93 -3.68 4.10
CA VAL A 34 1.66 -4.21 3.59
C VAL A 34 1.50 -3.93 2.10
N GLU A 35 0.68 -4.75 1.44
CA GLU A 35 0.44 -4.58 0.01
C GLU A 35 -1.06 -4.53 -0.28
N CYS A 36 -1.48 -3.54 -1.06
CA CYS A 36 -2.88 -3.38 -1.42
C CYS A 36 -3.29 -4.41 -2.48
N GLN A 37 -4.60 -4.60 -2.64
CA GLN A 37 -5.12 -5.54 -3.61
C GLN A 37 -5.56 -4.82 -4.89
N GLU A 38 -6.09 -3.61 -4.73
CA GLU A 38 -6.56 -2.82 -5.86
C GLU A 38 -5.39 -2.12 -6.54
N CYS A 39 -4.78 -1.17 -5.84
CA CYS A 39 -3.66 -0.43 -6.38
C CYS A 39 -2.39 -1.28 -6.40
N HIS A 40 -2.34 -2.27 -5.51
CA HIS A 40 -1.19 -3.17 -5.43
C HIS A 40 0.07 -2.40 -5.05
N ASN A 41 -0.09 -1.43 -4.16
CA ASN A 41 1.04 -0.62 -3.70
C ASN A 41 1.45 -1.00 -2.29
N LEU A 42 2.73 -0.84 -1.98
CA LEU A 42 3.25 -1.18 -0.66
C LEU A 42 3.10 0.00 0.30
N TYR A 43 2.50 -0.27 1.46
CA TYR A 43 2.28 0.76 2.46
C TYR A 43 2.69 0.27 3.85
N HIS A 44 3.73 0.88 4.39
CA HIS A 44 4.23 0.51 5.72
C HIS A 44 3.13 0.62 6.76
N GLN A 45 2.90 -0.46 7.50
CA GLN A 45 1.87 -0.48 8.54
C GLN A 45 1.78 0.86 9.24
N ASP A 46 2.91 1.57 9.29
CA ASP A 46 2.96 2.88 9.94
C ASP A 46 2.71 3.99 8.94
N CYS A 47 3.63 4.14 8.00
CA CYS A 47 3.52 5.18 6.97
C CYS A 47 2.06 5.40 6.58
N HIS A 48 1.31 4.30 6.49
CA HIS A 48 -0.11 4.36 6.13
C HIS A 48 -0.89 5.19 7.14
N LYS A 49 -2.04 5.69 6.71
CA LYS A 49 -2.89 6.51 7.58
C LYS A 49 -3.40 5.69 8.77
N PRO A 50 -4.26 4.71 8.49
CA PRO A 50 -4.83 3.84 9.52
C PRO A 50 -3.79 2.89 10.11
N GLN A 51 -3.45 3.11 11.37
CA GLN A 51 -2.47 2.27 12.05
C GLN A 51 -2.76 0.79 11.82
N VAL A 52 -2.01 0.18 10.90
CA VAL A 52 -2.19 -1.23 10.58
C VAL A 52 -1.59 -2.12 11.67
N THR A 53 -2.19 -3.28 11.88
CA THR A 53 -1.71 -4.22 12.90
C THR A 53 -1.02 -5.42 12.24
N ASP A 54 -0.42 -6.27 13.07
CA ASP A 54 0.28 -7.44 12.58
C ASP A 54 -0.71 -8.51 12.12
N LYS A 55 -1.61 -8.89 13.01
CA LYS A 55 -2.62 -9.91 12.71
C LYS A 55 -3.06 -9.80 11.25
N GLU A 56 -3.10 -8.58 10.73
CA GLU A 56 -3.50 -8.34 9.35
C GLU A 56 -2.46 -8.89 8.38
N VAL A 57 -1.29 -8.27 8.38
CA VAL A 57 -0.20 -8.69 7.50
C VAL A 57 -0.12 -10.21 7.42
N ASN A 58 -0.29 -10.87 8.56
CA ASN A 58 -0.23 -12.33 8.62
C ASN A 58 -1.36 -12.94 7.78
N ASP A 59 -2.59 -12.57 8.10
CA ASP A 59 -3.75 -13.09 7.39
C ASP A 59 -3.46 -13.19 5.89
N PRO A 60 -3.16 -14.41 5.42
CA PRO A 60 -2.87 -14.67 4.01
C PRO A 60 -4.09 -14.53 3.12
N ARG A 61 -5.27 -14.78 3.69
CA ARG A 61 -6.52 -14.68 2.95
C ARG A 61 -7.24 -13.38 3.28
N LEU A 62 -6.47 -12.36 3.64
CA LEU A 62 -7.03 -11.05 3.97
C LEU A 62 -6.81 -10.05 2.84
N VAL A 63 -7.84 -9.28 2.53
CA VAL A 63 -7.76 -8.28 1.47
C VAL A 63 -7.51 -6.89 2.04
N TRP A 64 -6.25 -6.44 1.96
CA TRP A 64 -5.88 -5.13 2.47
C TRP A 64 -6.06 -4.06 1.41
N TYR A 65 -6.43 -2.85 1.83
CA TYR A 65 -6.65 -1.74 0.92
C TYR A 65 -6.01 -0.46 1.45
N CYS A 66 -5.52 0.37 0.54
CA CYS A 66 -4.89 1.62 0.93
C CYS A 66 -5.87 2.79 0.81
N ALA A 67 -5.79 3.73 1.75
CA ALA A 67 -6.67 4.89 1.75
C ALA A 67 -7.03 5.30 0.33
N ARG A 68 -6.01 5.49 -0.51
CA ARG A 68 -6.23 5.89 -1.90
C ARG A 68 -7.47 5.23 -2.47
N CYS A 69 -7.57 3.91 -2.29
CA CYS A 69 -8.71 3.15 -2.79
C CYS A 69 -9.81 3.08 -1.74
N THR A 70 -9.44 2.72 -0.52
CA THR A 70 -10.41 2.62 0.57
C THR A 70 -11.41 3.76 0.52
N ARG A 71 -10.93 4.97 0.27
CA ARG A 71 -11.78 6.14 0.20
C ARG A 71 -12.74 6.04 -0.98
N GLN A 72 -12.26 5.48 -2.09
CA GLN A 72 -13.08 5.32 -3.28
C GLN A 72 -14.21 4.33 -3.04
N MET A 73 -13.86 3.09 -2.77
CA MET A 73 -14.85 2.05 -2.51
C MET A 73 -15.93 2.54 -1.57
N LYS A 74 -15.55 3.42 -0.65
CA LYS A 74 -16.49 3.98 0.32
C LYS A 74 -17.53 4.86 -0.38
N ARG A 75 -17.05 5.72 -1.28
CA ARG A 75 -17.93 6.61 -2.01
C ARG A 75 -18.81 5.84 -2.99
N MET A 76 -18.23 4.84 -3.65
CA MET A 76 -18.96 4.03 -4.61
C MET A 76 -19.38 4.85 -5.82
N ALA A 77 -18.47 5.69 -6.30
CA ALA A 77 -18.76 6.53 -7.46
C ALA A 77 -18.36 5.84 -8.75
N GLN A 78 -18.68 4.55 -8.85
CA GLN A 78 -18.35 3.77 -10.04
C GLN A 78 -19.46 3.89 -11.09
N LYS A 79 -19.15 3.46 -12.31
CA LYS A 79 -20.11 3.52 -13.40
C LYS A 79 -21.23 2.49 -13.21
N ASN A 80 -22.42 2.82 -13.69
CA ASN A 80 -23.56 1.93 -13.58
C ASN A 80 -23.85 1.22 -14.90
N GLN A 81 -23.43 -0.05 -15.00
CA GLN A 81 -23.64 -0.82 -16.21
C GLN A 81 -25.09 -0.72 -16.69
N LYS A 82 -25.27 -0.16 -17.89
CA LYS A 82 -26.60 -0.01 -18.46
C LYS A 82 -27.02 -1.26 -19.20
N SER A 83 -26.22 -1.66 -20.18
CA SER A 83 -26.51 -2.85 -20.98
C SER A 83 -25.35 -3.19 -21.90
N GLY A 84 -25.26 -4.45 -22.29
CA GLY A 84 -24.18 -4.89 -23.17
C GLY A 84 -23.04 -5.53 -22.41
N PRO A 85 -23.04 -6.87 -22.34
CA PRO A 85 -22.00 -7.62 -21.64
C PRO A 85 -20.65 -7.56 -22.35
N SER A 86 -19.79 -6.66 -21.90
CA SER A 86 -18.47 -6.50 -22.50
C SER A 86 -17.38 -6.61 -21.44
N SER A 87 -16.34 -7.38 -21.74
CA SER A 87 -15.23 -7.56 -20.82
C SER A 87 -14.65 -6.22 -20.38
N GLY A 88 -15.10 -5.75 -19.22
CA GLY A 88 -14.62 -4.47 -18.72
C GLY A 88 -13.97 -4.60 -17.35
N GLY A 1 32.73 16.26 -13.89
CA GLY A 1 31.38 16.13 -13.37
C GLY A 1 31.28 15.07 -12.29
N SER A 2 30.05 14.77 -11.87
CA SER A 2 29.82 13.77 -10.83
C SER A 2 29.15 12.53 -11.42
N SER A 3 29.97 11.58 -11.85
CA SER A 3 29.46 10.35 -12.44
C SER A 3 29.53 9.20 -11.44
N GLY A 4 28.39 8.92 -10.80
CA GLY A 4 28.34 7.86 -9.81
C GLY A 4 28.51 6.49 -10.45
N SER A 5 29.13 5.57 -9.70
CA SER A 5 29.38 4.21 -10.19
C SER A 5 28.80 3.19 -9.23
N SER A 6 27.51 2.89 -9.39
CA SER A 6 26.84 1.91 -8.53
C SER A 6 26.11 0.87 -9.37
N GLY A 7 26.63 -0.36 -9.35
CA GLY A 7 26.02 -1.44 -10.11
C GLY A 7 25.54 -2.57 -9.22
N ALA A 8 24.28 -2.50 -8.81
CA ALA A 8 23.70 -3.52 -7.95
C ALA A 8 22.25 -3.79 -8.32
N ASP A 9 21.92 -5.06 -8.57
CA ASP A 9 20.57 -5.45 -8.94
C ASP A 9 19.70 -5.59 -7.70
N ASP A 10 19.76 -4.62 -6.81
CA ASP A 10 18.97 -4.63 -5.59
C ASP A 10 18.15 -3.35 -5.45
N PHE A 11 16.92 -3.40 -5.93
CA PHE A 11 16.02 -2.24 -5.87
C PHE A 11 14.56 -2.68 -5.85
N ALA A 12 13.66 -1.71 -5.82
CA ALA A 12 12.23 -1.99 -5.80
C ALA A 12 11.74 -2.40 -7.18
N MET A 13 12.27 -1.77 -8.21
CA MET A 13 11.87 -2.08 -9.58
C MET A 13 11.91 -3.58 -9.83
N GLU A 14 12.90 -4.26 -9.27
CA GLU A 14 13.04 -5.69 -9.44
C GLU A 14 12.17 -6.44 -8.42
N MET A 15 12.60 -6.43 -7.16
CA MET A 15 11.86 -7.10 -6.11
C MET A 15 10.61 -6.31 -5.73
N GLY A 16 10.80 -5.10 -5.25
CA GLY A 16 9.67 -4.26 -4.87
C GLY A 16 9.16 -4.59 -3.47
N LEU A 17 9.98 -4.32 -2.47
CA LEU A 17 9.61 -4.58 -1.08
C LEU A 17 9.64 -3.30 -0.26
N ALA A 18 9.48 -2.16 -0.93
CA ALA A 18 9.49 -0.87 -0.26
C ALA A 18 8.14 -0.18 -0.41
N CYS A 19 7.69 0.47 0.66
CA CYS A 19 6.42 1.18 0.66
C CYS A 19 6.44 2.33 -0.36
N VAL A 20 5.31 3.03 -0.48
CA VAL A 20 5.21 4.14 -1.41
C VAL A 20 5.26 5.48 -0.68
N VAL A 21 5.13 5.44 0.64
CA VAL A 21 5.16 6.64 1.46
C VAL A 21 6.58 7.19 1.55
N CYS A 22 7.42 6.54 2.34
CA CYS A 22 8.80 6.97 2.52
C CYS A 22 9.72 6.25 1.53
N ARG A 23 9.18 5.24 0.86
CA ARG A 23 9.95 4.47 -0.12
C ARG A 23 11.14 3.80 0.55
N GLN A 24 10.87 3.05 1.62
CA GLN A 24 11.92 2.34 2.35
C GLN A 24 11.63 0.84 2.40
N MET A 25 12.67 0.06 2.66
CA MET A 25 12.53 -1.39 2.74
C MET A 25 12.79 -1.89 4.16
N THR A 26 13.09 -0.96 5.07
CA THR A 26 13.36 -1.30 6.46
C THR A 26 12.10 -1.22 7.30
N VAL A 27 11.68 -2.34 7.87
CA VAL A 27 10.49 -2.39 8.70
C VAL A 27 10.86 -2.47 10.18
N ALA A 28 9.85 -2.65 11.02
CA ALA A 28 10.06 -2.74 12.46
C ALA A 28 8.91 -3.47 13.15
N SER A 29 9.12 -3.86 14.40
CA SER A 29 8.10 -4.57 15.16
C SER A 29 6.81 -3.76 15.24
N GLY A 30 5.82 -4.16 14.44
CA GLY A 30 4.56 -3.47 14.43
C GLY A 30 4.41 -2.55 13.23
N ASN A 31 5.53 -2.25 12.56
CA ASN A 31 5.52 -1.38 11.40
C ASN A 31 5.97 -2.13 10.15
N GLN A 32 5.49 -3.36 10.00
CA GLN A 32 5.85 -4.18 8.86
C GLN A 32 5.40 -3.53 7.56
N LEU A 33 5.60 -4.23 6.45
CA LEU A 33 5.21 -3.71 5.14
C LEU A 33 3.98 -4.44 4.60
N VAL A 34 3.01 -3.68 4.11
CA VAL A 34 1.79 -4.26 3.57
C VAL A 34 1.66 -3.97 2.08
N GLU A 35 0.94 -4.85 1.38
CA GLU A 35 0.74 -4.69 -0.06
C GLU A 35 -0.75 -4.65 -0.40
N CYS A 36 -1.16 -3.57 -1.06
CA CYS A 36 -2.55 -3.40 -1.45
C CYS A 36 -2.97 -4.45 -2.47
N GLN A 37 -4.27 -4.59 -2.68
CA GLN A 37 -4.79 -5.56 -3.64
C GLN A 37 -5.26 -4.86 -4.91
N GLU A 38 -5.77 -3.65 -4.76
CA GLU A 38 -6.26 -2.87 -5.90
C GLU A 38 -5.10 -2.20 -6.64
N CYS A 39 -4.41 -1.30 -5.95
CA CYS A 39 -3.29 -0.59 -6.55
C CYS A 39 -2.02 -1.44 -6.49
N HIS A 40 -1.97 -2.37 -5.54
CA HIS A 40 -0.83 -3.25 -5.39
C HIS A 40 0.41 -2.47 -4.94
N ASN A 41 0.18 -1.40 -4.19
CA ASN A 41 1.26 -0.56 -3.69
C ASN A 41 1.63 -0.94 -2.27
N LEU A 42 2.92 -0.83 -1.94
CA LEU A 42 3.40 -1.16 -0.60
C LEU A 42 3.18 0.01 0.35
N TYR A 43 2.59 -0.28 1.51
CA TYR A 43 2.33 0.73 2.52
C TYR A 43 2.74 0.26 3.90
N HIS A 44 3.83 0.83 4.41
CA HIS A 44 4.34 0.47 5.73
C HIS A 44 3.23 0.56 6.78
N GLN A 45 3.02 -0.54 7.50
CA GLN A 45 1.99 -0.58 8.53
C GLN A 45 1.90 0.75 9.27
N ASP A 46 3.02 1.46 9.32
CA ASP A 46 3.08 2.75 10.01
C ASP A 46 2.79 3.89 9.03
N CYS A 47 3.68 4.06 8.06
CA CYS A 47 3.54 5.11 7.06
C CYS A 47 2.06 5.31 6.69
N HIS A 48 1.33 4.20 6.60
CA HIS A 48 -0.08 4.25 6.25
C HIS A 48 -0.87 5.03 7.31
N LYS A 49 -2.04 5.54 6.91
CA LYS A 49 -2.88 6.29 7.82
C LYS A 49 -3.32 5.44 9.01
N PRO A 50 -4.16 4.43 8.73
CA PRO A 50 -4.67 3.52 9.76
C PRO A 50 -3.58 2.59 10.30
N GLN A 51 -3.21 2.81 11.55
CA GLN A 51 -2.17 1.99 12.19
C GLN A 51 -2.44 0.51 11.97
N VAL A 52 -1.70 -0.09 11.04
CA VAL A 52 -1.86 -1.51 10.74
C VAL A 52 -1.19 -2.37 11.80
N THR A 53 -1.76 -3.55 12.05
CA THR A 53 -1.23 -4.47 13.03
C THR A 53 -0.47 -5.62 12.36
N ASP A 54 0.03 -6.55 13.17
CA ASP A 54 0.75 -7.70 12.65
C ASP A 54 -0.19 -8.84 12.29
N LYS A 55 -1.37 -8.83 12.90
CA LYS A 55 -2.37 -9.86 12.64
C LYS A 55 -3.05 -9.63 11.29
N GLU A 56 -3.23 -8.36 10.93
CA GLU A 56 -3.86 -8.00 9.67
C GLU A 56 -3.04 -8.49 8.49
N VAL A 57 -1.77 -8.09 8.46
CA VAL A 57 -0.87 -8.48 7.39
C VAL A 57 -0.76 -9.99 7.29
N ASN A 58 -0.66 -10.66 8.43
CA ASN A 58 -0.55 -12.11 8.47
C ASN A 58 -1.76 -12.77 7.82
N ASP A 59 -2.95 -12.33 8.22
CA ASP A 59 -4.18 -12.88 7.67
C ASP A 59 -4.09 -13.02 6.15
N PRO A 60 -3.91 -14.26 5.69
CA PRO A 60 -3.79 -14.57 4.25
C PRO A 60 -5.11 -14.38 3.52
N ARG A 61 -6.21 -14.74 4.19
CA ARG A 61 -7.53 -14.62 3.59
C ARG A 61 -8.13 -13.23 3.86
N LEU A 62 -7.24 -12.25 4.06
CA LEU A 62 -7.68 -10.87 4.33
C LEU A 62 -7.38 -9.98 3.13
N VAL A 63 -8.29 -9.03 2.86
CA VAL A 63 -8.12 -8.11 1.76
C VAL A 63 -7.76 -6.70 2.27
N TRP A 64 -6.52 -6.31 2.04
CA TRP A 64 -6.04 -5.00 2.48
C TRP A 64 -6.18 -3.97 1.36
N TYR A 65 -6.71 -2.79 1.70
CA TYR A 65 -6.90 -1.73 0.72
C TYR A 65 -6.43 -0.39 1.28
N CYS A 66 -5.42 0.18 0.64
CA CYS A 66 -4.87 1.46 1.07
C CYS A 66 -5.93 2.56 0.99
N ALA A 67 -5.89 3.48 1.96
CA ALA A 67 -6.84 4.58 2.00
C ALA A 67 -7.26 5.00 0.58
N ARG A 68 -6.29 5.47 -0.19
CA ARG A 68 -6.55 5.91 -1.56
C ARG A 68 -7.70 5.11 -2.17
N CYS A 69 -7.50 3.81 -2.33
CA CYS A 69 -8.51 2.94 -2.91
C CYS A 69 -9.77 2.90 -2.02
N THR A 70 -9.56 2.78 -0.72
CA THR A 70 -10.67 2.74 0.23
C THR A 70 -11.66 3.88 -0.03
N ARG A 71 -11.13 5.08 -0.22
CA ARG A 71 -11.96 6.25 -0.47
C ARG A 71 -12.52 6.21 -1.90
N GLN A 72 -11.77 5.60 -2.81
CA GLN A 72 -12.18 5.50 -4.20
C GLN A 72 -13.41 4.60 -4.34
N MET A 73 -13.24 3.33 -4.00
CA MET A 73 -14.33 2.37 -4.10
C MET A 73 -15.57 2.88 -3.37
N LYS A 74 -15.36 3.54 -2.25
CA LYS A 74 -16.46 4.09 -1.46
C LYS A 74 -17.01 5.36 -2.10
N ARG A 75 -18.24 5.28 -2.60
CA ARG A 75 -18.88 6.43 -3.24
C ARG A 75 -19.95 7.02 -2.34
N MET A 76 -20.83 6.17 -1.82
CA MET A 76 -21.90 6.60 -0.94
C MET A 76 -21.39 7.61 0.08
N ALA A 77 -20.09 7.55 0.37
CA ALA A 77 -19.48 8.45 1.33
C ALA A 77 -20.42 8.75 2.49
N GLN A 78 -21.05 7.70 3.02
CA GLN A 78 -21.97 7.84 4.13
C GLN A 78 -21.27 8.40 5.36
N LYS A 79 -20.99 9.70 5.33
CA LYS A 79 -20.32 10.37 6.44
C LYS A 79 -21.21 11.46 7.05
N ASN A 80 -20.72 12.11 8.09
CA ASN A 80 -21.46 13.17 8.76
C ASN A 80 -20.83 14.53 8.51
N GLN A 81 -21.36 15.26 7.54
CA GLN A 81 -20.85 16.59 7.21
C GLN A 81 -21.94 17.64 7.32
N LYS A 82 -21.57 18.81 7.85
CA LYS A 82 -22.51 19.91 8.00
C LYS A 82 -21.80 21.25 7.98
N SER A 83 -22.50 22.29 7.52
CA SER A 83 -21.93 23.63 7.45
C SER A 83 -20.52 23.58 6.85
N GLY A 84 -20.36 22.81 5.78
CA GLY A 84 -19.07 22.69 5.14
C GLY A 84 -19.08 23.19 3.71
N PRO A 85 -19.16 24.52 3.54
CA PRO A 85 -19.18 25.15 2.23
C PRO A 85 -17.84 25.04 1.50
N SER A 86 -17.84 25.39 0.22
CA SER A 86 -16.63 25.33 -0.59
C SER A 86 -16.08 26.73 -0.86
N SER A 87 -15.20 27.19 0.02
CA SER A 87 -14.61 28.52 -0.13
C SER A 87 -13.09 28.45 -0.04
N GLY A 88 -12.41 29.02 -1.04
CA GLY A 88 -10.97 29.01 -1.05
C GLY A 88 -10.40 27.62 -1.27
N GLY A 1 40.12 -19.74 -15.73
CA GLY A 1 39.78 -18.66 -14.82
C GLY A 1 38.31 -18.65 -14.46
N SER A 2 37.78 -17.46 -14.19
CA SER A 2 36.38 -17.32 -13.82
C SER A 2 35.49 -17.32 -15.06
N SER A 3 34.47 -18.18 -15.04
CA SER A 3 33.55 -18.28 -16.16
C SER A 3 32.78 -16.98 -16.36
N GLY A 4 32.24 -16.79 -17.55
CA GLY A 4 31.48 -15.58 -17.85
C GLY A 4 30.17 -15.51 -17.09
N SER A 5 30.10 -14.62 -16.12
CA SER A 5 28.89 -14.46 -15.31
C SER A 5 28.34 -13.05 -15.44
N SER A 6 27.27 -12.91 -16.21
CA SER A 6 26.64 -11.60 -16.41
C SER A 6 25.55 -11.35 -15.37
N GLY A 7 25.85 -11.71 -14.12
CA GLY A 7 24.89 -11.52 -13.05
C GLY A 7 24.95 -10.12 -12.46
N ALA A 8 23.89 -9.72 -11.77
CA ALA A 8 23.84 -8.40 -11.15
C ALA A 8 23.90 -8.50 -9.63
N ASP A 9 24.22 -7.39 -8.99
CA ASP A 9 24.32 -7.35 -7.53
C ASP A 9 22.93 -7.19 -6.90
N ASP A 10 22.62 -8.06 -5.94
CA ASP A 10 21.33 -8.01 -5.26
C ASP A 10 21.36 -7.02 -4.11
N PHE A 11 20.35 -6.17 -4.04
CA PHE A 11 20.26 -5.16 -2.99
C PHE A 11 18.81 -4.72 -2.77
N ALA A 12 18.54 -4.14 -1.61
CA ALA A 12 17.19 -3.67 -1.28
C ALA A 12 16.49 -3.13 -2.52
N MET A 13 17.04 -2.06 -3.09
CA MET A 13 16.46 -1.44 -4.27
C MET A 13 15.86 -2.49 -5.20
N GLU A 14 16.63 -3.54 -5.46
CA GLU A 14 16.18 -4.62 -6.34
C GLU A 14 14.91 -5.28 -5.77
N MET A 15 15.02 -5.82 -4.56
CA MET A 15 13.89 -6.47 -3.91
C MET A 15 12.58 -5.79 -4.29
N GLY A 16 12.55 -4.46 -4.19
CA GLY A 16 11.35 -3.72 -4.52
C GLY A 16 10.21 -3.99 -3.56
N LEU A 17 10.53 -4.04 -2.27
CA LEU A 17 9.52 -4.29 -1.25
C LEU A 17 9.34 -3.07 -0.35
N ALA A 18 9.79 -1.91 -0.83
CA ALA A 18 9.67 -0.68 -0.07
C ALA A 18 8.30 -0.04 -0.27
N CYS A 19 7.76 0.55 0.80
CA CYS A 19 6.46 1.19 0.75
C CYS A 19 6.44 2.33 -0.28
N VAL A 20 5.33 3.04 -0.35
CA VAL A 20 5.19 4.15 -1.28
C VAL A 20 5.26 5.48 -0.55
N VAL A 21 4.99 5.46 0.75
CA VAL A 21 5.03 6.67 1.57
C VAL A 21 6.44 7.24 1.65
N CYS A 22 7.29 6.60 2.45
CA CYS A 22 8.66 7.03 2.63
C CYS A 22 9.58 6.36 1.61
N ARG A 23 9.06 5.34 0.93
CA ARG A 23 9.83 4.62 -0.07
C ARG A 23 11.04 3.93 0.57
N GLN A 24 10.78 3.16 1.62
CA GLN A 24 11.84 2.44 2.32
C GLN A 24 11.45 1.00 2.58
N MET A 25 12.41 0.20 3.03
CA MET A 25 12.17 -1.21 3.32
C MET A 25 12.27 -1.48 4.82
N THR A 26 12.77 -0.50 5.56
CA THR A 26 12.92 -0.63 7.01
C THR A 26 11.62 -1.07 7.65
N VAL A 27 11.67 -2.14 8.43
CA VAL A 27 10.48 -2.66 9.11
C VAL A 27 10.82 -3.10 10.53
N ALA A 28 9.81 -3.60 11.24
CA ALA A 28 10.00 -4.05 12.62
C ALA A 28 9.07 -5.21 12.94
N SER A 29 9.44 -6.01 13.94
CA SER A 29 8.63 -7.15 14.35
C SER A 29 7.15 -6.78 14.40
N GLY A 30 6.85 -5.57 14.85
CA GLY A 30 5.47 -5.12 14.95
C GLY A 30 5.06 -4.31 13.73
N ASN A 31 5.87 -3.34 13.35
CA ASN A 31 5.58 -2.49 12.20
C ASN A 31 6.15 -3.10 10.93
N GLN A 32 5.32 -3.84 10.20
CA GLN A 32 5.75 -4.47 8.95
C GLN A 32 5.17 -3.72 7.75
N LEU A 33 5.43 -4.26 6.56
CA LEU A 33 4.94 -3.65 5.33
C LEU A 33 3.65 -4.32 4.86
N VAL A 34 2.89 -3.61 4.04
CA VAL A 34 1.63 -4.13 3.53
C VAL A 34 1.51 -3.89 2.02
N GLU A 35 0.76 -4.76 1.35
CA GLU A 35 0.57 -4.65 -0.10
C GLU A 35 -0.91 -4.60 -0.45
N CYS A 36 -1.32 -3.51 -1.10
CA CYS A 36 -2.71 -3.34 -1.49
C CYS A 36 -3.12 -4.39 -2.52
N GLN A 37 -4.42 -4.54 -2.71
CA GLN A 37 -4.94 -5.51 -3.67
C GLN A 37 -5.43 -4.81 -4.95
N GLU A 38 -5.94 -3.60 -4.79
CA GLU A 38 -6.43 -2.83 -5.92
C GLU A 38 -5.29 -2.11 -6.64
N CYS A 39 -4.61 -1.23 -5.91
CA CYS A 39 -3.50 -0.48 -6.46
C CYS A 39 -2.21 -1.29 -6.43
N HIS A 40 -2.16 -2.28 -5.54
CA HIS A 40 -1.00 -3.14 -5.41
C HIS A 40 0.23 -2.34 -4.96
N ASN A 41 -0.01 -1.30 -4.17
CA ASN A 41 1.06 -0.45 -3.67
C ASN A 41 1.49 -0.87 -2.28
N LEU A 42 2.78 -0.70 -1.97
CA LEU A 42 3.31 -1.07 -0.67
C LEU A 42 3.13 0.08 0.33
N TYR A 43 2.55 -0.25 1.49
CA TYR A 43 2.32 0.75 2.53
C TYR A 43 2.78 0.23 3.89
N HIS A 44 3.70 0.94 4.52
CA HIS A 44 4.22 0.56 5.83
C HIS A 44 3.13 0.64 6.89
N GLN A 45 2.89 -0.47 7.58
CA GLN A 45 1.87 -0.52 8.62
C GLN A 45 1.77 0.82 9.35
N ASP A 46 2.89 1.51 9.47
CA ASP A 46 2.93 2.81 10.13
C ASP A 46 2.66 3.94 9.15
N CYS A 47 3.55 4.10 8.17
CA CYS A 47 3.42 5.14 7.17
C CYS A 47 1.95 5.34 6.79
N HIS A 48 1.21 4.24 6.70
CA HIS A 48 -0.20 4.30 6.36
C HIS A 48 -0.99 5.07 7.42
N LYS A 49 -2.17 5.56 7.03
CA LYS A 49 -3.02 6.31 7.94
C LYS A 49 -3.46 5.45 9.12
N PRO A 50 -4.30 4.44 8.84
CA PRO A 50 -4.81 3.52 9.85
C PRO A 50 -3.73 2.58 10.38
N GLN A 51 -3.37 2.76 11.64
CA GLN A 51 -2.34 1.93 12.27
C GLN A 51 -2.61 0.46 12.01
N VAL A 52 -1.88 -0.12 11.07
CA VAL A 52 -2.03 -1.53 10.73
C VAL A 52 -1.21 -2.42 11.66
N THR A 53 -1.81 -3.53 12.07
CA THR A 53 -1.14 -4.47 12.96
C THR A 53 -0.59 -5.67 12.21
N ASP A 54 0.14 -6.53 12.91
CA ASP A 54 0.71 -7.72 12.30
C ASP A 54 -0.35 -8.79 12.06
N LYS A 55 -1.07 -9.14 13.12
CA LYS A 55 -2.11 -10.16 13.03
C LYS A 55 -2.88 -10.03 11.72
N GLU A 56 -2.98 -8.81 11.21
CA GLU A 56 -3.68 -8.57 9.96
C GLU A 56 -2.86 -9.06 8.76
N VAL A 57 -1.79 -8.33 8.46
CA VAL A 57 -0.92 -8.69 7.35
C VAL A 57 -0.56 -10.17 7.39
N ASN A 58 -0.65 -10.76 8.57
CA ASN A 58 -0.33 -12.18 8.74
C ASN A 58 -1.34 -13.06 8.00
N ASP A 59 -2.59 -12.63 7.98
CA ASP A 59 -3.64 -13.38 7.30
C ASP A 59 -3.38 -13.44 5.80
N PRO A 60 -3.14 -14.66 5.28
CA PRO A 60 -2.87 -14.87 3.86
C PRO A 60 -4.10 -14.65 2.99
N ARG A 61 -5.28 -14.96 3.54
CA ARG A 61 -6.52 -14.80 2.82
C ARG A 61 -7.22 -13.50 3.24
N LEU A 62 -6.43 -12.48 3.53
CA LEU A 62 -6.97 -11.18 3.95
C LEU A 62 -6.89 -10.17 2.81
N VAL A 63 -7.87 -9.27 2.75
CA VAL A 63 -7.91 -8.24 1.72
C VAL A 63 -7.59 -6.87 2.30
N TRP A 64 -6.43 -6.33 1.93
CA TRP A 64 -6.01 -5.02 2.42
C TRP A 64 -6.14 -3.97 1.32
N TYR A 65 -6.67 -2.81 1.68
CA TYR A 65 -6.86 -1.72 0.73
C TYR A 65 -6.37 -0.40 1.32
N CYS A 66 -5.50 0.28 0.58
CA CYS A 66 -4.95 1.56 1.02
C CYS A 66 -5.96 2.68 0.82
N ALA A 67 -5.91 3.68 1.69
CA ALA A 67 -6.82 4.82 1.60
C ALA A 67 -7.10 5.20 0.16
N ARG A 68 -6.05 5.54 -0.57
CA ARG A 68 -6.18 5.93 -1.97
C ARG A 68 -7.33 5.18 -2.64
N CYS A 69 -7.44 3.89 -2.32
CA CYS A 69 -8.50 3.06 -2.88
C CYS A 69 -9.74 3.07 -1.99
N THR A 70 -9.52 2.97 -0.69
CA THR A 70 -10.63 2.97 0.27
C THR A 70 -11.58 4.12 0.01
N ARG A 71 -11.03 5.30 -0.22
CA ARG A 71 -11.84 6.49 -0.49
C ARG A 71 -12.69 6.29 -1.74
N GLN A 72 -12.18 5.51 -2.68
CA GLN A 72 -12.89 5.24 -3.93
C GLN A 72 -14.09 4.34 -3.68
N MET A 73 -13.85 3.18 -3.08
CA MET A 73 -14.92 2.23 -2.79
C MET A 73 -15.96 2.85 -1.87
N LYS A 74 -15.50 3.67 -0.94
CA LYS A 74 -16.39 4.33 0.01
C LYS A 74 -17.70 4.74 -0.66
N ARG A 75 -18.74 4.90 0.15
CA ARG A 75 -20.05 5.29 -0.38
C ARG A 75 -19.99 6.70 -0.96
N MET A 76 -19.19 7.57 -0.35
CA MET A 76 -19.05 8.94 -0.81
C MET A 76 -18.95 8.99 -2.34
N ALA A 77 -18.47 7.91 -2.93
CA ALA A 77 -18.32 7.84 -4.38
C ALA A 77 -19.23 6.75 -4.97
N GLN A 78 -20.50 6.77 -4.58
CA GLN A 78 -21.46 5.79 -5.06
C GLN A 78 -21.15 5.40 -6.50
N LYS A 79 -21.08 4.09 -6.75
CA LYS A 79 -20.79 3.58 -8.08
C LYS A 79 -20.91 2.06 -8.12
N ASN A 80 -21.66 1.54 -9.08
CA ASN A 80 -21.86 0.11 -9.22
C ASN A 80 -22.45 -0.49 -7.94
N GLN A 81 -23.43 0.19 -7.37
CA GLN A 81 -24.08 -0.26 -6.14
C GLN A 81 -25.39 -0.97 -6.45
N LYS A 82 -25.62 -2.11 -5.80
CA LYS A 82 -26.84 -2.88 -6.02
C LYS A 82 -27.81 -2.64 -4.87
N SER A 83 -27.36 -2.87 -3.64
CA SER A 83 -28.21 -2.69 -2.47
C SER A 83 -29.18 -1.53 -2.68
N GLY A 84 -28.63 -0.34 -2.90
CA GLY A 84 -29.46 0.84 -3.11
C GLY A 84 -28.84 2.10 -2.53
N PRO A 85 -28.00 2.77 -3.33
CA PRO A 85 -27.32 3.99 -2.92
C PRO A 85 -28.28 5.16 -2.79
N SER A 86 -28.72 5.44 -1.57
CA SER A 86 -29.65 6.53 -1.31
C SER A 86 -28.92 7.87 -1.25
N SER A 87 -29.20 8.73 -2.22
CA SER A 87 -28.56 10.04 -2.30
C SER A 87 -28.55 10.71 -0.93
N GLY A 88 -29.68 10.66 -0.24
CA GLY A 88 -29.78 11.27 1.07
C GLY A 88 -29.79 12.78 1.01
N GLY A 1 32.95 20.90 -17.19
CA GLY A 1 32.73 19.61 -17.83
C GLY A 1 31.73 18.76 -17.07
N SER A 2 32.25 17.77 -16.35
CA SER A 2 31.40 16.87 -15.56
C SER A 2 30.36 16.21 -16.46
N SER A 3 30.80 15.74 -17.63
CA SER A 3 29.89 15.08 -18.57
C SER A 3 30.41 13.70 -18.95
N GLY A 4 29.60 12.69 -18.73
CA GLY A 4 29.98 11.33 -19.06
C GLY A 4 29.13 10.29 -18.37
N SER A 5 28.99 9.13 -19.00
CA SER A 5 28.19 8.05 -18.43
C SER A 5 28.98 7.27 -17.39
N SER A 6 28.62 7.44 -16.12
CA SER A 6 29.29 6.75 -15.03
C SER A 6 28.93 5.27 -15.01
N GLY A 7 27.63 4.98 -15.09
CA GLY A 7 27.18 3.60 -15.08
C GLY A 7 25.94 3.41 -14.21
N ALA A 8 25.83 2.24 -13.60
CA ALA A 8 24.70 1.93 -12.73
C ALA A 8 25.13 1.07 -11.55
N ASP A 9 24.19 0.83 -10.64
CA ASP A 9 24.47 0.01 -9.45
C ASP A 9 23.18 -0.53 -8.85
N ASP A 10 23.26 -1.73 -8.30
CA ASP A 10 22.09 -2.36 -7.68
C ASP A 10 21.54 -1.50 -6.54
N PHE A 11 20.22 -1.45 -6.43
CA PHE A 11 19.58 -0.67 -5.38
C PHE A 11 18.16 -1.19 -5.11
N ALA A 12 17.56 -0.69 -4.04
CA ALA A 12 16.20 -1.09 -3.68
C ALA A 12 15.35 -1.35 -4.91
N MET A 13 15.39 -0.41 -5.85
CA MET A 13 14.61 -0.54 -7.08
C MET A 13 14.53 -1.99 -7.52
N GLU A 14 15.66 -2.67 -7.55
CA GLU A 14 15.72 -4.07 -7.96
C GLU A 14 14.63 -4.88 -7.26
N MET A 15 14.72 -4.94 -5.92
CA MET A 15 13.74 -5.69 -5.13
C MET A 15 12.34 -5.11 -5.32
N GLY A 16 12.23 -3.80 -5.17
CA GLY A 16 10.94 -3.14 -5.32
C GLY A 16 9.95 -3.54 -4.24
N LEU A 17 10.46 -3.69 -3.02
CA LEU A 17 9.62 -4.06 -1.88
C LEU A 17 9.46 -2.90 -0.91
N ALA A 18 9.70 -1.68 -1.40
CA ALA A 18 9.59 -0.49 -0.58
C ALA A 18 8.20 0.13 -0.72
N CYS A 19 7.72 0.76 0.35
CA CYS A 19 6.41 1.40 0.36
C CYS A 19 6.36 2.52 -0.66
N VAL A 20 5.21 3.19 -0.76
CA VAL A 20 5.04 4.30 -1.69
C VAL A 20 5.09 5.64 -0.97
N VAL A 21 4.94 5.60 0.35
CA VAL A 21 4.97 6.82 1.16
C VAL A 21 6.38 7.40 1.20
N CYS A 22 7.24 6.79 2.00
CA CYS A 22 8.62 7.25 2.13
C CYS A 22 9.53 6.58 1.11
N ARG A 23 9.03 5.50 0.50
CA ARG A 23 9.79 4.77 -0.50
C ARG A 23 11.02 4.12 0.13
N GLN A 24 10.81 3.36 1.20
CA GLN A 24 11.90 2.69 1.88
C GLN A 24 11.54 1.23 2.18
N MET A 25 12.45 0.53 2.87
CA MET A 25 12.23 -0.86 3.22
C MET A 25 12.31 -1.06 4.73
N THR A 26 12.94 -0.11 5.41
CA THR A 26 13.09 -0.19 6.86
C THR A 26 11.81 -0.67 7.52
N VAL A 27 11.91 -1.73 8.32
CA VAL A 27 10.75 -2.28 9.01
C VAL A 27 11.12 -2.72 10.42
N ALA A 28 10.11 -3.10 11.19
CA ALA A 28 10.33 -3.55 12.57
C ALA A 28 9.02 -4.02 13.21
N SER A 29 9.11 -4.53 14.43
CA SER A 29 7.94 -5.02 15.14
C SER A 29 6.77 -4.04 15.01
N GLY A 30 5.80 -4.41 14.17
CA GLY A 30 4.65 -3.55 13.97
C GLY A 30 4.82 -2.61 12.80
N ASN A 31 6.03 -2.11 12.62
CA ASN A 31 6.32 -1.19 11.52
C ASN A 31 6.74 -1.95 10.27
N GLN A 32 6.00 -3.02 9.96
CA GLN A 32 6.29 -3.84 8.80
C GLN A 32 5.69 -3.21 7.53
N LEU A 33 5.82 -3.90 6.41
CA LEU A 33 5.31 -3.42 5.14
C LEU A 33 4.02 -4.16 4.77
N VAL A 34 3.20 -3.52 3.93
CA VAL A 34 1.95 -4.12 3.49
C VAL A 34 1.73 -3.90 1.99
N GLU A 35 0.95 -4.78 1.38
CA GLU A 35 0.66 -4.67 -0.05
C GLU A 35 -0.84 -4.63 -0.30
N CYS A 36 -1.29 -3.64 -1.05
CA CYS A 36 -2.70 -3.48 -1.36
C CYS A 36 -3.15 -4.53 -2.38
N GLN A 37 -4.47 -4.75 -2.45
CA GLN A 37 -5.02 -5.72 -3.39
C GLN A 37 -5.61 -5.03 -4.60
N GLU A 38 -5.98 -3.77 -4.45
CA GLU A 38 -6.56 -2.99 -5.54
C GLU A 38 -5.47 -2.29 -6.34
N CYS A 39 -4.76 -1.38 -5.70
CA CYS A 39 -3.69 -0.64 -6.36
C CYS A 39 -2.40 -1.46 -6.40
N HIS A 40 -2.26 -2.37 -5.44
CA HIS A 40 -1.08 -3.22 -5.37
C HIS A 40 0.17 -2.40 -5.01
N ASN A 41 -0.02 -1.40 -4.17
CA ASN A 41 1.09 -0.55 -3.75
C ASN A 41 1.55 -0.89 -2.34
N LEU A 42 2.85 -0.77 -2.10
CA LEU A 42 3.43 -1.07 -0.79
C LEU A 42 3.20 0.09 0.17
N TYR A 43 2.65 -0.23 1.34
CA TYR A 43 2.39 0.78 2.36
C TYR A 43 2.88 0.32 3.73
N HIS A 44 3.87 1.02 4.27
CA HIS A 44 4.42 0.68 5.57
C HIS A 44 3.36 0.78 6.65
N GLN A 45 3.16 -0.31 7.39
CA GLN A 45 2.18 -0.34 8.46
C GLN A 45 2.10 1.01 9.18
N ASP A 46 3.22 1.72 9.21
CA ASP A 46 3.28 3.03 9.85
C ASP A 46 2.95 4.14 8.87
N CYS A 47 3.80 4.31 7.86
CA CYS A 47 3.61 5.34 6.85
C CYS A 47 2.12 5.50 6.53
N HIS A 48 1.40 4.38 6.48
CA HIS A 48 -0.03 4.41 6.20
C HIS A 48 -0.80 5.16 7.28
N LYS A 49 -1.96 5.69 6.91
CA LYS A 49 -2.79 6.44 7.85
C LYS A 49 -3.21 5.56 9.02
N PRO A 50 -4.06 4.56 8.75
CA PRO A 50 -4.55 3.64 9.77
C PRO A 50 -3.46 2.69 10.27
N GLN A 51 -3.04 2.90 11.52
CA GLN A 51 -2.00 2.07 12.11
C GLN A 51 -2.27 0.59 11.87
N VAL A 52 -1.59 0.01 10.89
CA VAL A 52 -1.76 -1.41 10.57
C VAL A 52 -1.15 -2.29 11.64
N THR A 53 -1.77 -3.45 11.88
CA THR A 53 -1.29 -4.39 12.87
C THR A 53 -0.75 -5.66 12.22
N ASP A 54 -0.23 -6.56 13.03
CA ASP A 54 0.32 -7.83 12.53
C ASP A 54 -0.80 -8.80 12.17
N LYS A 55 -1.79 -8.91 13.05
CA LYS A 55 -2.91 -9.81 12.83
C LYS A 55 -3.40 -9.71 11.38
N GLU A 56 -3.22 -8.54 10.78
CA GLU A 56 -3.65 -8.32 9.40
C GLU A 56 -2.68 -8.98 8.42
N VAL A 57 -1.47 -8.42 8.32
CA VAL A 57 -0.45 -8.94 7.42
C VAL A 57 -0.31 -10.45 7.58
N ASN A 58 -0.48 -10.93 8.81
CA ASN A 58 -0.36 -12.35 9.11
C ASN A 58 -1.44 -13.14 8.37
N ASP A 59 -2.64 -12.56 8.28
CA ASP A 59 -3.76 -13.22 7.61
C ASP A 59 -3.46 -13.38 6.12
N PRO A 60 -3.28 -14.64 5.69
CA PRO A 60 -3.00 -14.97 4.29
C PRO A 60 -4.19 -14.73 3.38
N ARG A 61 -5.37 -15.13 3.85
CA ARG A 61 -6.60 -14.96 3.08
C ARG A 61 -7.27 -13.64 3.42
N LEU A 62 -6.47 -12.63 3.72
CA LEU A 62 -6.98 -11.32 4.07
C LEU A 62 -6.74 -10.32 2.94
N VAL A 63 -7.63 -9.34 2.82
CA VAL A 63 -7.51 -8.32 1.78
C VAL A 63 -7.22 -6.95 2.39
N TRP A 64 -6.12 -6.33 1.96
CA TRP A 64 -5.73 -5.02 2.45
C TRP A 64 -5.97 -3.95 1.40
N TYR A 65 -6.62 -2.86 1.80
CA TYR A 65 -6.91 -1.76 0.89
C TYR A 65 -6.42 -0.44 1.45
N CYS A 66 -5.50 0.20 0.74
CA CYS A 66 -4.94 1.48 1.18
C CYS A 66 -5.97 2.60 1.01
N ALA A 67 -5.96 3.54 1.95
CA ALA A 67 -6.89 4.66 1.91
C ALA A 67 -7.17 5.09 0.47
N ARG A 68 -6.12 5.42 -0.27
CA ARG A 68 -6.26 5.84 -1.66
C ARG A 68 -7.43 5.14 -2.33
N CYS A 69 -7.53 3.83 -2.13
CA CYS A 69 -8.59 3.03 -2.71
C CYS A 69 -9.85 3.11 -1.85
N THR A 70 -9.69 2.87 -0.54
CA THR A 70 -10.81 2.91 0.38
C THR A 70 -11.72 4.11 0.11
N ARG A 71 -11.11 5.29 0.00
CA ARG A 71 -11.85 6.51 -0.27
C ARG A 71 -12.55 6.44 -1.62
N GLN A 72 -11.92 5.77 -2.58
CA GLN A 72 -12.49 5.64 -3.91
C GLN A 72 -13.67 4.66 -3.91
N MET A 73 -13.38 3.40 -3.58
CA MET A 73 -14.41 2.37 -3.54
C MET A 73 -15.64 2.85 -2.76
N LYS A 74 -15.39 3.60 -1.68
CA LYS A 74 -16.47 4.13 -0.87
C LYS A 74 -17.23 5.23 -1.59
N ARG A 75 -18.38 4.88 -2.16
CA ARG A 75 -19.20 5.85 -2.88
C ARG A 75 -20.57 6.00 -2.23
N MET A 76 -21.11 4.90 -1.74
CA MET A 76 -22.41 4.92 -1.09
C MET A 76 -22.28 5.22 0.40
N ALA A 77 -21.26 6.00 0.75
CA ALA A 77 -21.02 6.36 2.14
C ALA A 77 -22.01 7.42 2.61
N GLN A 78 -22.78 7.96 1.67
CA GLN A 78 -23.77 8.98 1.99
C GLN A 78 -25.13 8.63 1.39
N LYS A 79 -26.19 8.93 2.13
CA LYS A 79 -27.54 8.65 1.68
C LYS A 79 -27.73 9.06 0.22
N ASN A 80 -28.29 8.15 -0.58
CA ASN A 80 -28.52 8.42 -1.99
C ASN A 80 -29.99 8.27 -2.34
N GLN A 81 -30.33 8.56 -3.59
CA GLN A 81 -31.72 8.46 -4.05
C GLN A 81 -31.96 7.13 -4.77
N LYS A 82 -31.43 6.05 -4.18
CA LYS A 82 -31.59 4.72 -4.76
C LYS A 82 -32.09 3.73 -3.72
N SER A 83 -32.87 2.76 -4.16
CA SER A 83 -33.41 1.75 -3.25
C SER A 83 -32.42 1.42 -2.15
N GLY A 84 -31.23 0.96 -2.55
CA GLY A 84 -30.21 0.62 -1.57
C GLY A 84 -29.24 -0.42 -2.11
N PRO A 85 -28.48 -0.06 -3.16
CA PRO A 85 -27.50 -0.95 -3.78
C PRO A 85 -26.30 -1.20 -2.88
N SER A 86 -26.26 -2.38 -2.27
CA SER A 86 -25.16 -2.74 -1.38
C SER A 86 -24.71 -4.18 -1.62
N SER A 87 -23.42 -4.42 -1.45
CA SER A 87 -22.86 -5.76 -1.66
C SER A 87 -21.57 -5.93 -0.86
N GLY A 88 -21.57 -6.87 0.08
CA GLY A 88 -20.39 -7.12 0.88
C GLY A 88 -20.60 -6.74 2.33
N GLY A 1 19.26 6.78 -27.88
CA GLY A 1 18.33 5.93 -28.58
C GLY A 1 16.96 5.90 -27.93
N SER A 2 16.35 4.72 -27.88
CA SER A 2 15.03 4.57 -27.28
C SER A 2 15.04 3.47 -26.22
N SER A 3 15.10 3.89 -24.95
CA SER A 3 15.12 2.95 -23.84
C SER A 3 13.87 3.11 -22.98
N GLY A 4 13.70 2.20 -22.02
CA GLY A 4 12.55 2.25 -21.14
C GLY A 4 12.94 2.53 -19.70
N SER A 5 12.06 2.14 -18.77
CA SER A 5 12.32 2.36 -17.35
C SER A 5 13.66 1.75 -16.94
N SER A 6 14.37 2.45 -16.07
CA SER A 6 15.67 1.98 -15.60
C SER A 6 16.16 2.82 -14.42
N GLY A 7 16.87 2.18 -13.49
CA GLY A 7 17.37 2.89 -12.33
C GLY A 7 18.89 2.97 -12.32
N ALA A 8 19.48 2.84 -11.14
CA ALA A 8 20.93 2.90 -11.00
C ALA A 8 21.47 1.70 -10.23
N ASP A 9 20.95 1.50 -9.03
CA ASP A 9 21.38 0.39 -8.19
C ASP A 9 20.20 -0.53 -7.86
N ASP A 10 19.29 -0.66 -8.82
CA ASP A 10 18.12 -1.51 -8.64
C ASP A 10 17.57 -1.39 -7.22
N PHE A 11 17.28 -0.16 -6.80
CA PHE A 11 16.75 0.09 -5.47
C PHE A 11 15.65 -0.91 -5.12
N ALA A 12 14.50 -0.76 -5.77
CA ALA A 12 13.37 -1.65 -5.53
C ALA A 12 13.14 -2.58 -6.71
N MET A 13 13.61 -2.16 -7.89
CA MET A 13 13.45 -2.96 -9.10
C MET A 13 13.91 -4.39 -8.87
N GLU A 14 14.92 -4.56 -8.01
CA GLU A 14 15.46 -5.88 -7.71
C GLU A 14 14.38 -6.78 -7.13
N MET A 15 13.82 -6.37 -5.99
CA MET A 15 12.77 -7.14 -5.33
C MET A 15 11.50 -6.32 -5.20
N GLY A 16 11.65 -5.06 -4.79
CA GLY A 16 10.50 -4.19 -4.62
C GLY A 16 9.70 -4.51 -3.37
N LEU A 17 10.33 -4.34 -2.21
CA LEU A 17 9.68 -4.62 -0.94
C LEU A 17 9.61 -3.36 -0.08
N ALA A 18 9.65 -2.20 -0.74
CA ALA A 18 9.58 -0.91 -0.04
C ALA A 18 8.23 -0.26 -0.26
N CYS A 19 7.75 0.45 0.77
CA CYS A 19 6.47 1.13 0.70
C CYS A 19 6.51 2.26 -0.32
N VAL A 20 5.40 2.99 -0.43
CA VAL A 20 5.30 4.10 -1.36
C VAL A 20 5.37 5.43 -0.64
N VAL A 21 5.08 5.41 0.66
CA VAL A 21 5.11 6.63 1.47
C VAL A 21 6.52 7.17 1.59
N CYS A 22 7.34 6.53 2.42
CA CYS A 22 8.72 6.95 2.62
C CYS A 22 9.65 6.25 1.63
N ARG A 23 9.13 5.23 0.95
CA ARG A 23 9.92 4.48 -0.02
C ARG A 23 11.11 3.80 0.65
N GLN A 24 10.82 3.04 1.71
CA GLN A 24 11.87 2.35 2.44
C GLN A 24 11.50 0.88 2.66
N MET A 25 12.45 0.10 3.16
CA MET A 25 12.22 -1.32 3.42
C MET A 25 12.30 -1.62 4.92
N THR A 26 12.70 -0.63 5.69
CA THR A 26 12.83 -0.79 7.14
C THR A 26 11.52 -1.26 7.76
N VAL A 27 11.57 -2.39 8.45
CA VAL A 27 10.39 -2.95 9.08
C VAL A 27 10.70 -3.43 10.50
N ALA A 28 9.71 -4.02 11.15
CA ALA A 28 9.87 -4.52 12.52
C ALA A 28 8.81 -5.57 12.85
N SER A 29 9.17 -6.52 13.70
CA SER A 29 8.25 -7.58 14.10
C SER A 29 6.84 -7.03 14.27
N GLY A 30 6.74 -5.84 14.85
CA GLY A 30 5.44 -5.23 15.05
C GLY A 30 5.00 -4.37 13.88
N ASN A 31 5.93 -3.55 13.37
CA ASN A 31 5.63 -2.67 12.25
C ASN A 31 6.23 -3.23 10.95
N GLN A 32 5.39 -3.92 10.18
CA GLN A 32 5.83 -4.50 8.92
C GLN A 32 5.23 -3.75 7.74
N LEU A 33 5.46 -4.27 6.54
CA LEU A 33 4.95 -3.64 5.32
C LEU A 33 3.64 -4.30 4.88
N VAL A 34 2.91 -3.62 4.00
CA VAL A 34 1.65 -4.15 3.50
C VAL A 34 1.51 -3.90 2.01
N GLU A 35 0.69 -4.72 1.35
CA GLU A 35 0.47 -4.59 -0.09
C GLU A 35 -1.02 -4.54 -0.41
N CYS A 36 -1.43 -3.53 -1.17
CA CYS A 36 -2.83 -3.37 -1.55
C CYS A 36 -3.21 -4.35 -2.65
N GLN A 37 -4.52 -4.56 -2.83
CA GLN A 37 -5.01 -5.47 -3.85
C GLN A 37 -5.55 -4.71 -5.05
N GLU A 38 -6.10 -3.53 -4.80
CA GLU A 38 -6.67 -2.70 -5.86
C GLU A 38 -5.56 -1.96 -6.61
N CYS A 39 -4.78 -1.17 -5.89
CA CYS A 39 -3.68 -0.41 -6.48
C CYS A 39 -2.41 -1.27 -6.57
N HIS A 40 -2.23 -2.14 -5.58
CA HIS A 40 -1.06 -3.01 -5.55
C HIS A 40 0.18 -2.23 -5.15
N ASN A 41 0.02 -1.31 -4.20
CA ASN A 41 1.14 -0.49 -3.72
C ASN A 41 1.55 -0.90 -2.32
N LEU A 42 2.83 -0.76 -2.02
CA LEU A 42 3.36 -1.11 -0.70
C LEU A 42 3.17 0.03 0.28
N TYR A 43 2.57 -0.27 1.43
CA TYR A 43 2.34 0.73 2.46
C TYR A 43 2.75 0.21 3.83
N HIS A 44 3.71 0.89 4.45
CA HIS A 44 4.19 0.49 5.77
C HIS A 44 3.09 0.57 6.81
N GLN A 45 2.87 -0.51 7.53
CA GLN A 45 1.83 -0.55 8.56
C GLN A 45 1.72 0.78 9.28
N ASP A 46 2.83 1.51 9.35
CA ASP A 46 2.86 2.80 10.01
C ASP A 46 2.61 3.92 9.01
N CYS A 47 3.52 4.07 8.06
CA CYS A 47 3.40 5.11 7.04
C CYS A 47 1.95 5.31 6.64
N HIS A 48 1.22 4.21 6.53
CA HIS A 48 -0.19 4.26 6.15
C HIS A 48 -1.00 5.04 7.18
N LYS A 49 -2.19 5.49 6.77
CA LYS A 49 -3.06 6.25 7.66
C LYS A 49 -3.52 5.39 8.83
N PRO A 50 -4.34 4.37 8.53
CA PRO A 50 -4.87 3.45 9.54
C PRO A 50 -3.79 2.54 10.12
N GLN A 51 -3.46 2.76 11.38
CA GLN A 51 -2.43 1.96 12.05
C GLN A 51 -2.69 0.47 11.83
N VAL A 52 -1.93 -0.12 10.91
CA VAL A 52 -2.07 -1.54 10.60
C VAL A 52 -1.27 -2.39 11.58
N THR A 53 -1.87 -3.49 12.03
CA THR A 53 -1.20 -4.39 12.97
C THR A 53 -0.67 -5.62 12.25
N ASP A 54 -0.04 -6.52 13.02
CA ASP A 54 0.53 -7.73 12.46
C ASP A 54 -0.58 -8.73 12.10
N LYS A 55 -1.49 -8.95 13.04
CA LYS A 55 -2.61 -9.87 12.82
C LYS A 55 -3.13 -9.76 11.40
N GLU A 56 -3.09 -8.55 10.85
CA GLU A 56 -3.57 -8.30 9.49
C GLU A 56 -2.61 -8.90 8.47
N VAL A 57 -1.45 -8.26 8.31
CA VAL A 57 -0.44 -8.72 7.36
C VAL A 57 -0.23 -10.22 7.48
N ASN A 58 -0.50 -10.76 8.66
CA ASN A 58 -0.34 -12.19 8.90
C ASN A 58 -1.31 -13.01 8.04
N ASP A 59 -2.57 -12.63 8.08
CA ASP A 59 -3.60 -13.32 7.30
C ASP A 59 -3.30 -13.24 5.81
N PRO A 60 -2.94 -14.39 5.22
CA PRO A 60 -2.61 -14.49 3.80
C PRO A 60 -3.84 -14.30 2.91
N ARG A 61 -4.97 -14.84 3.35
CA ARG A 61 -6.21 -14.72 2.60
C ARG A 61 -6.98 -13.46 2.98
N LEU A 62 -6.23 -12.44 3.38
CA LEU A 62 -6.84 -11.17 3.77
C LEU A 62 -6.64 -10.11 2.68
N VAL A 63 -7.72 -9.43 2.31
CA VAL A 63 -7.67 -8.40 1.28
C VAL A 63 -7.42 -7.03 1.90
N TRP A 64 -6.21 -6.50 1.72
CA TRP A 64 -5.85 -5.21 2.26
C TRP A 64 -6.08 -4.11 1.23
N TYR A 65 -6.38 -2.90 1.70
CA TYR A 65 -6.61 -1.78 0.81
C TYR A 65 -5.99 -0.50 1.37
N CYS A 66 -5.48 0.36 0.49
CA CYS A 66 -4.85 1.61 0.90
C CYS A 66 -5.85 2.76 0.80
N ALA A 67 -5.79 3.67 1.77
CA ALA A 67 -6.69 4.83 1.78
C ALA A 67 -7.06 5.25 0.36
N ARG A 68 -6.05 5.50 -0.47
CA ARG A 68 -6.28 5.91 -1.84
C ARG A 68 -7.51 5.23 -2.42
N CYS A 69 -7.56 3.90 -2.32
CA CYS A 69 -8.68 3.13 -2.84
C CYS A 69 -9.79 3.04 -1.80
N THR A 70 -9.43 2.67 -0.57
CA THR A 70 -10.40 2.54 0.50
C THR A 70 -11.45 3.64 0.43
N ARG A 71 -10.98 4.89 0.42
CA ARG A 71 -11.89 6.03 0.35
C ARG A 71 -12.86 5.90 -0.81
N GLN A 72 -12.37 5.37 -1.92
CA GLN A 72 -13.20 5.19 -3.11
C GLN A 72 -14.25 4.11 -2.88
N MET A 73 -13.88 3.08 -2.13
CA MET A 73 -14.79 1.98 -1.83
C MET A 73 -15.73 2.36 -0.69
N LYS A 74 -15.28 3.26 0.17
CA LYS A 74 -16.08 3.70 1.30
C LYS A 74 -17.55 3.85 0.91
N ARG A 75 -18.44 3.57 1.87
CA ARG A 75 -19.87 3.67 1.62
C ARG A 75 -20.29 5.11 1.35
N MET A 76 -19.56 6.04 1.95
CA MET A 76 -19.84 7.46 1.78
C MET A 76 -19.17 8.01 0.52
N ALA A 77 -18.98 7.14 -0.46
CA ALA A 77 -18.35 7.53 -1.72
C ALA A 77 -19.39 7.68 -2.84
N GLN A 78 -20.53 8.26 -2.50
CA GLN A 78 -21.61 8.46 -3.46
C GLN A 78 -21.11 9.27 -4.65
N LYS A 79 -20.19 10.18 -4.40
CA LYS A 79 -19.64 11.03 -5.45
C LYS A 79 -18.52 10.32 -6.18
N ASN A 80 -18.73 9.05 -6.51
CA ASN A 80 -17.74 8.26 -7.21
C ASN A 80 -18.18 7.96 -8.65
N GLN A 81 -18.02 8.95 -9.52
CA GLN A 81 -18.40 8.81 -10.92
C GLN A 81 -17.99 7.44 -11.46
N LYS A 82 -18.68 6.99 -12.50
CA LYS A 82 -18.39 5.70 -13.11
C LYS A 82 -17.23 5.80 -14.09
N SER A 83 -16.37 4.79 -14.10
CA SER A 83 -15.21 4.78 -14.99
C SER A 83 -15.11 3.44 -15.72
N GLY A 84 -15.15 2.35 -14.95
CA GLY A 84 -15.05 1.03 -15.54
C GLY A 84 -13.71 0.77 -16.20
N PRO A 85 -12.69 0.48 -15.38
CA PRO A 85 -11.33 0.23 -15.86
C PRO A 85 -11.23 -1.10 -16.61
N SER A 86 -10.73 -1.05 -17.83
CA SER A 86 -10.58 -2.24 -18.66
C SER A 86 -9.88 -3.35 -17.88
N SER A 87 -8.72 -3.04 -17.32
CA SER A 87 -7.95 -4.01 -16.56
C SER A 87 -8.61 -4.28 -15.20
N GLY A 88 -8.65 -5.55 -14.81
CA GLY A 88 -9.26 -5.92 -13.55
C GLY A 88 -8.52 -5.35 -12.36
N GLY A 1 35.36 10.76 -4.86
CA GLY A 1 34.06 10.19 -4.64
C GLY A 1 33.21 11.02 -3.68
N SER A 2 32.42 11.93 -4.23
CA SER A 2 31.57 12.80 -3.42
C SER A 2 30.14 12.78 -3.93
N SER A 3 29.20 12.51 -3.03
CA SER A 3 27.79 12.46 -3.39
C SER A 3 27.00 13.53 -2.64
N GLY A 4 25.92 14.01 -3.26
CA GLY A 4 25.10 15.03 -2.65
C GLY A 4 24.48 14.56 -1.34
N SER A 5 23.39 13.80 -1.44
CA SER A 5 22.70 13.29 -0.27
C SER A 5 23.36 12.01 0.24
N SER A 6 24.42 12.16 1.04
CA SER A 6 25.14 11.03 1.59
C SER A 6 24.18 9.89 1.92
N GLY A 7 24.33 8.77 1.21
CA GLY A 7 23.47 7.63 1.45
C GLY A 7 24.08 6.33 0.96
N ALA A 8 23.24 5.33 0.74
CA ALA A 8 23.70 4.02 0.27
C ALA A 8 22.90 3.56 -0.94
N ASP A 9 23.31 2.44 -1.52
CA ASP A 9 22.62 1.89 -2.69
C ASP A 9 21.55 0.89 -2.25
N ASP A 10 20.32 1.11 -2.72
CA ASP A 10 19.20 0.23 -2.38
C ASP A 10 18.82 -0.63 -3.57
N PHE A 11 19.57 -1.71 -3.79
CA PHE A 11 19.31 -2.62 -4.90
C PHE A 11 17.92 -3.24 -4.78
N ALA A 12 17.50 -3.51 -3.55
CA ALA A 12 16.20 -4.10 -3.30
C ALA A 12 15.15 -3.54 -4.25
N MET A 13 15.37 -2.31 -4.70
CA MET A 13 14.44 -1.67 -5.63
C MET A 13 13.81 -2.68 -6.58
N GLU A 14 14.67 -3.38 -7.33
CA GLU A 14 14.20 -4.38 -8.27
C GLU A 14 13.12 -5.27 -7.64
N MET A 15 13.50 -5.94 -6.55
CA MET A 15 12.57 -6.82 -5.85
C MET A 15 11.23 -6.13 -5.60
N GLY A 16 11.30 -4.89 -5.12
CA GLY A 16 10.08 -4.14 -4.85
C GLY A 16 9.46 -4.52 -3.51
N LEU A 17 10.17 -4.22 -2.43
CA LEU A 17 9.68 -4.54 -1.09
C LEU A 17 9.63 -3.28 -0.22
N ALA A 18 9.54 -2.12 -0.88
CA ALA A 18 9.48 -0.85 -0.17
C ALA A 18 8.12 -0.18 -0.37
N CYS A 19 7.65 0.50 0.67
CA CYS A 19 6.36 1.18 0.61
C CYS A 19 6.38 2.29 -0.43
N VAL A 20 5.27 3.03 -0.53
CA VAL A 20 5.16 4.12 -1.48
C VAL A 20 5.25 5.47 -0.78
N VAL A 21 5.02 5.47 0.53
CA VAL A 21 5.08 6.70 1.31
C VAL A 21 6.49 7.24 1.37
N CYS A 22 7.34 6.61 2.17
CA CYS A 22 8.72 7.04 2.32
C CYS A 22 9.63 6.32 1.31
N ARG A 23 9.09 5.28 0.68
CA ARG A 23 9.83 4.52 -0.30
C ARG A 23 11.06 3.86 0.34
N GLN A 24 10.83 3.15 1.43
CA GLN A 24 11.91 2.47 2.14
C GLN A 24 11.56 1.01 2.41
N MET A 25 12.50 0.27 2.98
CA MET A 25 12.29 -1.14 3.30
C MET A 25 12.38 -1.38 4.80
N THR A 26 12.92 -0.40 5.52
CA THR A 26 13.08 -0.51 6.96
C THR A 26 11.79 -0.98 7.63
N VAL A 27 11.88 -2.08 8.37
CA VAL A 27 10.71 -2.64 9.05
C VAL A 27 11.07 -3.11 10.45
N ALA A 28 10.11 -3.72 11.12
CA ALA A 28 10.32 -4.23 12.48
C ALA A 28 9.31 -5.31 12.82
N SER A 29 9.67 -6.15 13.80
CA SER A 29 8.79 -7.23 14.22
C SER A 29 7.32 -6.81 14.15
N GLY A 30 7.03 -5.62 14.65
CA GLY A 30 5.67 -5.12 14.63
C GLY A 30 5.38 -4.27 13.41
N ASN A 31 6.16 -3.21 13.22
CA ASN A 31 5.98 -2.33 12.09
C ASN A 31 6.50 -2.96 10.81
N GLN A 32 5.62 -3.67 10.11
CA GLN A 32 6.00 -4.34 8.86
C GLN A 32 5.41 -3.61 7.66
N LEU A 33 5.59 -4.19 6.47
CA LEU A 33 5.08 -3.60 5.24
C LEU A 33 3.80 -4.28 4.80
N VAL A 34 2.96 -3.55 4.08
CA VAL A 34 1.70 -4.08 3.59
C VAL A 34 1.53 -3.83 2.09
N GLU A 35 0.68 -4.62 1.46
CA GLU A 35 0.42 -4.47 0.02
C GLU A 35 -1.07 -4.43 -0.27
N CYS A 36 -1.48 -3.44 -1.05
CA CYS A 36 -2.89 -3.28 -1.40
C CYS A 36 -3.30 -4.27 -2.48
N GLN A 37 -4.61 -4.46 -2.63
CA GLN A 37 -5.13 -5.39 -3.63
C GLN A 37 -5.59 -4.65 -4.88
N GLU A 38 -6.15 -3.45 -4.68
CA GLU A 38 -6.63 -2.65 -5.80
C GLU A 38 -5.47 -1.95 -6.51
N CYS A 39 -4.84 -1.01 -5.82
CA CYS A 39 -3.72 -0.27 -6.38
C CYS A 39 -2.47 -1.15 -6.43
N HIS A 40 -2.40 -2.12 -5.54
CA HIS A 40 -1.26 -3.02 -5.48
C HIS A 40 0.02 -2.27 -5.11
N ASN A 41 -0.10 -1.33 -4.16
CA ASN A 41 1.04 -0.54 -3.73
C ASN A 41 1.47 -0.93 -2.32
N LEU A 42 2.76 -0.77 -2.03
CA LEU A 42 3.30 -1.10 -0.72
C LEU A 42 3.12 0.07 0.25
N TYR A 43 2.52 -0.22 1.40
CA TYR A 43 2.29 0.80 2.42
C TYR A 43 2.73 0.32 3.79
N HIS A 44 3.76 0.96 4.33
CA HIS A 44 4.27 0.59 5.65
C HIS A 44 3.19 0.69 6.71
N GLN A 45 2.99 -0.41 7.45
CA GLN A 45 1.97 -0.45 8.49
C GLN A 45 1.90 0.88 9.23
N ASP A 46 3.02 1.60 9.25
CA ASP A 46 3.08 2.89 9.93
C ASP A 46 2.80 4.03 8.96
N CYS A 47 3.68 4.20 7.97
CA CYS A 47 3.54 5.24 6.98
C CYS A 47 2.06 5.45 6.61
N HIS A 48 1.33 4.35 6.53
CA HIS A 48 -0.09 4.40 6.19
C HIS A 48 -0.87 5.17 7.25
N LYS A 49 -2.04 5.68 6.86
CA LYS A 49 -2.88 6.44 7.78
C LYS A 49 -3.34 5.57 8.94
N PRO A 50 -4.20 4.58 8.64
CA PRO A 50 -4.72 3.66 9.65
C PRO A 50 -3.66 2.70 10.18
N GLN A 51 -3.25 2.91 11.43
CA GLN A 51 -2.25 2.06 12.05
C GLN A 51 -2.54 0.59 11.81
N VAL A 52 -1.81 -0.01 10.87
CA VAL A 52 -1.99 -1.42 10.54
C VAL A 52 -1.36 -2.31 11.59
N THR A 53 -2.06 -3.40 11.94
CA THR A 53 -1.57 -4.34 12.94
C THR A 53 -0.90 -5.53 12.28
N ASP A 54 -0.35 -6.42 13.10
CA ASP A 54 0.32 -7.62 12.60
C ASP A 54 -0.69 -8.64 12.12
N LYS A 55 -1.57 -9.07 13.02
CA LYS A 55 -2.59 -10.06 12.70
C LYS A 55 -3.07 -9.89 11.25
N GLU A 56 -3.11 -8.64 10.79
CA GLU A 56 -3.54 -8.34 9.43
C GLU A 56 -2.61 -8.99 8.41
N VAL A 57 -1.37 -8.52 8.36
CA VAL A 57 -0.38 -9.05 7.42
C VAL A 57 -0.23 -10.55 7.59
N ASN A 58 -0.37 -11.02 8.83
CA ASN A 58 -0.25 -12.44 9.13
C ASN A 58 -1.23 -13.27 8.29
N ASP A 59 -2.47 -12.81 8.24
CA ASP A 59 -3.51 -13.51 7.48
C ASP A 59 -3.14 -13.57 5.99
N PRO A 60 -2.88 -14.78 5.50
CA PRO A 60 -2.53 -15.00 4.09
C PRO A 60 -3.69 -14.74 3.14
N ARG A 61 -4.88 -15.16 3.55
CA ARG A 61 -6.07 -14.97 2.74
C ARG A 61 -6.81 -13.70 3.13
N LEU A 62 -6.05 -12.67 3.50
CA LEU A 62 -6.63 -11.40 3.90
C LEU A 62 -6.54 -10.38 2.77
N VAL A 63 -7.50 -9.45 2.73
CA VAL A 63 -7.52 -8.42 1.70
C VAL A 63 -7.28 -7.04 2.30
N TRP A 64 -6.12 -6.48 2.01
CA TRP A 64 -5.76 -5.16 2.52
C TRP A 64 -5.97 -4.09 1.44
N TYR A 65 -6.24 -2.86 1.88
CA TYR A 65 -6.45 -1.75 0.96
C TYR A 65 -5.84 -0.46 1.50
N CYS A 66 -5.49 0.45 0.60
CA CYS A 66 -4.89 1.71 0.98
C CYS A 66 -5.88 2.86 0.82
N ALA A 67 -5.83 3.83 1.73
CA ALA A 67 -6.73 4.97 1.68
C ALA A 67 -7.06 5.34 0.24
N ARG A 68 -6.03 5.56 -0.56
CA ARG A 68 -6.22 5.94 -1.97
C ARG A 68 -7.45 5.26 -2.54
N CYS A 69 -7.56 3.95 -2.32
CA CYS A 69 -8.70 3.19 -2.82
C CYS A 69 -9.81 3.11 -1.78
N THR A 70 -9.43 2.75 -0.55
CA THR A 70 -10.40 2.65 0.54
C THR A 70 -11.40 3.79 0.50
N ARG A 71 -10.94 4.98 0.10
CA ARG A 71 -11.80 6.15 0.02
C ARG A 71 -12.66 6.11 -1.24
N GLN A 72 -12.10 5.56 -2.31
CA GLN A 72 -12.82 5.46 -3.58
C GLN A 72 -13.97 4.45 -3.48
N MET A 73 -13.62 3.20 -3.16
CA MET A 73 -14.61 2.15 -3.03
C MET A 73 -15.79 2.60 -2.17
N LYS A 74 -15.49 3.37 -1.13
CA LYS A 74 -16.51 3.87 -0.23
C LYS A 74 -17.70 4.43 -1.02
N ARG A 75 -18.86 3.81 -0.84
CA ARG A 75 -20.07 4.24 -1.53
C ARG A 75 -20.61 5.53 -0.92
N MET A 76 -20.56 5.62 0.41
CA MET A 76 -21.04 6.80 1.11
C MET A 76 -19.96 7.86 1.21
N ALA A 77 -19.05 7.87 0.23
CA ALA A 77 -17.97 8.84 0.20
C ALA A 77 -18.12 9.82 -0.94
N GLN A 78 -19.36 10.27 -1.16
CA GLN A 78 -19.65 11.22 -2.23
C GLN A 78 -20.25 12.50 -1.67
N LYS A 79 -19.77 13.64 -2.18
CA LYS A 79 -20.26 14.93 -1.73
C LYS A 79 -20.61 15.83 -2.92
N ASN A 80 -20.86 15.20 -4.06
CA ASN A 80 -21.21 15.94 -5.28
C ASN A 80 -22.27 15.19 -6.09
N GLN A 81 -22.79 15.84 -7.12
CA GLN A 81 -23.80 15.23 -7.97
C GLN A 81 -23.17 14.57 -9.20
N LYS A 82 -23.77 13.48 -9.65
CA LYS A 82 -23.28 12.76 -10.81
C LYS A 82 -24.41 12.06 -11.55
N SER A 83 -24.21 11.83 -12.84
CA SER A 83 -25.22 11.16 -13.66
C SER A 83 -25.22 9.66 -13.43
N GLY A 84 -24.05 9.04 -13.63
CA GLY A 84 -23.93 7.60 -13.44
C GLY A 84 -23.73 6.86 -14.74
N PRO A 85 -24.82 6.29 -15.29
CA PRO A 85 -24.77 5.54 -16.55
C PRO A 85 -24.51 6.44 -17.75
N SER A 86 -24.31 5.82 -18.91
CA SER A 86 -24.05 6.57 -20.14
C SER A 86 -25.33 7.19 -20.68
N SER A 87 -26.41 6.42 -20.67
CA SER A 87 -27.70 6.89 -21.16
C SER A 87 -28.10 8.19 -20.46
N GLY A 88 -28.12 8.16 -19.13
CA GLY A 88 -28.49 9.33 -18.36
C GLY A 88 -27.66 9.49 -17.10
N GLY A 1 20.66 11.42 -11.96
CA GLY A 1 20.32 11.55 -10.56
C GLY A 1 21.34 12.36 -9.79
N SER A 2 21.06 12.60 -8.51
CA SER A 2 21.95 13.36 -7.65
C SER A 2 22.87 12.44 -6.86
N SER A 3 24.09 12.89 -6.62
CA SER A 3 25.07 12.10 -5.87
C SER A 3 24.59 11.86 -4.44
N GLY A 4 24.21 12.93 -3.76
CA GLY A 4 23.74 12.82 -2.40
C GLY A 4 24.81 12.31 -1.45
N SER A 5 24.72 12.70 -0.18
CA SER A 5 25.69 12.29 0.81
C SER A 5 26.18 10.87 0.54
N SER A 6 25.24 9.93 0.45
CA SER A 6 25.56 8.53 0.21
C SER A 6 25.71 8.27 -1.29
N GLY A 7 26.34 7.16 -1.63
CA GLY A 7 26.53 6.80 -3.02
C GLY A 7 26.70 5.31 -3.24
N ALA A 8 25.81 4.53 -2.65
CA ALA A 8 25.86 3.08 -2.77
C ALA A 8 24.86 2.58 -3.80
N ASP A 9 25.03 1.33 -4.23
CA ASP A 9 24.14 0.73 -5.21
C ASP A 9 23.13 -0.21 -4.54
N ASP A 10 21.86 -0.06 -4.92
CA ASP A 10 20.81 -0.89 -4.35
C ASP A 10 20.13 -1.72 -5.43
N PHE A 11 20.11 -3.03 -5.24
CA PHE A 11 19.49 -3.94 -6.20
C PHE A 11 18.01 -4.13 -5.89
N ALA A 12 17.67 -4.13 -4.60
CA ALA A 12 16.29 -4.32 -4.17
C ALA A 12 15.33 -3.63 -5.12
N MET A 13 15.78 -2.56 -5.76
CA MET A 13 14.96 -1.82 -6.70
C MET A 13 14.03 -2.75 -7.46
N GLU A 14 14.60 -3.77 -8.08
CA GLU A 14 13.83 -4.74 -8.84
C GLU A 14 12.81 -5.44 -7.96
N MET A 15 13.30 -6.18 -6.97
CA MET A 15 12.43 -6.90 -6.05
C MET A 15 11.14 -6.12 -5.79
N GLY A 16 11.29 -4.89 -5.31
CA GLY A 16 10.13 -4.06 -5.03
C GLY A 16 9.49 -4.39 -3.69
N LEU A 17 10.21 -4.11 -2.61
CA LEU A 17 9.70 -4.38 -1.27
C LEU A 17 9.66 -3.11 -0.44
N ALA A 18 9.60 -1.96 -1.11
CA ALA A 18 9.54 -0.67 -0.43
C ALA A 18 8.17 -0.03 -0.57
N CYS A 19 7.71 0.60 0.50
CA CYS A 19 6.40 1.26 0.49
C CYS A 19 6.36 2.39 -0.53
N VAL A 20 5.24 3.09 -0.58
CA VAL A 20 5.07 4.21 -1.50
C VAL A 20 5.14 5.55 -0.78
N VAL A 21 4.97 5.50 0.54
CA VAL A 21 5.01 6.72 1.34
C VAL A 21 6.42 7.29 1.41
N CYS A 22 7.28 6.65 2.19
CA CYS A 22 8.65 7.09 2.33
C CYS A 22 9.56 6.43 1.31
N ARG A 23 9.03 5.40 0.65
CA ARG A 23 9.78 4.68 -0.37
C ARG A 23 11.01 3.99 0.25
N GLN A 24 10.78 3.25 1.32
CA GLN A 24 11.87 2.55 2.01
C GLN A 24 11.48 1.09 2.27
N MET A 25 12.44 0.32 2.77
CA MET A 25 12.21 -1.09 3.06
C MET A 25 12.34 -1.35 4.56
N THR A 26 12.86 -0.37 5.29
CA THR A 26 13.03 -0.49 6.73
C THR A 26 11.77 -1.03 7.39
N VAL A 27 11.92 -2.10 8.16
CA VAL A 27 10.79 -2.72 8.86
C VAL A 27 11.20 -3.23 10.23
N ALA A 28 10.27 -3.87 10.93
CA ALA A 28 10.53 -4.41 12.26
C ALA A 28 9.50 -5.45 12.64
N SER A 29 9.80 -6.24 13.66
CA SER A 29 8.89 -7.27 14.13
C SER A 29 7.45 -6.81 14.05
N GLY A 30 7.21 -5.55 14.41
CA GLY A 30 5.87 -5.00 14.37
C GLY A 30 5.66 -4.07 13.19
N ASN A 31 6.63 -3.20 12.93
CA ASN A 31 6.54 -2.26 11.83
C ASN A 31 6.93 -2.92 10.52
N GLN A 32 6.01 -3.69 9.95
CA GLN A 32 6.26 -4.38 8.69
C GLN A 32 5.63 -3.63 7.51
N LEU A 33 5.71 -4.23 6.33
CA LEU A 33 5.15 -3.62 5.13
C LEU A 33 3.84 -4.30 4.74
N VAL A 34 3.07 -3.63 3.88
CA VAL A 34 1.80 -4.18 3.41
C VAL A 34 1.61 -3.93 1.92
N GLU A 35 0.85 -4.82 1.28
CA GLU A 35 0.59 -4.70 -0.15
C GLU A 35 -0.91 -4.65 -0.43
N CYS A 36 -1.36 -3.60 -1.09
CA CYS A 36 -2.77 -3.43 -1.42
C CYS A 36 -3.22 -4.48 -2.43
N GLN A 37 -4.53 -4.64 -2.57
CA GLN A 37 -5.08 -5.61 -3.51
C GLN A 37 -5.61 -4.92 -4.76
N GLU A 38 -6.08 -3.68 -4.59
CA GLU A 38 -6.62 -2.92 -5.71
C GLU A 38 -5.50 -2.21 -6.47
N CYS A 39 -4.80 -1.31 -5.79
CA CYS A 39 -3.71 -0.57 -6.42
C CYS A 39 -2.42 -1.39 -6.41
N HIS A 40 -2.33 -2.34 -5.48
CA HIS A 40 -1.16 -3.20 -5.36
C HIS A 40 0.08 -2.38 -4.98
N ASN A 41 -0.13 -1.35 -4.16
CA ASN A 41 0.96 -0.49 -3.71
C ASN A 41 1.44 -0.91 -2.33
N LEU A 42 2.73 -0.71 -2.08
CA LEU A 42 3.31 -1.07 -0.79
C LEU A 42 3.14 0.07 0.22
N TYR A 43 2.57 -0.25 1.38
CA TYR A 43 2.34 0.73 2.42
C TYR A 43 2.82 0.21 3.77
N HIS A 44 3.79 0.92 4.35
CA HIS A 44 4.33 0.53 5.66
C HIS A 44 3.26 0.59 6.73
N GLN A 45 3.11 -0.50 7.48
CA GLN A 45 2.12 -0.58 8.54
C GLN A 45 2.04 0.75 9.29
N ASP A 46 3.13 1.50 9.28
CA ASP A 46 3.18 2.79 9.96
C ASP A 46 2.88 3.93 8.99
N CYS A 47 3.75 4.11 8.00
CA CYS A 47 3.59 5.17 7.01
C CYS A 47 2.12 5.38 6.68
N HIS A 48 1.37 4.28 6.59
CA HIS A 48 -0.05 4.34 6.29
C HIS A 48 -0.81 5.11 7.37
N LYS A 49 -1.96 5.66 7.00
CA LYS A 49 -2.78 6.42 7.93
C LYS A 49 -3.23 5.54 9.10
N PRO A 50 -4.10 4.56 8.81
CA PRO A 50 -4.62 3.64 9.82
C PRO A 50 -3.55 2.67 10.33
N GLN A 51 -3.12 2.86 11.57
CA GLN A 51 -2.11 2.01 12.16
C GLN A 51 -2.42 0.53 11.92
N VAL A 52 -1.72 -0.06 10.96
CA VAL A 52 -1.93 -1.46 10.61
C VAL A 52 -1.38 -2.38 11.70
N THR A 53 -2.09 -3.46 11.97
CA THR A 53 -1.68 -4.42 12.99
C THR A 53 -1.01 -5.64 12.37
N ASP A 54 -0.41 -6.47 13.20
CA ASP A 54 0.25 -7.68 12.73
C ASP A 54 -0.76 -8.74 12.31
N LYS A 55 -1.80 -8.91 13.12
CA LYS A 55 -2.84 -9.89 12.82
C LYS A 55 -3.27 -9.80 11.37
N GLU A 56 -3.14 -8.62 10.78
CA GLU A 56 -3.51 -8.41 9.38
C GLU A 56 -2.45 -8.96 8.45
N VAL A 57 -1.29 -8.29 8.40
CA VAL A 57 -0.19 -8.73 7.55
C VAL A 57 0.01 -10.24 7.63
N ASN A 58 -0.37 -10.82 8.76
CA ASN A 58 -0.23 -12.26 8.96
C ASN A 58 -1.27 -13.02 8.15
N ASP A 59 -2.53 -12.64 8.29
CA ASP A 59 -3.62 -13.29 7.57
C ASP A 59 -3.32 -13.35 6.08
N PRO A 60 -3.01 -14.56 5.58
CA PRO A 60 -2.69 -14.78 4.17
C PRO A 60 -3.92 -14.62 3.28
N ARG A 61 -5.10 -14.80 3.86
CA ARG A 61 -6.34 -14.68 3.10
C ARG A 61 -7.07 -13.40 3.48
N LEU A 62 -6.32 -12.38 3.89
CA LEU A 62 -6.90 -11.10 4.28
C LEU A 62 -6.83 -10.11 3.13
N VAL A 63 -7.86 -9.27 3.02
CA VAL A 63 -7.93 -8.27 1.97
C VAL A 63 -7.61 -6.88 2.51
N TRP A 64 -6.43 -6.37 2.17
CA TRP A 64 -6.00 -5.05 2.62
C TRP A 64 -6.20 -4.01 1.52
N TYR A 65 -6.79 -2.88 1.88
CA TYR A 65 -7.03 -1.80 0.93
C TYR A 65 -6.54 -0.46 1.47
N CYS A 66 -5.56 0.12 0.79
CA CYS A 66 -5.00 1.40 1.20
C CYS A 66 -6.02 2.52 1.03
N ALA A 67 -5.99 3.49 1.95
CA ALA A 67 -6.91 4.62 1.89
C ALA A 67 -7.14 5.07 0.45
N ARG A 68 -6.06 5.44 -0.22
CA ARG A 68 -6.14 5.89 -1.60
C ARG A 68 -7.28 5.18 -2.35
N CYS A 69 -7.41 3.89 -2.10
CA CYS A 69 -8.46 3.10 -2.75
C CYS A 69 -9.75 3.16 -1.96
N THR A 70 -9.66 2.93 -0.66
CA THR A 70 -10.83 2.95 0.22
C THR A 70 -11.69 4.19 -0.07
N ARG A 71 -11.05 5.32 -0.26
CA ARG A 71 -11.75 6.57 -0.54
C ARG A 71 -12.48 6.49 -1.88
N GLN A 72 -11.88 5.81 -2.84
CA GLN A 72 -12.46 5.66 -4.16
C GLN A 72 -13.71 4.78 -4.11
N MET A 73 -13.52 3.53 -3.71
CA MET A 73 -14.62 2.58 -3.61
C MET A 73 -15.76 3.15 -2.78
N LYS A 74 -15.40 3.88 -1.73
CA LYS A 74 -16.39 4.49 -0.85
C LYS A 74 -17.23 5.52 -1.60
N ARG A 75 -18.50 5.62 -1.25
CA ARG A 75 -19.41 6.56 -1.88
C ARG A 75 -18.88 7.99 -1.75
N MET A 76 -18.49 8.36 -0.55
CA MET A 76 -17.96 9.70 -0.29
C MET A 76 -18.85 10.76 -0.93
N ALA A 77 -20.16 10.58 -0.81
CA ALA A 77 -21.12 11.53 -1.37
C ALA A 77 -21.90 12.24 -0.28
N GLN A 78 -21.21 12.61 0.79
CA GLN A 78 -21.83 13.31 1.91
C GLN A 78 -21.94 14.80 1.63
N LYS A 79 -23.16 15.32 1.66
CA LYS A 79 -23.40 16.74 1.41
C LYS A 79 -22.35 17.59 2.10
N ASN A 80 -21.49 18.23 1.31
CA ASN A 80 -20.44 19.08 1.85
C ASN A 80 -21.01 20.40 2.37
N GLN A 81 -21.73 21.09 1.50
CA GLN A 81 -22.33 22.37 1.86
C GLN A 81 -23.64 22.16 2.64
N LYS A 82 -23.61 21.22 3.57
CA LYS A 82 -24.78 20.91 4.39
C LYS A 82 -24.38 20.53 5.80
N SER A 83 -24.81 21.32 6.78
CA SER A 83 -24.49 21.06 8.17
C SER A 83 -25.75 20.72 8.96
N GLY A 84 -26.03 19.42 9.08
CA GLY A 84 -27.21 18.99 9.81
C GLY A 84 -26.86 18.13 11.01
N PRO A 85 -26.30 18.77 12.05
CA PRO A 85 -25.91 18.09 13.28
C PRO A 85 -27.11 17.61 14.10
N SER A 86 -27.39 16.32 14.03
CA SER A 86 -28.52 15.74 14.75
C SER A 86 -28.07 15.16 16.08
N SER A 87 -29.04 14.79 16.92
CA SER A 87 -28.73 14.22 18.23
C SER A 87 -29.86 13.31 18.70
N GLY A 88 -29.50 12.30 19.48
CA GLY A 88 -30.49 11.36 19.98
C GLY A 88 -30.13 10.82 21.35
N GLY A 1 23.41 4.70 -13.86
CA GLY A 1 24.74 4.52 -13.32
C GLY A 1 25.48 3.37 -13.98
N SER A 2 26.74 3.19 -13.58
CA SER A 2 27.57 2.12 -14.15
C SER A 2 27.00 0.74 -13.78
N SER A 3 26.69 -0.05 -14.81
CA SER A 3 26.15 -1.38 -14.59
C SER A 3 27.19 -2.45 -14.92
N GLY A 4 27.68 -3.12 -13.88
CA GLY A 4 28.67 -4.16 -14.08
C GLY A 4 28.20 -5.26 -15.01
N SER A 5 29.10 -6.15 -15.39
CA SER A 5 28.76 -7.25 -16.29
C SER A 5 28.39 -8.50 -15.49
N SER A 6 29.29 -8.93 -14.61
CA SER A 6 29.05 -10.11 -13.80
C SER A 6 28.00 -9.83 -12.73
N GLY A 7 28.31 -8.90 -11.83
CA GLY A 7 27.39 -8.55 -10.76
C GLY A 7 26.46 -7.42 -11.15
N ALA A 8 25.15 -7.63 -10.96
CA ALA A 8 24.16 -6.61 -11.29
C ALA A 8 22.97 -6.68 -10.34
N ASP A 9 22.88 -5.70 -9.45
CA ASP A 9 21.80 -5.64 -8.49
C ASP A 9 21.40 -4.19 -8.18
N ASP A 10 20.11 -3.91 -8.25
CA ASP A 10 19.61 -2.56 -8.00
C ASP A 10 19.31 -2.38 -6.51
N PHE A 11 20.09 -1.52 -5.86
CA PHE A 11 19.91 -1.26 -4.44
C PHE A 11 18.47 -0.85 -4.14
N ALA A 12 17.88 -1.51 -3.14
CA ALA A 12 16.50 -1.21 -2.75
C ALA A 12 15.65 -0.86 -3.97
N MET A 13 16.01 -1.43 -5.12
CA MET A 13 15.28 -1.18 -6.35
C MET A 13 14.94 -2.49 -7.06
N GLU A 14 15.81 -3.48 -6.89
CA GLU A 14 15.60 -4.78 -7.51
C GLU A 14 14.55 -5.58 -6.76
N MET A 15 14.56 -5.48 -5.44
CA MET A 15 13.59 -6.20 -4.60
C MET A 15 12.21 -5.57 -4.71
N GLY A 16 12.17 -4.25 -4.85
CA GLY A 16 10.90 -3.55 -4.97
C GLY A 16 9.91 -3.96 -3.89
N LEU A 17 10.39 -4.01 -2.64
CA LEU A 17 9.54 -4.39 -1.52
C LEU A 17 9.38 -3.22 -0.54
N ALA A 18 9.61 -2.01 -1.04
CA ALA A 18 9.49 -0.82 -0.22
C ALA A 18 8.11 -0.17 -0.40
N CYS A 19 7.60 0.43 0.68
CA CYS A 19 6.30 1.09 0.64
C CYS A 19 6.30 2.24 -0.37
N VAL A 20 5.17 2.93 -0.46
CA VAL A 20 5.04 4.05 -1.38
C VAL A 20 5.11 5.39 -0.65
N VAL A 21 4.91 5.34 0.66
CA VAL A 21 4.95 6.54 1.49
C VAL A 21 6.37 7.10 1.56
N CYS A 22 7.22 6.46 2.36
CA CYS A 22 8.60 6.89 2.51
C CYS A 22 9.50 6.20 1.50
N ARG A 23 8.98 5.18 0.84
CA ARG A 23 9.73 4.43 -0.16
C ARG A 23 10.95 3.76 0.47
N GLN A 24 10.72 3.03 1.54
CA GLN A 24 11.80 2.33 2.25
C GLN A 24 11.47 0.87 2.46
N MET A 25 12.44 0.10 2.94
CA MET A 25 12.25 -1.32 3.18
C MET A 25 12.38 -1.65 4.67
N THR A 26 12.90 -0.68 5.43
CA THR A 26 13.09 -0.86 6.86
C THR A 26 11.79 -1.32 7.53
N VAL A 27 11.86 -2.38 8.31
CA VAL A 27 10.70 -2.91 9.01
C VAL A 27 11.08 -3.44 10.39
N ALA A 28 10.09 -3.96 11.11
CA ALA A 28 10.32 -4.50 12.44
C ALA A 28 9.27 -5.56 12.80
N SER A 29 9.65 -6.51 13.63
CA SER A 29 8.75 -7.58 14.05
C SER A 29 7.32 -7.06 14.15
N GLY A 30 7.18 -5.83 14.61
CA GLY A 30 5.85 -5.23 14.75
C GLY A 30 5.48 -4.35 13.58
N ASN A 31 6.40 -3.45 13.21
CA ASN A 31 6.15 -2.54 12.10
C ASN A 31 6.61 -3.16 10.78
N GLN A 32 5.73 -3.91 10.14
CA GLN A 32 6.04 -4.56 8.87
C GLN A 32 5.39 -3.82 7.71
N LEU A 33 5.59 -4.34 6.50
CA LEU A 33 5.03 -3.72 5.30
C LEU A 33 3.73 -4.42 4.90
N VAL A 34 2.96 -3.76 4.04
CA VAL A 34 1.69 -4.31 3.57
C VAL A 34 1.50 -4.06 2.08
N GLU A 35 0.73 -4.93 1.44
CA GLU A 35 0.47 -4.80 0.00
C GLU A 35 -1.02 -4.71 -0.27
N CYS A 36 -1.42 -3.69 -1.02
CA CYS A 36 -2.82 -3.48 -1.37
C CYS A 36 -3.28 -4.46 -2.44
N GLN A 37 -4.59 -4.60 -2.59
CA GLN A 37 -5.15 -5.51 -3.59
C GLN A 37 -5.62 -4.74 -4.81
N GLU A 38 -6.16 -3.54 -4.59
CA GLU A 38 -6.64 -2.72 -5.69
C GLU A 38 -5.48 -2.04 -6.41
N CYS A 39 -4.83 -1.10 -5.73
CA CYS A 39 -3.70 -0.38 -6.31
C CYS A 39 -2.46 -1.26 -6.35
N HIS A 40 -2.42 -2.26 -5.48
CA HIS A 40 -1.29 -3.17 -5.42
C HIS A 40 -0.01 -2.43 -5.01
N ASN A 41 -0.17 -1.41 -4.17
CA ASN A 41 0.96 -0.63 -3.70
C ASN A 41 1.39 -1.06 -2.30
N LEU A 42 2.66 -0.84 -1.98
CA LEU A 42 3.19 -1.20 -0.67
C LEU A 42 3.00 -0.06 0.33
N TYR A 43 2.47 -0.38 1.50
CA TYR A 43 2.24 0.62 2.53
C TYR A 43 2.70 0.10 3.90
N HIS A 44 3.69 0.77 4.48
CA HIS A 44 4.22 0.38 5.79
C HIS A 44 3.13 0.44 6.84
N GLN A 45 2.96 -0.65 7.58
CA GLN A 45 1.96 -0.72 8.63
C GLN A 45 1.84 0.60 9.38
N ASP A 46 2.95 1.36 9.40
CA ASP A 46 2.97 2.65 10.07
C ASP A 46 2.68 3.78 9.09
N CYS A 47 3.58 3.96 8.12
CA CYS A 47 3.43 5.01 7.12
C CYS A 47 1.95 5.20 6.77
N HIS A 48 1.21 4.11 6.69
CA HIS A 48 -0.20 4.16 6.36
C HIS A 48 -0.98 4.95 7.41
N LYS A 49 -2.15 5.45 7.03
CA LYS A 49 -2.99 6.22 7.93
C LYS A 49 -3.45 5.37 9.11
N PRO A 50 -4.32 4.38 8.82
CA PRO A 50 -4.85 3.47 9.84
C PRO A 50 -3.79 2.52 10.38
N GLN A 51 -3.40 2.73 11.64
CA GLN A 51 -2.40 1.89 12.27
C GLN A 51 -2.67 0.41 12.00
N VAL A 52 -1.89 -0.17 11.10
CA VAL A 52 -2.06 -1.58 10.74
C VAL A 52 -1.54 -2.49 11.85
N THR A 53 -2.21 -3.62 12.05
CA THR A 53 -1.81 -4.58 13.08
C THR A 53 -0.91 -5.66 12.50
N ASP A 54 -0.45 -6.55 13.36
CA ASP A 54 0.42 -7.65 12.94
C ASP A 54 -0.39 -8.78 12.33
N LYS A 55 -1.59 -9.00 12.86
CA LYS A 55 -2.47 -10.04 12.37
C LYS A 55 -2.92 -9.76 10.94
N GLU A 56 -3.27 -8.50 10.68
CA GLU A 56 -3.72 -8.09 9.35
C GLU A 56 -2.68 -8.45 8.30
N VAL A 57 -1.49 -7.89 8.45
CA VAL A 57 -0.39 -8.14 7.51
C VAL A 57 -0.15 -9.63 7.34
N ASN A 58 -0.30 -10.38 8.43
CA ASN A 58 -0.09 -11.82 8.41
C ASN A 58 -1.17 -12.51 7.57
N ASP A 59 -2.42 -12.16 7.83
CA ASP A 59 -3.54 -12.74 7.10
C ASP A 59 -3.20 -12.90 5.62
N PRO A 60 -2.86 -14.14 5.22
CA PRO A 60 -2.51 -14.45 3.83
C PRO A 60 -3.72 -14.37 2.89
N ARG A 61 -4.88 -14.77 3.39
CA ARG A 61 -6.10 -14.73 2.61
C ARG A 61 -6.94 -13.51 2.95
N LEU A 62 -6.27 -12.40 3.25
CA LEU A 62 -6.95 -11.16 3.60
C LEU A 62 -6.77 -10.12 2.50
N VAL A 63 -7.84 -9.37 2.22
CA VAL A 63 -7.79 -8.33 1.21
C VAL A 63 -7.54 -6.95 1.83
N TRP A 64 -6.27 -6.56 1.88
CA TRP A 64 -5.91 -5.27 2.45
C TRP A 64 -5.98 -4.17 1.40
N TYR A 65 -6.55 -3.02 1.80
CA TYR A 65 -6.69 -1.89 0.89
C TYR A 65 -6.07 -0.63 1.48
N CYS A 66 -5.55 0.24 0.62
CA CYS A 66 -4.94 1.48 1.06
C CYS A 66 -5.90 2.65 0.92
N ALA A 67 -5.89 3.55 1.90
CA ALA A 67 -6.77 4.71 1.87
C ALA A 67 -7.04 5.17 0.45
N ARG A 68 -5.98 5.38 -0.32
CA ARG A 68 -6.11 5.81 -1.70
C ARG A 68 -7.33 5.17 -2.36
N CYS A 69 -7.45 3.86 -2.24
CA CYS A 69 -8.56 3.13 -2.82
C CYS A 69 -9.74 3.07 -1.85
N THR A 70 -9.46 2.70 -0.61
CA THR A 70 -10.49 2.60 0.42
C THR A 70 -11.46 3.77 0.33
N ARG A 71 -10.92 4.99 0.28
CA ARG A 71 -11.74 6.19 0.18
C ARG A 71 -12.64 6.14 -1.05
N GLN A 72 -12.13 5.57 -2.13
CA GLN A 72 -12.88 5.47 -3.38
C GLN A 72 -14.03 4.49 -3.23
N MET A 73 -13.68 3.22 -2.96
CA MET A 73 -14.69 2.18 -2.81
C MET A 73 -15.74 2.59 -1.79
N LYS A 74 -15.30 3.20 -0.70
CA LYS A 74 -16.21 3.65 0.36
C LYS A 74 -17.53 4.12 -0.23
N ARG A 75 -18.63 3.82 0.47
CA ARG A 75 -19.95 4.21 0.02
C ARG A 75 -20.33 5.59 0.56
N MET A 76 -19.80 5.92 1.73
CA MET A 76 -20.07 7.21 2.36
C MET A 76 -19.51 8.35 1.53
N ALA A 77 -18.65 8.01 0.56
CA ALA A 77 -18.04 9.01 -0.29
C ALA A 77 -18.60 8.94 -1.71
N GLN A 78 -19.89 8.64 -1.81
CA GLN A 78 -20.55 8.54 -3.11
C GLN A 78 -20.88 9.92 -3.66
N LYS A 79 -20.59 10.13 -4.94
CA LYS A 79 -20.86 11.40 -5.60
C LYS A 79 -21.64 11.21 -6.89
N ASN A 80 -22.34 10.08 -6.99
CA ASN A 80 -23.12 9.77 -8.18
C ASN A 80 -24.62 9.95 -7.91
N GLN A 81 -25.40 10.06 -8.97
CA GLN A 81 -26.84 10.23 -8.85
C GLN A 81 -27.54 8.88 -8.73
N LYS A 82 -26.91 7.84 -9.27
CA LYS A 82 -27.48 6.50 -9.21
C LYS A 82 -26.38 5.44 -9.24
N SER A 83 -26.37 4.57 -8.23
CA SER A 83 -25.37 3.52 -8.14
C SER A 83 -25.59 2.47 -9.22
N GLY A 84 -24.54 2.18 -9.98
CA GLY A 84 -24.63 1.19 -11.04
C GLY A 84 -24.57 -0.23 -10.51
N PRO A 85 -23.40 -0.86 -10.66
CA PRO A 85 -23.19 -2.24 -10.19
C PRO A 85 -23.17 -2.35 -8.68
N SER A 86 -24.29 -2.82 -8.11
CA SER A 86 -24.41 -2.97 -6.66
C SER A 86 -25.54 -3.93 -6.32
N SER A 87 -25.19 -5.01 -5.62
CA SER A 87 -26.17 -6.02 -5.22
C SER A 87 -26.72 -5.71 -3.83
N GLY A 88 -27.01 -4.44 -3.59
CA GLY A 88 -27.56 -4.04 -2.30
C GLY A 88 -26.47 -3.81 -1.27
N GLY A 1 23.06 20.90 4.00
CA GLY A 1 22.38 20.42 5.18
C GLY A 1 23.18 19.36 5.92
N SER A 2 23.77 18.43 5.18
CA SER A 2 24.57 17.36 5.78
C SER A 2 25.71 16.96 4.85
N SER A 3 26.83 16.56 5.44
CA SER A 3 28.00 16.15 4.67
C SER A 3 27.66 14.96 3.78
N GLY A 4 27.26 13.84 4.40
CA GLY A 4 26.91 12.66 3.64
C GLY A 4 28.02 11.61 3.68
N SER A 5 27.98 10.69 2.72
CA SER A 5 28.97 9.63 2.64
C SER A 5 28.91 8.92 1.29
N SER A 6 29.98 8.20 0.97
CA SER A 6 30.05 7.47 -0.31
C SER A 6 28.74 6.74 -0.59
N GLY A 7 28.13 7.05 -1.72
CA GLY A 7 26.88 6.40 -2.08
C GLY A 7 27.09 5.14 -2.87
N ALA A 8 26.84 3.99 -2.23
CA ALA A 8 27.00 2.70 -2.88
C ALA A 8 25.93 2.48 -3.95
N ASP A 9 26.19 1.56 -4.86
CA ASP A 9 25.26 1.24 -5.94
C ASP A 9 24.19 0.27 -5.46
N ASP A 10 23.12 0.80 -4.90
CA ASP A 10 22.02 -0.04 -4.40
C ASP A 10 20.71 0.74 -4.39
N PHE A 11 19.61 0.05 -4.66
CA PHE A 11 18.29 0.67 -4.67
C PHE A 11 17.20 -0.34 -4.35
N ALA A 12 16.16 0.12 -3.66
CA ALA A 12 15.05 -0.75 -3.28
C ALA A 12 14.53 -1.52 -4.49
N MET A 13 14.35 -0.83 -5.60
CA MET A 13 13.85 -1.45 -6.82
C MET A 13 14.32 -2.89 -6.92
N GLU A 14 15.60 -3.11 -6.66
CA GLU A 14 16.19 -4.45 -6.72
C GLU A 14 15.22 -5.49 -6.16
N MET A 15 14.88 -5.36 -4.88
CA MET A 15 13.96 -6.29 -4.23
C MET A 15 12.52 -5.86 -4.46
N GLY A 16 12.25 -4.56 -4.36
CA GLY A 16 10.92 -4.06 -4.55
C GLY A 16 10.01 -4.33 -3.38
N LEU A 17 10.58 -4.27 -2.17
CA LEU A 17 9.81 -4.53 -0.95
C LEU A 17 9.69 -3.25 -0.11
N ALA A 18 9.82 -2.11 -0.77
CA ALA A 18 9.73 -0.82 -0.08
C ALA A 18 8.36 -0.18 -0.30
N CYS A 19 7.85 0.48 0.73
CA CYS A 19 6.55 1.14 0.64
C CYS A 19 6.57 2.24 -0.41
N VAL A 20 5.43 2.90 -0.60
CA VAL A 20 5.30 3.98 -1.57
C VAL A 20 5.28 5.33 -0.89
N VAL A 21 5.15 5.32 0.43
CA VAL A 21 5.11 6.55 1.22
C VAL A 21 6.51 7.17 1.35
N CYS A 22 7.32 6.57 2.22
CA CYS A 22 8.68 7.04 2.45
C CYS A 22 9.66 6.35 1.51
N ARG A 23 9.19 5.29 0.85
CA ARG A 23 10.04 4.54 -0.07
C ARG A 23 11.22 3.91 0.65
N GLN A 24 10.92 3.14 1.70
CA GLN A 24 11.96 2.48 2.48
C GLN A 24 11.60 1.01 2.70
N MET A 25 12.55 0.27 3.28
CA MET A 25 12.34 -1.15 3.55
C MET A 25 12.41 -1.44 5.05
N THR A 26 12.71 -0.39 5.83
CA THR A 26 12.80 -0.54 7.28
C THR A 26 11.51 -1.10 7.87
N VAL A 27 11.64 -2.20 8.60
CA VAL A 27 10.48 -2.85 9.21
C VAL A 27 10.85 -3.44 10.57
N ALA A 28 9.83 -3.80 11.35
CA ALA A 28 10.03 -4.38 12.66
C ALA A 28 8.71 -4.82 13.30
N SER A 29 8.80 -5.53 14.41
CA SER A 29 7.61 -6.01 15.10
C SER A 29 6.57 -4.91 15.22
N GLY A 30 5.37 -5.18 14.71
CA GLY A 30 4.30 -4.20 14.77
C GLY A 30 4.36 -3.21 13.62
N ASN A 31 5.57 -2.89 13.18
CA ASN A 31 5.76 -1.95 12.08
C ASN A 31 6.25 -2.66 10.83
N GLN A 32 5.40 -3.51 10.26
CA GLN A 32 5.75 -4.25 9.05
C GLN A 32 5.24 -3.54 7.80
N LEU A 33 5.42 -4.17 6.65
CA LEU A 33 4.97 -3.61 5.38
C LEU A 33 3.68 -4.28 4.91
N VAL A 34 2.94 -3.57 4.08
CA VAL A 34 1.68 -4.11 3.55
C VAL A 34 1.57 -3.85 2.05
N GLU A 35 0.78 -4.69 1.37
CA GLU A 35 0.59 -4.56 -0.07
C GLU A 35 -0.88 -4.40 -0.41
N CYS A 36 -1.17 -3.46 -1.30
CA CYS A 36 -2.55 -3.19 -1.72
C CYS A 36 -2.98 -4.16 -2.81
N GLN A 37 -4.29 -4.34 -2.96
CA GLN A 37 -4.82 -5.24 -3.97
C GLN A 37 -5.15 -4.48 -5.25
N GLU A 38 -5.50 -3.21 -5.11
CA GLU A 38 -5.84 -2.37 -6.25
C GLU A 38 -4.59 -1.75 -6.87
N CYS A 39 -3.92 -0.90 -6.09
CA CYS A 39 -2.71 -0.22 -6.55
C CYS A 39 -1.55 -1.21 -6.65
N HIS A 40 -1.62 -2.27 -5.84
CA HIS A 40 -0.57 -3.29 -5.84
C HIS A 40 0.75 -2.70 -5.36
N ASN A 41 0.67 -1.65 -4.55
CA ASN A 41 1.87 -0.99 -4.03
C ASN A 41 2.16 -1.45 -2.62
N LEU A 42 3.16 -0.84 -1.99
CA LEU A 42 3.55 -1.18 -0.63
C LEU A 42 3.34 -0.01 0.32
N TYR A 43 2.71 -0.27 1.45
CA TYR A 43 2.44 0.77 2.44
C TYR A 43 2.84 0.30 3.84
N HIS A 44 3.84 0.95 4.42
CA HIS A 44 4.30 0.61 5.76
C HIS A 44 3.17 0.74 6.78
N GLN A 45 2.92 -0.35 7.50
CA GLN A 45 1.86 -0.35 8.50
C GLN A 45 1.71 1.02 9.16
N ASP A 46 2.84 1.71 9.33
CA ASP A 46 2.85 3.03 9.94
C ASP A 46 2.60 4.11 8.90
N CYS A 47 3.52 4.23 7.95
CA CYS A 47 3.40 5.23 6.89
C CYS A 47 1.94 5.42 6.47
N HIS A 48 1.20 4.31 6.46
CA HIS A 48 -0.21 4.35 6.08
C HIS A 48 -1.02 5.16 7.08
N LYS A 49 -2.19 5.63 6.66
CA LYS A 49 -3.06 6.42 7.52
C LYS A 49 -3.57 5.59 8.69
N PRO A 50 -4.41 4.59 8.39
CA PRO A 50 -4.97 3.70 9.41
C PRO A 50 -3.93 2.78 10.01
N GLN A 51 -3.59 3.03 11.28
CA GLN A 51 -2.60 2.21 11.97
C GLN A 51 -2.87 0.73 11.76
N VAL A 52 -2.09 0.11 10.87
CA VAL A 52 -2.25 -1.31 10.58
C VAL A 52 -1.48 -2.17 11.58
N THR A 53 -2.00 -3.36 11.85
CA THR A 53 -1.37 -4.27 12.79
C THR A 53 -0.82 -5.51 12.08
N ASP A 54 -0.01 -6.28 12.79
CA ASP A 54 0.58 -7.49 12.22
C ASP A 54 -0.49 -8.55 11.97
N LYS A 55 -1.25 -8.87 13.01
CA LYS A 55 -2.30 -9.86 12.91
C LYS A 55 -2.96 -9.83 11.54
N GLU A 56 -3.19 -8.62 11.03
CA GLU A 56 -3.81 -8.45 9.71
C GLU A 56 -2.87 -8.92 8.61
N VAL A 57 -1.71 -8.28 8.52
CA VAL A 57 -0.72 -8.63 7.49
C VAL A 57 -0.58 -10.15 7.36
N ASN A 58 -0.67 -10.85 8.49
CA ASN A 58 -0.56 -12.30 8.50
C ASN A 58 -1.67 -12.94 7.66
N ASP A 59 -2.91 -12.63 8.01
CA ASP A 59 -4.05 -13.17 7.29
C ASP A 59 -3.81 -13.17 5.79
N PRO A 60 -3.55 -14.36 5.23
CA PRO A 60 -3.29 -14.53 3.80
C PRO A 60 -4.54 -14.29 2.95
N ARG A 61 -5.70 -14.66 3.49
CA ARG A 61 -6.96 -14.49 2.78
C ARG A 61 -7.61 -13.16 3.15
N LEU A 62 -6.79 -12.18 3.49
CA LEU A 62 -7.28 -10.86 3.87
C LEU A 62 -7.08 -9.86 2.74
N VAL A 63 -8.13 -9.09 2.45
CA VAL A 63 -8.06 -8.08 1.39
C VAL A 63 -7.72 -6.70 1.95
N TRP A 64 -6.49 -6.26 1.71
CA TRP A 64 -6.03 -4.97 2.19
C TRP A 64 -6.12 -3.92 1.09
N TYR A 65 -6.69 -2.76 1.41
CA TYR A 65 -6.84 -1.68 0.45
C TYR A 65 -6.36 -0.35 1.04
N CYS A 66 -5.42 0.28 0.37
CA CYS A 66 -4.89 1.56 0.82
C CYS A 66 -5.97 2.64 0.79
N ALA A 67 -5.89 3.57 1.75
CA ALA A 67 -6.85 4.65 1.83
C ALA A 67 -7.27 5.12 0.44
N ARG A 68 -6.30 5.60 -0.34
CA ARG A 68 -6.57 6.08 -1.68
C ARG A 68 -7.72 5.30 -2.32
N CYS A 69 -7.70 3.99 -2.12
CA CYS A 69 -8.74 3.13 -2.69
C CYS A 69 -9.97 3.09 -1.78
N THR A 70 -9.73 2.85 -0.49
CA THR A 70 -10.82 2.77 0.48
C THR A 70 -11.78 3.95 0.32
N ARG A 71 -11.22 5.15 0.21
CA ARG A 71 -12.03 6.35 0.04
C ARG A 71 -12.89 6.27 -1.21
N GLN A 72 -12.37 5.60 -2.23
CA GLN A 72 -13.09 5.45 -3.49
C GLN A 72 -14.23 4.44 -3.34
N MET A 73 -13.88 3.19 -3.04
CA MET A 73 -14.87 2.14 -2.87
C MET A 73 -16.02 2.62 -1.99
N LYS A 74 -15.71 3.45 -1.01
CA LYS A 74 -16.71 3.98 -0.10
C LYS A 74 -17.86 4.63 -0.87
N ARG A 75 -19.08 4.41 -0.39
CA ARG A 75 -20.26 4.98 -1.04
C ARG A 75 -20.33 6.48 -0.81
N MET A 76 -19.84 6.93 0.34
CA MET A 76 -19.86 8.35 0.69
C MET A 76 -19.03 9.15 -0.32
N ALA A 77 -18.24 8.46 -1.13
CA ALA A 77 -17.41 9.11 -2.13
C ALA A 77 -17.74 8.60 -3.53
N GLN A 78 -19.03 8.54 -3.84
CA GLN A 78 -19.48 8.07 -5.15
C GLN A 78 -18.99 9.00 -6.25
N LYS A 79 -18.48 8.42 -7.34
CA LYS A 79 -17.98 9.20 -8.46
C LYS A 79 -18.97 9.15 -9.63
N ASN A 80 -19.08 10.26 -10.35
CA ASN A 80 -19.98 10.35 -11.49
C ASN A 80 -19.82 9.14 -12.40
N GLN A 81 -18.61 8.92 -12.88
CA GLN A 81 -18.32 7.79 -13.76
C GLN A 81 -18.95 6.51 -13.22
N LYS A 82 -19.36 5.64 -14.15
CA LYS A 82 -19.98 4.37 -13.77
C LYS A 82 -19.56 3.25 -14.71
N SER A 83 -18.76 2.32 -14.21
CA SER A 83 -18.29 1.20 -15.01
C SER A 83 -19.40 0.18 -15.24
N GLY A 84 -19.50 -0.30 -16.47
CA GLY A 84 -20.53 -1.27 -16.79
C GLY A 84 -20.19 -2.66 -16.29
N PRO A 85 -19.88 -3.57 -17.23
CA PRO A 85 -19.53 -4.96 -16.89
C PRO A 85 -18.18 -5.06 -16.19
N SER A 86 -18.03 -6.10 -15.35
CA SER A 86 -16.79 -6.31 -14.62
C SER A 86 -16.59 -7.79 -14.31
N SER A 87 -15.43 -8.31 -14.70
CA SER A 87 -15.13 -9.71 -14.46
C SER A 87 -14.34 -9.89 -13.16
N GLY A 88 -15.05 -10.26 -12.10
CA GLY A 88 -14.40 -10.46 -10.81
C GLY A 88 -14.76 -9.37 -9.81
N GLY A 1 17.58 12.78 -9.09
CA GLY A 1 17.13 14.05 -8.55
C GLY A 1 15.61 14.19 -8.54
N SER A 2 15.05 14.57 -9.68
CA SER A 2 13.61 14.73 -9.81
C SER A 2 13.01 13.63 -10.67
N SER A 3 11.68 13.65 -10.79
CA SER A 3 10.98 12.64 -11.59
C SER A 3 11.68 12.42 -12.93
N GLY A 4 12.20 11.22 -13.13
CA GLY A 4 12.88 10.90 -14.37
C GLY A 4 14.23 10.24 -14.13
N SER A 5 14.26 8.92 -14.18
CA SER A 5 15.50 8.17 -13.96
C SER A 5 15.80 7.27 -15.15
N SER A 6 17.08 7.09 -15.43
CA SER A 6 17.52 6.24 -16.54
C SER A 6 17.50 4.77 -16.15
N GLY A 7 18.08 4.47 -14.99
CA GLY A 7 18.13 3.10 -14.53
C GLY A 7 19.44 2.76 -13.85
N ALA A 8 19.36 2.27 -12.61
CA ALA A 8 20.55 1.92 -11.85
C ALA A 8 20.38 0.55 -11.19
N ASP A 9 21.49 -0.19 -11.09
CA ASP A 9 21.46 -1.51 -10.48
C ASP A 9 21.07 -1.44 -9.01
N ASP A 10 19.88 -1.92 -8.70
CA ASP A 10 19.37 -1.90 -7.33
C ASP A 10 19.37 -3.30 -6.74
N PHE A 11 19.77 -3.41 -5.47
CA PHE A 11 19.82 -4.69 -4.78
C PHE A 11 18.42 -5.24 -4.55
N ALA A 12 17.70 -4.62 -3.62
CA ALA A 12 16.34 -5.04 -3.30
C ALA A 12 15.31 -4.07 -3.88
N MET A 13 15.67 -2.79 -3.93
CA MET A 13 14.78 -1.77 -4.46
C MET A 13 14.03 -2.28 -5.70
N GLU A 14 14.68 -3.18 -6.44
CA GLU A 14 14.07 -3.74 -7.63
C GLU A 14 12.89 -4.65 -7.27
N MET A 15 13.18 -5.73 -6.56
CA MET A 15 12.15 -6.67 -6.15
C MET A 15 10.85 -5.95 -5.83
N GLY A 16 10.95 -4.76 -5.24
CA GLY A 16 9.78 -3.99 -4.90
C GLY A 16 9.22 -4.34 -3.53
N LEU A 17 10.06 -4.21 -2.50
CA LEU A 17 9.64 -4.52 -1.14
C LEU A 17 9.62 -3.25 -0.28
N ALA A 18 9.53 -2.10 -0.93
CA ALA A 18 9.50 -0.83 -0.22
C ALA A 18 8.15 -0.14 -0.39
N CYS A 19 7.65 0.45 0.69
CA CYS A 19 6.36 1.15 0.66
C CYS A 19 6.37 2.25 -0.39
N VAL A 20 5.24 2.94 -0.50
CA VAL A 20 5.11 4.03 -1.47
C VAL A 20 5.18 5.39 -0.78
N VAL A 21 5.00 5.39 0.54
CA VAL A 21 5.05 6.62 1.32
C VAL A 21 6.46 7.19 1.36
N CYS A 22 7.32 6.56 2.16
CA CYS A 22 8.71 7.01 2.28
C CYS A 22 9.60 6.31 1.26
N ARG A 23 9.09 5.23 0.69
CA ARG A 23 9.85 4.47 -0.31
C ARG A 23 11.06 3.79 0.33
N GLN A 24 10.83 3.09 1.43
CA GLN A 24 11.90 2.39 2.14
C GLN A 24 11.57 0.92 2.32
N MET A 25 12.58 0.13 2.63
CA MET A 25 12.40 -1.31 2.84
C MET A 25 12.68 -1.69 4.29
N THR A 26 13.02 -0.70 5.11
CA THR A 26 13.32 -0.93 6.52
C THR A 26 12.04 -1.23 7.30
N VAL A 27 12.06 -2.33 8.05
CA VAL A 27 10.92 -2.73 8.86
C VAL A 27 11.35 -3.23 10.22
N ALA A 28 10.38 -3.70 11.01
CA ALA A 28 10.67 -4.21 12.34
C ALA A 28 9.71 -5.33 12.72
N SER A 29 9.82 -5.80 13.97
CA SER A 29 8.96 -6.87 14.45
C SER A 29 7.49 -6.47 14.40
N GLY A 30 7.16 -5.38 15.08
CA GLY A 30 5.80 -4.89 15.10
C GLY A 30 5.45 -4.06 13.89
N ASN A 31 6.38 -3.19 13.48
CA ASN A 31 6.16 -2.33 12.33
C ASN A 31 6.66 -3.01 11.05
N GLN A 32 5.74 -3.66 10.34
CA GLN A 32 6.09 -4.35 9.10
C GLN A 32 5.50 -3.62 7.89
N LEU A 33 5.66 -4.22 6.72
CA LEU A 33 5.14 -3.62 5.49
C LEU A 33 3.84 -4.29 5.06
N VAL A 34 3.08 -3.61 4.20
CA VAL A 34 1.82 -4.15 3.70
C VAL A 34 1.68 -3.92 2.20
N GLU A 35 0.80 -4.70 1.57
CA GLU A 35 0.56 -4.59 0.14
C GLU A 35 -0.92 -4.60 -0.17
N CYS A 36 -1.38 -3.58 -0.90
CA CYS A 36 -2.78 -3.48 -1.27
C CYS A 36 -3.16 -4.54 -2.31
N GLN A 37 -4.46 -4.78 -2.45
CA GLN A 37 -4.95 -5.78 -3.40
C GLN A 37 -5.41 -5.10 -4.69
N GLU A 38 -5.98 -3.91 -4.56
CA GLU A 38 -6.46 -3.16 -5.71
C GLU A 38 -5.32 -2.45 -6.43
N CYS A 39 -4.75 -1.44 -5.77
CA CYS A 39 -3.65 -0.68 -6.34
C CYS A 39 -2.36 -1.50 -6.35
N HIS A 40 -2.29 -2.47 -5.44
CA HIS A 40 -1.12 -3.34 -5.34
C HIS A 40 0.13 -2.52 -4.97
N ASN A 41 -0.05 -1.55 -4.08
CA ASN A 41 1.05 -0.70 -3.64
C ASN A 41 1.48 -1.08 -2.23
N LEU A 42 2.76 -0.88 -1.94
CA LEU A 42 3.31 -1.18 -0.63
C LEU A 42 3.11 -0.01 0.34
N TYR A 43 2.60 -0.31 1.53
CA TYR A 43 2.36 0.71 2.54
C TYR A 43 2.83 0.24 3.91
N HIS A 44 3.82 0.93 4.46
CA HIS A 44 4.36 0.59 5.77
C HIS A 44 3.27 0.67 6.84
N GLN A 45 3.10 -0.41 7.59
CA GLN A 45 2.08 -0.44 8.65
C GLN A 45 1.95 0.92 9.32
N ASP A 46 3.06 1.65 9.39
CA ASP A 46 3.06 2.96 10.01
C ASP A 46 2.77 4.05 8.98
N CYS A 47 3.68 4.22 8.02
CA CYS A 47 3.52 5.22 6.98
C CYS A 47 2.04 5.38 6.60
N HIS A 48 1.33 4.27 6.54
CA HIS A 48 -0.08 4.28 6.18
C HIS A 48 -0.89 5.05 7.23
N LYS A 49 -2.06 5.54 6.81
CA LYS A 49 -2.93 6.30 7.71
C LYS A 49 -3.39 5.43 8.88
N PRO A 50 -4.22 4.43 8.58
CA PRO A 50 -4.75 3.51 9.60
C PRO A 50 -3.68 2.58 10.15
N GLN A 51 -3.32 2.77 11.41
CA GLN A 51 -2.31 1.95 12.05
C GLN A 51 -2.56 0.46 11.80
N VAL A 52 -1.80 -0.11 10.86
CA VAL A 52 -1.94 -1.52 10.52
C VAL A 52 -1.21 -2.40 11.52
N THR A 53 -1.85 -3.50 11.91
CA THR A 53 -1.25 -4.43 12.87
C THR A 53 -0.49 -5.54 12.15
N ASP A 54 0.02 -6.49 12.92
CA ASP A 54 0.77 -7.61 12.35
C ASP A 54 -0.17 -8.74 11.93
N LYS A 55 -1.22 -8.96 12.72
CA LYS A 55 -2.19 -10.00 12.43
C LYS A 55 -2.90 -9.73 11.10
N GLU A 56 -3.24 -8.46 10.88
CA GLU A 56 -3.92 -8.07 9.64
C GLU A 56 -3.11 -8.47 8.42
N VAL A 57 -1.81 -8.17 8.45
CA VAL A 57 -0.93 -8.50 7.34
C VAL A 57 -0.68 -10.01 7.25
N ASN A 58 -0.77 -10.68 8.40
CA ASN A 58 -0.56 -12.12 8.45
C ASN A 58 -1.75 -12.86 7.86
N ASP A 59 -2.95 -12.46 8.26
CA ASP A 59 -4.17 -13.09 7.76
C ASP A 59 -4.14 -13.22 6.25
N PRO A 60 -3.96 -14.45 5.75
CA PRO A 60 -3.91 -14.74 4.32
C PRO A 60 -5.26 -14.56 3.64
N ARG A 61 -6.33 -14.81 4.40
CA ARG A 61 -7.68 -14.68 3.87
C ARG A 61 -8.23 -13.27 4.11
N LEU A 62 -7.33 -12.31 4.25
CA LEU A 62 -7.71 -10.93 4.48
C LEU A 62 -7.27 -10.04 3.32
N VAL A 63 -8.20 -9.21 2.83
CA VAL A 63 -7.92 -8.31 1.72
C VAL A 63 -7.61 -6.91 2.22
N TRP A 64 -6.33 -6.54 2.22
CA TRP A 64 -5.90 -5.23 2.68
C TRP A 64 -6.07 -4.19 1.57
N TYR A 65 -6.39 -2.96 1.95
CA TYR A 65 -6.58 -1.88 0.99
C TYR A 65 -5.93 -0.59 1.49
N CYS A 66 -5.52 0.25 0.55
CA CYS A 66 -4.89 1.52 0.90
C CYS A 66 -5.88 2.68 0.78
N ALA A 67 -5.81 3.59 1.74
CA ALA A 67 -6.71 4.75 1.75
C ALA A 67 -7.07 5.17 0.33
N ARG A 68 -6.06 5.38 -0.50
CA ARG A 68 -6.26 5.79 -1.88
C ARG A 68 -7.51 5.12 -2.46
N CYS A 69 -7.60 3.80 -2.30
CA CYS A 69 -8.73 3.04 -2.81
C CYS A 69 -9.85 2.97 -1.78
N THR A 70 -9.48 2.62 -0.55
CA THR A 70 -10.45 2.52 0.54
C THR A 70 -11.47 3.66 0.47
N ARG A 71 -10.97 4.88 0.32
CA ARG A 71 -11.82 6.05 0.24
C ARG A 71 -12.78 5.97 -0.95
N GLN A 72 -12.27 5.44 -2.06
CA GLN A 72 -13.07 5.30 -3.27
C GLN A 72 -14.15 4.23 -3.09
N MET A 73 -13.71 2.99 -2.90
CA MET A 73 -14.64 1.88 -2.71
C MET A 73 -15.74 2.25 -1.72
N LYS A 74 -15.36 3.02 -0.70
CA LYS A 74 -16.31 3.43 0.33
C LYS A 74 -17.39 4.33 -0.27
N ARG A 75 -16.97 5.32 -1.05
CA ARG A 75 -17.91 6.25 -1.68
C ARG A 75 -19.21 5.54 -2.06
N MET A 76 -19.10 4.57 -2.96
CA MET A 76 -20.26 3.82 -3.41
C MET A 76 -20.89 3.04 -2.25
N ALA A 77 -20.05 2.33 -1.50
CA ALA A 77 -20.51 1.55 -0.37
C ALA A 77 -21.81 0.81 -0.70
N GLN A 78 -21.84 0.21 -1.89
CA GLN A 78 -23.02 -0.53 -2.33
C GLN A 78 -23.56 -1.42 -1.20
N LYS A 79 -24.89 -1.44 -1.07
CA LYS A 79 -25.53 -2.25 -0.03
C LYS A 79 -25.96 -3.60 -0.60
N ASN A 80 -26.33 -4.51 0.30
CA ASN A 80 -26.76 -5.85 -0.10
C ASN A 80 -28.27 -6.00 0.08
N GLN A 81 -29.03 -5.46 -0.87
CA GLN A 81 -30.48 -5.54 -0.82
C GLN A 81 -30.98 -5.48 0.61
N LYS A 82 -30.40 -4.58 1.41
CA LYS A 82 -30.78 -4.42 2.80
C LYS A 82 -32.22 -3.91 2.92
N SER A 83 -32.53 -2.89 2.12
CA SER A 83 -33.88 -2.31 2.14
C SER A 83 -34.73 -2.89 1.01
N GLY A 84 -36.01 -2.54 1.02
CA GLY A 84 -36.92 -3.03 0.00
C GLY A 84 -36.94 -2.16 -1.23
N PRO A 85 -38.13 -1.68 -1.61
CA PRO A 85 -38.31 -0.82 -2.78
C PRO A 85 -37.72 0.57 -2.57
N SER A 86 -36.55 0.81 -3.16
CA SER A 86 -35.90 2.10 -3.03
C SER A 86 -34.84 2.28 -4.12
N SER A 87 -34.91 3.41 -4.81
CA SER A 87 -33.96 3.70 -5.89
C SER A 87 -32.56 3.93 -5.34
N GLY A 88 -31.68 2.94 -5.55
CA GLY A 88 -30.32 3.05 -5.07
C GLY A 88 -29.42 3.80 -6.02
N GLY A 1 10.69 24.48 -20.28
CA GLY A 1 11.97 23.81 -20.30
C GLY A 1 11.93 22.46 -19.59
N SER A 2 11.45 21.44 -20.29
CA SER A 2 11.35 20.10 -19.72
C SER A 2 11.69 19.04 -20.76
N SER A 3 12.84 18.39 -20.59
CA SER A 3 13.27 17.36 -21.51
C SER A 3 13.81 16.14 -20.76
N GLY A 4 13.74 14.98 -21.40
CA GLY A 4 14.23 13.76 -20.77
C GLY A 4 13.63 13.55 -19.39
N SER A 5 14.46 13.07 -18.46
CA SER A 5 14.01 12.81 -17.10
C SER A 5 15.18 12.45 -16.20
N SER A 6 15.28 13.15 -15.06
CA SER A 6 16.37 12.91 -14.12
C SER A 6 15.81 12.58 -12.73
N GLY A 7 16.41 11.60 -12.07
CA GLY A 7 15.97 11.21 -10.75
C GLY A 7 15.36 9.81 -10.73
N ALA A 8 16.03 8.90 -10.04
CA ALA A 8 15.56 7.53 -9.94
C ALA A 8 15.96 6.89 -8.61
N ASP A 9 15.04 6.16 -8.01
CA ASP A 9 15.31 5.50 -6.73
C ASP A 9 16.73 4.97 -6.68
N ASP A 10 17.44 5.30 -5.60
CA ASP A 10 18.82 4.86 -5.43
C ASP A 10 18.89 3.34 -5.27
N PHE A 11 17.86 2.77 -4.65
CA PHE A 11 17.80 1.33 -4.43
C PHE A 11 16.36 0.83 -4.42
N ALA A 12 16.19 -0.45 -4.13
CA ALA A 12 14.85 -1.04 -4.07
C ALA A 12 14.30 -1.26 -5.48
N MET A 13 15.19 -1.45 -6.44
CA MET A 13 14.79 -1.67 -7.82
C MET A 13 14.62 -3.16 -8.12
N GLU A 14 15.56 -3.96 -7.61
CA GLU A 14 15.52 -5.41 -7.82
C GLU A 14 14.41 -6.05 -7.00
N MET A 15 14.41 -5.76 -5.70
CA MET A 15 13.40 -6.30 -4.79
C MET A 15 12.09 -5.52 -4.90
N GLY A 16 12.20 -4.19 -4.94
CA GLY A 16 11.03 -3.35 -5.04
C GLY A 16 9.97 -3.71 -4.02
N LEU A 17 10.38 -3.83 -2.76
CA LEU A 17 9.46 -4.18 -1.68
C LEU A 17 9.28 -3.01 -0.72
N ALA A 18 9.74 -1.84 -1.14
CA ALA A 18 9.63 -0.64 -0.32
C ALA A 18 8.26 0.02 -0.47
N CYS A 19 7.74 0.57 0.61
CA CYS A 19 6.45 1.24 0.59
C CYS A 19 6.43 2.39 -0.41
N VAL A 20 5.32 3.11 -0.46
CA VAL A 20 5.17 4.25 -1.36
C VAL A 20 5.25 5.56 -0.61
N VAL A 21 5.06 5.50 0.71
CA VAL A 21 5.11 6.68 1.56
C VAL A 21 6.52 7.25 1.63
N CYS A 22 7.38 6.58 2.40
CA CYS A 22 8.76 7.01 2.57
C CYS A 22 9.66 6.35 1.54
N ARG A 23 9.16 5.29 0.91
CA ARG A 23 9.93 4.56 -0.10
C ARG A 23 11.15 3.89 0.53
N GLN A 24 10.91 3.08 1.56
CA GLN A 24 11.99 2.38 2.24
C GLN A 24 11.65 0.91 2.45
N MET A 25 12.62 0.15 2.93
CA MET A 25 12.41 -1.28 3.18
C MET A 25 12.49 -1.59 4.67
N THR A 26 13.09 -0.67 5.43
CA THR A 26 13.24 -0.85 6.87
C THR A 26 11.92 -1.32 7.50
N VAL A 27 11.97 -2.48 8.17
CA VAL A 27 10.80 -3.03 8.81
C VAL A 27 11.13 -3.56 10.20
N ALA A 28 10.11 -4.04 10.90
CA ALA A 28 10.30 -4.57 12.25
C ALA A 28 9.00 -5.20 12.77
N SER A 29 9.12 -5.93 13.87
CA SER A 29 7.96 -6.59 14.48
C SER A 29 6.79 -5.61 14.60
N GLY A 30 5.66 -5.97 14.00
CA GLY A 30 4.49 -5.12 14.04
C GLY A 30 4.52 -4.03 12.98
N ASN A 31 5.69 -3.45 12.77
CA ASN A 31 5.85 -2.40 11.78
C ASN A 31 6.41 -2.95 10.47
N GLN A 32 5.68 -3.89 9.87
CA GLN A 32 6.10 -4.50 8.62
C GLN A 32 5.52 -3.75 7.43
N LEU A 33 5.74 -4.29 6.23
CA LEU A 33 5.25 -3.67 5.01
C LEU A 33 3.99 -4.38 4.51
N VAL A 34 3.05 -3.61 3.97
CA VAL A 34 1.81 -4.17 3.46
C VAL A 34 1.67 -3.90 1.96
N GLU A 35 0.89 -4.73 1.29
CA GLU A 35 0.67 -4.59 -0.14
C GLU A 35 -0.82 -4.55 -0.46
N CYS A 36 -1.25 -3.48 -1.11
CA CYS A 36 -2.66 -3.32 -1.47
C CYS A 36 -3.04 -4.27 -2.60
N GLN A 37 -4.34 -4.47 -2.78
CA GLN A 37 -4.84 -5.37 -3.83
C GLN A 37 -5.32 -4.58 -5.03
N GLU A 38 -5.94 -3.43 -4.77
CA GLU A 38 -6.45 -2.58 -5.84
C GLU A 38 -5.31 -1.85 -6.55
N CYS A 39 -4.70 -0.91 -5.85
CA CYS A 39 -3.59 -0.14 -6.41
C CYS A 39 -2.32 -0.98 -6.48
N HIS A 40 -2.25 -2.01 -5.65
CA HIS A 40 -1.09 -2.89 -5.62
C HIS A 40 0.16 -2.13 -5.19
N ASN A 41 -0.01 -1.18 -4.27
CA ASN A 41 1.11 -0.38 -3.78
C ASN A 41 1.53 -0.83 -2.39
N LEU A 42 2.80 -0.65 -2.07
CA LEU A 42 3.33 -1.04 -0.76
C LEU A 42 3.15 0.09 0.24
N TYR A 43 2.56 -0.24 1.39
CA TYR A 43 2.33 0.74 2.44
C TYR A 43 2.78 0.21 3.80
N HIS A 44 3.80 0.84 4.37
CA HIS A 44 4.33 0.43 5.66
C HIS A 44 3.23 0.44 6.72
N GLN A 45 3.08 -0.67 7.43
CA GLN A 45 2.08 -0.79 8.47
C GLN A 45 1.95 0.52 9.26
N ASP A 46 3.03 1.29 9.29
CA ASP A 46 3.05 2.57 10.00
C ASP A 46 2.76 3.73 9.04
N CYS A 47 3.68 3.94 8.10
CA CYS A 47 3.53 5.02 7.13
C CYS A 47 2.05 5.23 6.77
N HIS A 48 1.32 4.13 6.64
CA HIS A 48 -0.10 4.20 6.29
C HIS A 48 -0.87 4.97 7.36
N LYS A 49 -2.06 5.44 6.99
CA LYS A 49 -2.91 6.19 7.90
C LYS A 49 -3.34 5.32 9.09
N PRO A 50 -4.20 4.32 8.80
CA PRO A 50 -4.71 3.40 9.81
C PRO A 50 -3.63 2.46 10.35
N GLN A 51 -3.22 2.68 11.59
CA GLN A 51 -2.20 1.86 12.22
C GLN A 51 -2.47 0.38 11.98
N VAL A 52 -1.77 -0.20 11.01
CA VAL A 52 -1.94 -1.62 10.68
C VAL A 52 -1.26 -2.50 11.73
N THR A 53 -1.92 -3.60 12.07
CA THR A 53 -1.38 -4.53 13.06
C THR A 53 -0.86 -5.80 12.39
N ASP A 54 -0.23 -6.66 13.17
CA ASP A 54 0.32 -7.91 12.66
C ASP A 54 -0.79 -8.84 12.20
N LYS A 55 -1.68 -9.19 13.13
CA LYS A 55 -2.79 -10.09 12.83
C LYS A 55 -3.28 -9.88 11.40
N GLU A 56 -3.29 -8.63 10.95
CA GLU A 56 -3.73 -8.30 9.60
C GLU A 56 -2.71 -8.78 8.56
N VAL A 57 -1.60 -8.06 8.47
CA VAL A 57 -0.54 -8.42 7.51
C VAL A 57 -0.21 -9.90 7.59
N ASN A 58 -0.56 -10.53 8.71
CA ASN A 58 -0.30 -11.95 8.90
C ASN A 58 -1.24 -12.79 8.05
N ASP A 59 -2.52 -12.41 8.04
CA ASP A 59 -3.52 -13.14 7.26
C ASP A 59 -3.15 -13.16 5.78
N PRO A 60 -2.77 -14.35 5.29
CA PRO A 60 -2.39 -14.54 3.89
C PRO A 60 -3.58 -14.41 2.94
N ARG A 61 -4.74 -14.89 3.37
CA ARG A 61 -5.95 -14.82 2.56
C ARG A 61 -6.76 -13.56 2.90
N LEU A 62 -6.06 -12.50 3.28
CA LEU A 62 -6.71 -11.24 3.62
C LEU A 62 -6.52 -10.21 2.53
N VAL A 63 -7.58 -9.46 2.22
CA VAL A 63 -7.53 -8.44 1.20
C VAL A 63 -7.32 -7.05 1.81
N TRP A 64 -6.08 -6.58 1.75
CA TRP A 64 -5.73 -5.27 2.29
C TRP A 64 -5.95 -4.17 1.25
N TYR A 65 -6.25 -2.96 1.73
CA TYR A 65 -6.48 -1.84 0.84
C TYR A 65 -5.90 -0.55 1.43
N CYS A 66 -5.43 0.33 0.56
CA CYS A 66 -4.85 1.60 0.98
C CYS A 66 -5.86 2.74 0.87
N ALA A 67 -5.85 3.64 1.85
CA ALA A 67 -6.77 4.77 1.85
C ALA A 67 -7.12 5.21 0.43
N ARG A 68 -6.10 5.44 -0.38
CA ARG A 68 -6.29 5.86 -1.76
C ARG A 68 -7.50 5.17 -2.37
N CYS A 69 -7.55 3.85 -2.26
CA CYS A 69 -8.66 3.07 -2.80
C CYS A 69 -9.80 2.97 -1.79
N THR A 70 -9.46 2.60 -0.56
CA THR A 70 -10.45 2.47 0.49
C THR A 70 -11.49 3.59 0.43
N ARG A 71 -11.00 4.81 0.30
CA ARG A 71 -11.89 5.98 0.22
C ARG A 71 -12.83 5.87 -0.98
N GLN A 72 -12.32 5.30 -2.07
CA GLN A 72 -13.12 5.13 -3.28
C GLN A 72 -14.22 4.10 -3.07
N MET A 73 -13.82 2.86 -2.79
CA MET A 73 -14.78 1.80 -2.55
C MET A 73 -15.79 2.18 -1.48
N LYS A 74 -15.30 2.82 -0.42
CA LYS A 74 -16.16 3.25 0.68
C LYS A 74 -17.19 4.26 0.20
N ARG A 75 -18.43 4.10 0.65
CA ARG A 75 -19.51 5.00 0.27
C ARG A 75 -20.06 5.73 1.50
N MET A 76 -19.95 5.11 2.66
CA MET A 76 -20.43 5.70 3.90
C MET A 76 -19.65 6.96 4.24
N ALA A 77 -18.53 7.16 3.54
CA ALA A 77 -17.68 8.33 3.77
C ALA A 77 -18.00 9.43 2.77
N GLN A 78 -19.28 9.64 2.51
CA GLN A 78 -19.72 10.67 1.57
C GLN A 78 -20.51 11.76 2.29
N LYS A 79 -20.39 12.99 1.79
CA LYS A 79 -21.10 14.12 2.38
C LYS A 79 -21.88 14.88 1.31
N ASN A 80 -22.72 15.82 1.76
CA ASN A 80 -23.53 16.61 0.85
C ASN A 80 -24.50 15.73 0.06
N GLN A 81 -25.27 14.92 0.78
CA GLN A 81 -26.24 14.03 0.16
C GLN A 81 -27.63 14.23 0.75
N LYS A 82 -28.62 14.34 -0.12
CA LYS A 82 -30.00 14.54 0.32
C LYS A 82 -30.92 13.47 -0.28
N SER A 83 -31.01 12.34 0.40
CA SER A 83 -31.85 11.23 -0.07
C SER A 83 -32.72 10.70 1.07
N GLY A 84 -33.26 11.62 1.87
CA GLY A 84 -34.10 11.23 2.98
C GLY A 84 -33.31 10.70 4.16
N PRO A 85 -33.04 11.58 5.13
CA PRO A 85 -32.27 11.22 6.34
C PRO A 85 -33.06 10.28 7.26
N SER A 86 -34.28 9.94 6.86
CA SER A 86 -35.12 9.06 7.64
C SER A 86 -35.21 7.68 7.00
N SER A 87 -34.54 6.71 7.62
CA SER A 87 -34.53 5.34 7.11
C SER A 87 -34.98 4.36 8.19
N GLY A 88 -36.06 3.63 7.89
CA GLY A 88 -36.57 2.66 8.85
C GLY A 88 -35.53 1.65 9.27
N GLY A 1 18.10 15.21 -27.50
CA GLY A 1 18.08 13.99 -26.71
C GLY A 1 19.42 13.27 -26.72
N SER A 2 19.82 12.75 -25.56
CA SER A 2 21.08 12.04 -25.43
C SER A 2 21.19 11.37 -24.06
N SER A 3 21.39 10.06 -24.07
CA SER A 3 21.51 9.29 -22.83
C SER A 3 22.34 8.03 -23.06
N GLY A 4 23.46 7.94 -22.35
CA GLY A 4 24.32 6.78 -22.48
C GLY A 4 24.63 6.13 -21.14
N SER A 5 23.73 5.26 -20.70
CA SER A 5 23.91 4.57 -19.42
C SER A 5 24.36 3.13 -19.64
N SER A 6 25.57 2.82 -19.20
CA SER A 6 26.12 1.48 -19.36
C SER A 6 25.24 0.45 -18.65
N GLY A 7 24.77 -0.54 -19.41
CA GLY A 7 23.92 -1.57 -18.84
C GLY A 7 22.75 -1.00 -18.09
N ALA A 8 22.52 -1.51 -16.87
CA ALA A 8 21.41 -1.05 -16.05
C ALA A 8 21.62 -1.44 -14.59
N ASP A 9 21.74 -0.44 -13.73
CA ASP A 9 21.94 -0.68 -12.30
C ASP A 9 20.67 -1.24 -11.65
N ASP A 10 20.84 -2.00 -10.58
CA ASP A 10 19.72 -2.60 -9.88
C ASP A 10 18.91 -1.53 -9.14
N PHE A 11 17.68 -1.87 -8.79
CA PHE A 11 16.80 -0.93 -8.07
C PHE A 11 15.72 -1.69 -7.31
N ALA A 12 15.24 -1.08 -6.23
CA ALA A 12 14.19 -1.68 -5.41
C ALA A 12 13.06 -2.23 -6.27
N MET A 13 12.64 -1.44 -7.24
CA MET A 13 11.56 -1.85 -8.15
C MET A 13 11.69 -3.31 -8.52
N GLU A 14 12.91 -3.73 -8.88
CA GLU A 14 13.16 -5.10 -9.26
C GLU A 14 12.30 -6.07 -8.45
N MET A 15 12.57 -6.14 -7.15
CA MET A 15 11.81 -7.02 -6.26
C MET A 15 10.52 -6.35 -5.82
N GLY A 16 10.62 -5.10 -5.38
CA GLY A 16 9.44 -4.38 -4.94
C GLY A 16 9.03 -4.74 -3.52
N LEU A 17 9.87 -4.36 -2.56
CA LEU A 17 9.59 -4.64 -1.15
C LEU A 17 9.62 -3.37 -0.32
N ALA A 18 9.38 -2.23 -0.97
CA ALA A 18 9.37 -0.94 -0.30
C ALA A 18 8.02 -0.26 -0.44
N CYS A 19 7.58 0.42 0.62
CA CYS A 19 6.31 1.11 0.61
C CYS A 19 6.30 2.22 -0.43
N VAL A 20 5.17 2.93 -0.52
CA VAL A 20 5.04 4.03 -1.47
C VAL A 20 5.13 5.38 -0.77
N VAL A 21 4.97 5.37 0.56
CA VAL A 21 5.04 6.59 1.34
C VAL A 21 6.46 7.14 1.39
N CYS A 22 7.32 6.50 2.18
CA CYS A 22 8.70 6.91 2.33
C CYS A 22 9.59 6.21 1.30
N ARG A 23 9.03 5.19 0.66
CA ARG A 23 9.78 4.43 -0.34
C ARG A 23 10.98 3.74 0.28
N GLN A 24 10.74 2.97 1.35
CA GLN A 24 11.81 2.26 2.04
C GLN A 24 11.42 0.80 2.28
N MET A 25 12.41 -0.01 2.66
CA MET A 25 12.17 -1.43 2.93
C MET A 25 12.32 -1.74 4.42
N THR A 26 12.94 -0.81 5.15
CA THR A 26 13.15 -0.99 6.58
C THR A 26 11.86 -1.42 7.28
N VAL A 27 12.00 -2.30 8.27
CA VAL A 27 10.84 -2.79 9.02
C VAL A 27 11.25 -3.24 10.41
N ALA A 28 10.26 -3.62 11.22
CA ALA A 28 10.51 -4.07 12.58
C ALA A 28 9.23 -4.55 13.25
N SER A 29 9.38 -5.23 14.37
CA SER A 29 8.23 -5.76 15.11
C SER A 29 7.18 -4.66 15.32
N GLY A 30 5.97 -4.92 14.85
CA GLY A 30 4.89 -3.96 14.98
C GLY A 30 4.80 -3.02 13.79
N ASN A 31 5.94 -2.72 13.19
CA ASN A 31 5.98 -1.82 12.04
C ASN A 31 6.43 -2.57 10.78
N GLN A 32 5.58 -3.46 10.30
CA GLN A 32 5.88 -4.25 9.11
C GLN A 32 5.31 -3.58 7.86
N LEU A 33 5.55 -4.20 6.71
CA LEU A 33 5.06 -3.66 5.44
C LEU A 33 3.77 -4.35 5.02
N VAL A 34 3.01 -3.68 4.14
CA VAL A 34 1.75 -4.23 3.66
C VAL A 34 1.59 -4.00 2.16
N GLU A 35 0.80 -4.84 1.52
CA GLU A 35 0.56 -4.74 0.08
C GLU A 35 -0.93 -4.72 -0.21
N CYS A 36 -1.39 -3.66 -0.87
CA CYS A 36 -2.80 -3.50 -1.22
C CYS A 36 -3.20 -4.51 -2.29
N GLN A 37 -4.50 -4.72 -2.45
CA GLN A 37 -5.01 -5.65 -3.45
C GLN A 37 -5.46 -4.91 -4.71
N GLU A 38 -6.10 -3.77 -4.52
CA GLU A 38 -6.58 -2.97 -5.64
C GLU A 38 -5.42 -2.27 -6.35
N CYS A 39 -4.86 -1.27 -5.67
CA CYS A 39 -3.74 -0.51 -6.23
C CYS A 39 -2.47 -1.36 -6.29
N HIS A 40 -2.41 -2.36 -5.42
CA HIS A 40 -1.25 -3.25 -5.36
C HIS A 40 0.01 -2.47 -4.96
N ASN A 41 -0.17 -1.48 -4.11
CA ASN A 41 0.96 -0.67 -3.65
C ASN A 41 1.39 -1.08 -2.24
N LEU A 42 2.66 -0.84 -1.92
CA LEU A 42 3.20 -1.17 -0.61
C LEU A 42 3.03 -0.01 0.37
N TYR A 43 2.47 -0.30 1.53
CA TYR A 43 2.26 0.72 2.56
C TYR A 43 2.73 0.22 3.92
N HIS A 44 3.74 0.90 4.47
CA HIS A 44 4.27 0.53 5.77
C HIS A 44 3.21 0.65 6.86
N GLN A 45 3.01 -0.43 7.60
CA GLN A 45 2.02 -0.44 8.67
C GLN A 45 1.92 0.92 9.34
N ASP A 46 3.04 1.63 9.42
CA ASP A 46 3.08 2.95 10.04
C ASP A 46 2.78 4.04 9.00
N CYS A 47 3.67 4.18 8.03
CA CYS A 47 3.50 5.18 6.98
C CYS A 47 2.04 5.36 6.63
N HIS A 48 1.30 4.25 6.61
CA HIS A 48 -0.12 4.27 6.27
C HIS A 48 -0.91 5.07 7.31
N LYS A 49 -2.04 5.62 6.90
CA LYS A 49 -2.88 6.41 7.79
C LYS A 49 -3.34 5.58 8.98
N PRO A 50 -4.22 4.59 8.72
CA PRO A 50 -4.75 3.70 9.75
C PRO A 50 -3.70 2.76 10.31
N GLN A 51 -3.32 2.95 11.56
CA GLN A 51 -2.32 2.12 12.21
C GLN A 51 -2.61 0.64 11.97
N VAL A 52 -1.86 0.04 11.06
CA VAL A 52 -2.03 -1.38 10.73
C VAL A 52 -1.42 -2.27 11.81
N THR A 53 -1.91 -3.51 11.90
CA THR A 53 -1.42 -4.46 12.88
C THR A 53 -0.57 -5.54 12.22
N ASP A 54 -0.13 -6.51 13.03
CA ASP A 54 0.68 -7.60 12.52
C ASP A 54 -0.19 -8.79 12.12
N LYS A 55 -1.32 -8.94 12.80
CA LYS A 55 -2.25 -10.04 12.53
C LYS A 55 -2.93 -9.84 11.18
N GLU A 56 -3.25 -8.59 10.86
CA GLU A 56 -3.91 -8.27 9.60
C GLU A 56 -3.02 -8.62 8.42
N VAL A 57 -1.85 -8.00 8.36
CA VAL A 57 -0.91 -8.25 7.27
C VAL A 57 -0.58 -9.73 7.16
N ASN A 58 -0.57 -10.42 8.30
CA ASN A 58 -0.27 -11.84 8.33
C ASN A 58 -1.39 -12.65 7.67
N ASP A 59 -2.63 -12.23 7.91
CA ASP A 59 -3.78 -12.92 7.33
C ASP A 59 -3.63 -13.08 5.83
N PRO A 60 -3.37 -14.34 5.40
CA PRO A 60 -3.19 -14.66 3.98
C PRO A 60 -4.49 -14.54 3.19
N ARG A 61 -5.61 -14.78 3.87
CA ARG A 61 -6.92 -14.71 3.22
C ARG A 61 -7.61 -13.39 3.55
N LEU A 62 -6.82 -12.37 3.84
CA LEU A 62 -7.35 -11.04 4.18
C LEU A 62 -7.06 -10.04 3.06
N VAL A 63 -8.07 -9.27 2.69
CA VAL A 63 -7.92 -8.27 1.65
C VAL A 63 -7.63 -6.89 2.24
N TRP A 64 -6.37 -6.48 2.17
CA TRP A 64 -5.96 -5.19 2.71
C TRP A 64 -6.03 -4.11 1.63
N TYR A 65 -6.64 -2.97 1.97
CA TYR A 65 -6.77 -1.88 1.03
C TYR A 65 -6.13 -0.61 1.58
N CYS A 66 -5.60 0.21 0.67
CA CYS A 66 -4.95 1.46 1.06
C CYS A 66 -5.89 2.65 0.90
N ALA A 67 -5.82 3.58 1.84
CA ALA A 67 -6.67 4.77 1.80
C ALA A 67 -6.97 5.18 0.37
N ARG A 68 -5.92 5.31 -0.44
CA ARG A 68 -6.08 5.70 -1.84
C ARG A 68 -7.33 5.06 -2.44
N CYS A 69 -7.47 3.75 -2.27
CA CYS A 69 -8.61 3.02 -2.79
C CYS A 69 -9.75 3.00 -1.79
N THR A 70 -9.45 2.63 -0.55
CA THR A 70 -10.46 2.57 0.50
C THR A 70 -11.40 3.76 0.41
N ARG A 71 -10.85 4.96 0.24
CA ARG A 71 -11.66 6.16 0.14
C ARG A 71 -12.63 6.07 -1.04
N GLN A 72 -12.19 5.45 -2.12
CA GLN A 72 -13.02 5.30 -3.31
C GLN A 72 -14.18 4.35 -3.05
N MET A 73 -13.86 3.11 -2.66
CA MET A 73 -14.87 2.11 -2.37
C MET A 73 -15.90 2.65 -1.39
N LYS A 74 -15.45 3.46 -0.44
CA LYS A 74 -16.33 4.04 0.56
C LYS A 74 -17.58 4.64 -0.09
N ARG A 75 -17.37 5.51 -1.07
CA ARG A 75 -18.48 6.14 -1.78
C ARG A 75 -19.63 5.16 -1.98
N MET A 76 -19.29 3.96 -2.45
CA MET A 76 -20.29 2.93 -2.70
C MET A 76 -21.40 3.46 -3.61
N ALA A 77 -21.02 4.12 -4.68
CA ALA A 77 -21.97 4.67 -5.63
C ALA A 77 -22.07 3.79 -6.87
N GLN A 78 -22.27 2.49 -6.66
CA GLN A 78 -22.39 1.55 -7.77
C GLN A 78 -21.46 1.93 -8.91
N LYS A 79 -20.23 2.29 -8.57
CA LYS A 79 -19.24 2.69 -9.58
C LYS A 79 -18.35 1.51 -9.95
N ASN A 80 -18.71 0.83 -11.03
CA ASN A 80 -17.95 -0.33 -11.50
C ASN A 80 -17.58 -0.18 -12.97
N GLN A 81 -16.29 -0.27 -13.27
CA GLN A 81 -15.81 -0.14 -14.64
C GLN A 81 -15.38 -1.49 -15.19
N LYS A 82 -15.29 -1.59 -16.51
CA LYS A 82 -14.87 -2.82 -17.17
C LYS A 82 -13.41 -3.12 -16.90
N SER A 83 -13.08 -4.41 -16.73
CA SER A 83 -11.72 -4.83 -16.45
C SER A 83 -11.14 -5.59 -17.64
N GLY A 84 -9.87 -5.32 -17.95
CA GLY A 84 -9.23 -5.99 -19.06
C GLY A 84 -8.04 -6.82 -18.62
N PRO A 85 -6.82 -6.24 -18.75
CA PRO A 85 -5.59 -6.91 -18.37
C PRO A 85 -5.45 -7.08 -16.86
N SER A 86 -6.43 -6.57 -16.12
CA SER A 86 -6.43 -6.65 -14.67
C SER A 86 -6.56 -8.11 -14.20
N SER A 87 -6.16 -8.37 -12.97
CA SER A 87 -6.23 -9.71 -12.41
C SER A 87 -7.68 -10.14 -12.21
N GLY A 88 -7.90 -11.45 -12.17
CA GLY A 88 -9.25 -11.97 -11.99
C GLY A 88 -9.45 -13.30 -12.69
N GLY A 1 2.58 22.05 -10.90
CA GLY A 1 2.35 20.96 -11.84
C GLY A 1 3.04 19.68 -11.41
N SER A 2 2.60 18.57 -11.98
CA SER A 2 3.17 17.27 -11.65
C SER A 2 4.67 17.25 -11.92
N SER A 3 5.44 16.74 -10.96
CA SER A 3 6.89 16.67 -11.09
C SER A 3 7.42 15.31 -10.64
N GLY A 4 8.02 14.59 -11.57
CA GLY A 4 8.56 13.27 -11.25
C GLY A 4 9.93 13.35 -10.62
N SER A 5 10.76 12.34 -10.88
CA SER A 5 12.11 12.30 -10.32
C SER A 5 13.12 11.87 -11.38
N SER A 6 14.39 11.92 -11.03
CA SER A 6 15.46 11.54 -11.95
C SER A 6 16.41 10.55 -11.30
N GLY A 7 15.86 9.59 -10.57
CA GLY A 7 16.67 8.59 -9.91
C GLY A 7 16.56 7.22 -10.55
N ALA A 8 16.99 7.12 -11.81
CA ALA A 8 16.94 5.86 -12.53
C ALA A 8 17.49 4.72 -11.70
N ASP A 9 18.65 4.95 -11.07
CA ASP A 9 19.28 3.94 -10.24
C ASP A 9 18.24 3.18 -9.42
N ASP A 10 18.42 1.86 -9.33
CA ASP A 10 17.50 1.02 -8.58
C ASP A 10 18.23 0.26 -7.48
N PHE A 11 18.15 0.78 -6.26
CA PHE A 11 18.81 0.15 -5.12
C PHE A 11 17.99 -1.04 -4.61
N ALA A 12 16.88 -0.74 -3.96
CA ALA A 12 16.00 -1.79 -3.43
C ALA A 12 14.74 -1.94 -4.27
N MET A 13 14.63 -1.11 -5.30
CA MET A 13 13.47 -1.15 -6.19
C MET A 13 13.40 -2.48 -6.94
N GLU A 14 14.56 -3.05 -7.22
CA GLU A 14 14.63 -4.33 -7.93
C GLU A 14 13.58 -5.31 -7.42
N MET A 15 13.73 -5.72 -6.17
CA MET A 15 12.79 -6.64 -5.55
C MET A 15 11.45 -5.96 -5.28
N GLY A 16 11.48 -4.65 -5.11
CA GLY A 16 10.27 -3.91 -4.84
C GLY A 16 9.68 -4.23 -3.48
N LEU A 17 10.47 -4.02 -2.43
CA LEU A 17 10.01 -4.29 -1.07
C LEU A 17 9.94 -3.01 -0.25
N ALA A 18 9.77 -1.89 -0.93
CA ALA A 18 9.68 -0.60 -0.27
C ALA A 18 8.29 0.02 -0.43
N CYS A 19 7.78 0.61 0.64
CA CYS A 19 6.46 1.23 0.61
C CYS A 19 6.44 2.40 -0.37
N VAL A 20 5.30 3.10 -0.43
CA VAL A 20 5.13 4.23 -1.32
C VAL A 20 5.17 5.55 -0.55
N VAL A 21 4.90 5.47 0.74
CA VAL A 21 4.90 6.66 1.60
C VAL A 21 6.30 7.25 1.71
N CYS A 22 7.15 6.59 2.50
CA CYS A 22 8.52 7.05 2.70
C CYS A 22 9.46 6.43 1.67
N ARG A 23 8.98 5.39 0.99
CA ARG A 23 9.77 4.70 -0.02
C ARG A 23 11.00 4.04 0.61
N GLN A 24 10.77 3.23 1.62
CA GLN A 24 11.86 2.53 2.32
C GLN A 24 11.50 1.07 2.55
N MET A 25 12.48 0.30 3.01
CA MET A 25 12.28 -1.12 3.28
C MET A 25 12.41 -1.40 4.77
N THR A 26 12.87 -0.41 5.53
CA THR A 26 13.04 -0.57 6.97
C THR A 26 11.77 -1.07 7.62
N VAL A 27 11.85 -2.24 8.24
CA VAL A 27 10.70 -2.85 8.91
C VAL A 27 11.08 -3.40 10.27
N ALA A 28 10.11 -4.00 10.95
CA ALA A 28 10.35 -4.57 12.27
C ALA A 28 9.22 -5.51 12.68
N SER A 29 9.50 -6.42 13.60
CA SER A 29 8.52 -7.38 14.07
C SER A 29 7.12 -6.76 14.12
N GLY A 30 7.08 -5.46 14.43
CA GLY A 30 5.81 -4.77 14.50
C GLY A 30 5.56 -3.87 13.30
N ASN A 31 6.58 -3.11 12.92
CA ASN A 31 6.47 -2.20 11.78
C ASN A 31 6.85 -2.92 10.49
N GLN A 32 5.92 -3.69 9.94
CA GLN A 32 6.15 -4.42 8.70
C GLN A 32 5.57 -3.68 7.50
N LEU A 33 5.65 -4.31 6.33
CA LEU A 33 5.11 -3.71 5.12
C LEU A 33 3.82 -4.40 4.69
N VAL A 34 3.05 -3.73 3.85
CA VAL A 34 1.78 -4.27 3.36
C VAL A 34 1.58 -3.96 1.89
N GLU A 35 0.79 -4.79 1.21
CA GLU A 35 0.51 -4.59 -0.22
C GLU A 35 -0.99 -4.55 -0.47
N CYS A 36 -1.43 -3.53 -1.21
CA CYS A 36 -2.84 -3.37 -1.53
C CYS A 36 -3.27 -4.36 -2.62
N GLN A 37 -4.58 -4.55 -2.76
CA GLN A 37 -5.11 -5.46 -3.75
C GLN A 37 -5.66 -4.70 -4.96
N GLU A 38 -6.21 -3.52 -4.70
CA GLU A 38 -6.76 -2.69 -5.77
C GLU A 38 -5.65 -1.98 -6.54
N CYS A 39 -4.91 -1.13 -5.85
CA CYS A 39 -3.82 -0.39 -6.47
C CYS A 39 -2.56 -1.24 -6.55
N HIS A 40 -2.37 -2.10 -5.55
CA HIS A 40 -1.20 -2.98 -5.51
C HIS A 40 0.05 -2.21 -5.12
N ASN A 41 -0.13 -1.24 -4.21
CA ASN A 41 0.99 -0.43 -3.74
C ASN A 41 1.45 -0.87 -2.36
N LEU A 42 2.73 -0.65 -2.07
CA LEU A 42 3.30 -1.02 -0.78
C LEU A 42 3.10 0.08 0.25
N TYR A 43 2.54 -0.28 1.40
CA TYR A 43 2.30 0.68 2.47
C TYR A 43 2.73 0.12 3.82
N HIS A 44 3.71 0.79 4.43
CA HIS A 44 4.22 0.36 5.74
C HIS A 44 3.12 0.38 6.79
N GLN A 45 2.96 -0.73 7.49
CA GLN A 45 1.94 -0.84 8.52
C GLN A 45 1.81 0.47 9.31
N ASP A 46 2.90 1.23 9.34
CA ASP A 46 2.92 2.51 10.06
C ASP A 46 2.64 3.67 9.11
N CYS A 47 3.54 3.87 8.15
CA CYS A 47 3.39 4.94 7.17
C CYS A 47 1.93 5.15 6.81
N HIS A 48 1.19 4.05 6.67
CA HIS A 48 -0.22 4.12 6.32
C HIS A 48 -1.02 4.84 7.40
N LYS A 49 -2.16 5.38 7.02
CA LYS A 49 -3.02 6.10 7.95
C LYS A 49 -3.48 5.19 9.10
N PRO A 50 -4.33 4.21 8.77
CA PRO A 50 -4.84 3.25 9.75
C PRO A 50 -3.77 2.29 10.26
N GLN A 51 -3.36 2.47 11.51
CA GLN A 51 -2.34 1.61 12.10
C GLN A 51 -2.63 0.14 11.81
N VAL A 52 -1.90 -0.42 10.86
CA VAL A 52 -2.08 -1.83 10.50
C VAL A 52 -1.46 -2.75 11.55
N THR A 53 -2.26 -3.65 12.08
CA THR A 53 -1.81 -4.59 13.09
C THR A 53 -1.18 -5.83 12.45
N ASP A 54 -0.37 -6.55 13.22
CA ASP A 54 0.27 -7.76 12.72
C ASP A 54 -0.76 -8.79 12.29
N LYS A 55 -1.61 -9.19 13.23
CA LYS A 55 -2.66 -10.18 12.95
C LYS A 55 -3.14 -10.05 11.51
N GLU A 56 -3.24 -8.83 11.02
CA GLU A 56 -3.70 -8.58 9.65
C GLU A 56 -2.58 -8.86 8.65
N VAL A 57 -1.46 -8.17 8.81
CA VAL A 57 -0.32 -8.34 7.92
C VAL A 57 -0.02 -9.82 7.70
N ASN A 58 -0.26 -10.63 8.73
CA ASN A 58 -0.01 -12.06 8.64
C ASN A 58 -0.99 -12.72 7.67
N ASP A 59 -2.29 -12.52 7.91
CA ASP A 59 -3.32 -13.10 7.06
C ASP A 59 -2.93 -13.00 5.59
N PRO A 60 -2.46 -14.12 5.02
CA PRO A 60 -2.05 -14.18 3.62
C PRO A 60 -3.23 -14.07 2.66
N ARG A 61 -4.38 -14.59 3.08
CA ARG A 61 -5.58 -14.55 2.26
C ARG A 61 -6.45 -13.35 2.63
N LEU A 62 -5.81 -12.28 3.09
CA LEU A 62 -6.53 -11.07 3.48
C LEU A 62 -6.35 -9.97 2.44
N VAL A 63 -7.47 -9.45 1.95
CA VAL A 63 -7.43 -8.38 0.95
C VAL A 63 -7.25 -7.03 1.60
N TRP A 64 -6.02 -6.51 1.56
CA TRP A 64 -5.71 -5.21 2.14
C TRP A 64 -5.95 -4.09 1.15
N TYR A 65 -6.36 -2.94 1.65
CA TYR A 65 -6.64 -1.79 0.80
C TYR A 65 -6.04 -0.51 1.39
N CYS A 66 -5.55 0.37 0.52
CA CYS A 66 -4.96 1.63 0.96
C CYS A 66 -5.96 2.78 0.83
N ALA A 67 -5.91 3.70 1.79
CA ALA A 67 -6.80 4.84 1.78
C ALA A 67 -7.09 5.31 0.35
N ARG A 68 -6.04 5.45 -0.44
CA ARG A 68 -6.17 5.89 -1.82
C ARG A 68 -7.39 5.25 -2.48
N CYS A 69 -7.51 3.93 -2.35
CA CYS A 69 -8.63 3.21 -2.93
C CYS A 69 -9.82 3.18 -1.96
N THR A 70 -9.54 2.86 -0.70
CA THR A 70 -10.58 2.80 0.31
C THR A 70 -11.56 3.95 0.16
N ARG A 71 -11.03 5.15 -0.03
CA ARG A 71 -11.86 6.35 -0.19
C ARG A 71 -12.80 6.20 -1.37
N GLN A 72 -12.33 5.54 -2.42
CA GLN A 72 -13.13 5.33 -3.62
C GLN A 72 -14.28 4.36 -3.35
N MET A 73 -13.92 3.12 -3.00
CA MET A 73 -14.91 2.09 -2.71
C MET A 73 -16.02 2.64 -1.81
N LYS A 74 -15.64 3.49 -0.87
CA LYS A 74 -16.59 4.09 0.05
C LYS A 74 -17.53 5.04 -0.68
N ARG A 75 -18.82 4.97 -0.34
CA ARG A 75 -19.83 5.82 -0.96
C ARG A 75 -19.91 7.16 -0.25
N MET A 76 -19.84 7.12 1.08
CA MET A 76 -19.91 8.34 1.88
C MET A 76 -18.54 8.97 2.05
N ALA A 77 -17.67 8.77 1.06
CA ALA A 77 -16.31 9.32 1.10
C ALA A 77 -16.00 10.08 -0.19
N GLN A 78 -16.96 10.84 -0.68
CA GLN A 78 -16.78 11.61 -1.90
C GLN A 78 -17.18 13.06 -1.70
N LYS A 79 -16.54 13.97 -2.42
CA LYS A 79 -16.83 15.40 -2.32
C LYS A 79 -17.12 15.99 -3.69
N ASN A 80 -18.37 16.36 -3.93
CA ASN A 80 -18.77 16.95 -5.20
C ASN A 80 -18.15 16.17 -6.37
N GLN A 81 -18.16 14.85 -6.26
CA GLN A 81 -17.60 14.00 -7.31
C GLN A 81 -18.67 13.65 -8.35
N LYS A 82 -18.25 13.53 -9.60
CA LYS A 82 -19.16 13.20 -10.69
C LYS A 82 -19.15 11.70 -10.98
N SER A 83 -19.12 10.90 -9.91
CA SER A 83 -19.09 9.44 -10.05
C SER A 83 -20.05 8.80 -9.05
N GLY A 84 -20.30 7.50 -9.24
CA GLY A 84 -21.19 6.78 -8.36
C GLY A 84 -20.97 5.28 -8.40
N PRO A 85 -20.06 4.79 -7.55
CA PRO A 85 -19.73 3.36 -7.48
C PRO A 85 -20.88 2.53 -6.89
N SER A 86 -20.76 1.22 -7.00
CA SER A 86 -21.79 0.32 -6.48
C SER A 86 -21.41 -0.19 -5.09
N SER A 87 -22.42 -0.59 -4.33
CA SER A 87 -22.20 -1.10 -2.97
C SER A 87 -23.22 -2.17 -2.62
N GLY A 88 -23.03 -2.82 -1.48
CA GLY A 88 -23.95 -3.86 -1.04
C GLY A 88 -24.44 -3.63 0.37
#